data_3LUU
# 
_entry.id   3LUU 
# 
_audit_conform.dict_name       mmcif_pdbx.dic 
_audit_conform.dict_version    5.399 
_audit_conform.dict_location   http://mmcif.pdb.org/dictionaries/ascii/mmcif_pdbx.dic 
# 
loop_
_database_2.database_id 
_database_2.database_code 
_database_2.pdbx_database_accession 
_database_2.pdbx_DOI 
PDB   3LUU         pdb_00003luu 10.2210/pdb3luu/pdb 
RCSB  RCSB057758   ?            ?                   
WWPDB D_1000057758 ?            ?                   
# 
loop_
_pdbx_audit_revision_history.ordinal 
_pdbx_audit_revision_history.data_content_type 
_pdbx_audit_revision_history.major_revision 
_pdbx_audit_revision_history.minor_revision 
_pdbx_audit_revision_history.revision_date 
1 'Structure model' 1 0 2010-03-09 
2 'Structure model' 1 1 2011-07-13 
3 'Structure model' 1 2 2017-11-08 
4 'Structure model' 1 3 2019-07-17 
5 'Structure model' 1 4 2023-02-01 
6 'Structure model' 1 5 2024-11-20 
# 
_pdbx_audit_revision_details.ordinal             1 
_pdbx_audit_revision_details.revision_ordinal    1 
_pdbx_audit_revision_details.data_content_type   'Structure model' 
_pdbx_audit_revision_details.provider            repository 
_pdbx_audit_revision_details.type                'Initial release' 
_pdbx_audit_revision_details.description         ? 
_pdbx_audit_revision_details.details             ? 
# 
loop_
_pdbx_audit_revision_group.ordinal 
_pdbx_audit_revision_group.revision_ordinal 
_pdbx_audit_revision_group.data_content_type 
_pdbx_audit_revision_group.group 
1  2 'Structure model' Advisory                    
2  2 'Structure model' 'Refinement description'    
3  2 'Structure model' 'Version format compliance' 
4  3 'Structure model' 'Refinement description'    
5  4 'Structure model' 'Data collection'           
6  4 'Structure model' 'Derived calculations'      
7  4 'Structure model' 'Refinement description'    
8  5 'Structure model' 'Database references'       
9  5 'Structure model' 'Derived calculations'      
10 6 'Structure model' 'Data collection'           
11 6 'Structure model' 'Structure summary'         
# 
loop_
_pdbx_audit_revision_category.ordinal 
_pdbx_audit_revision_category.revision_ordinal 
_pdbx_audit_revision_category.data_content_type 
_pdbx_audit_revision_category.category 
1  3 'Structure model' software                  
2  4 'Structure model' software                  
3  4 'Structure model' struct_conn               
4  5 'Structure model' database_2                
5  5 'Structure model' pdbx_struct_conn_angle    
6  5 'Structure model' struct_conn               
7  5 'Structure model' struct_ref_seq_dif        
8  5 'Structure model' struct_site               
9  6 'Structure model' chem_comp_atom            
10 6 'Structure model' chem_comp_bond            
11 6 'Structure model' pdbx_entry_details        
12 6 'Structure model' pdbx_modification_feature 
# 
loop_
_pdbx_audit_revision_item.ordinal 
_pdbx_audit_revision_item.revision_ordinal 
_pdbx_audit_revision_item.data_content_type 
_pdbx_audit_revision_item.item 
1  3 'Structure model' '_software.classification'                     
2  3 'Structure model' '_software.name'                               
3  4 'Structure model' '_software.classification'                     
4  4 'Structure model' '_software.contact_author'                     
5  4 'Structure model' '_software.contact_author_email'               
6  4 'Structure model' '_software.language'                           
7  4 'Structure model' '_software.location'                           
8  4 'Structure model' '_software.name'                               
9  4 'Structure model' '_software.type'                               
10 4 'Structure model' '_software.version'                            
11 4 'Structure model' '_struct_conn.pdbx_leaving_atom_flag'          
12 5 'Structure model' '_database_2.pdbx_DOI'                         
13 5 'Structure model' '_database_2.pdbx_database_accession'          
14 5 'Structure model' '_pdbx_struct_conn_angle.ptnr1_auth_comp_id'   
15 5 'Structure model' '_pdbx_struct_conn_angle.ptnr1_auth_seq_id'    
16 5 'Structure model' '_pdbx_struct_conn_angle.ptnr1_label_atom_id'  
17 5 'Structure model' '_pdbx_struct_conn_angle.ptnr1_label_comp_id'  
18 5 'Structure model' '_pdbx_struct_conn_angle.ptnr1_label_seq_id'   
19 5 'Structure model' '_pdbx_struct_conn_angle.ptnr3_auth_comp_id'   
20 5 'Structure model' '_pdbx_struct_conn_angle.ptnr3_auth_seq_id'    
21 5 'Structure model' '_pdbx_struct_conn_angle.ptnr3_label_atom_id'  
22 5 'Structure model' '_pdbx_struct_conn_angle.ptnr3_label_comp_id'  
23 5 'Structure model' '_pdbx_struct_conn_angle.ptnr3_label_seq_id'   
24 5 'Structure model' '_pdbx_struct_conn_angle.value'                
25 5 'Structure model' '_struct_conn.pdbx_dist_value'                 
26 5 'Structure model' '_struct_conn.ptnr1_auth_comp_id'              
27 5 'Structure model' '_struct_conn.ptnr1_auth_seq_id'               
28 5 'Structure model' '_struct_conn.ptnr1_label_atom_id'             
29 5 'Structure model' '_struct_conn.ptnr1_label_comp_id'             
30 5 'Structure model' '_struct_conn.ptnr1_label_seq_id'              
31 5 'Structure model' '_struct_ref_seq_dif.details'                  
32 5 'Structure model' '_struct_site.pdbx_auth_asym_id'               
33 5 'Structure model' '_struct_site.pdbx_auth_comp_id'               
34 5 'Structure model' '_struct_site.pdbx_auth_seq_id'                
35 6 'Structure model' '_pdbx_entry_details.has_protein_modification' 
# 
_pdbx_database_status.SG_entry                        Y 
_pdbx_database_status.entry_id                        3LUU 
_pdbx_database_status.deposit_site                    RCSB 
_pdbx_database_status.process_site                    RCSB 
_pdbx_database_status.recvd_initial_deposition_date   2010-02-18 
_pdbx_database_status.status_code                     REL 
_pdbx_database_status.status_code_sf                  REL 
_pdbx_database_status.status_code_mr                  ? 
_pdbx_database_status.pdb_format_compatible           Y 
_pdbx_database_status.status_code_cs                  ? 
_pdbx_database_status.methods_development_category    ? 
_pdbx_database_status.status_code_nmr_data            ? 
# 
_pdbx_database_related.db_name        TargetDB 
_pdbx_database_related.db_id          381806 
_pdbx_database_related.details        . 
_pdbx_database_related.content_type   unspecified 
# 
_audit_author.name           'Joint Center for Structural Genomics (JCSG)' 
_audit_author.pdbx_ordinal   1 
# 
_citation.id                        primary 
_citation.title                     
;Crystal structure of Protein with unknown function which belongs to Pfam DUF971 family (AFE_2189) from Acidithiobacillus ferrooxidans ATCC 23270 at 1.93 A resolution
;
_citation.journal_abbrev            'To be published' 
_citation.journal_volume            ? 
_citation.page_first                ? 
_citation.page_last                 ? 
_citation.year                      ? 
_citation.journal_id_ASTM           ? 
_citation.country                   ? 
_citation.journal_id_ISSN           ? 
_citation.journal_id_CSD            0353 
_citation.book_publisher            ? 
_citation.pdbx_database_id_PubMed   ? 
_citation.pdbx_database_id_DOI      ? 
# 
_citation_author.citation_id        primary 
_citation_author.name               'Joint Center for Structural Genomics (JCSG)' 
_citation_author.ordinal            1 
_citation_author.identifier_ORCID   ? 
# 
loop_
_entity.id 
_entity.type 
_entity.src_method 
_entity.pdbx_description 
_entity.formula_weight 
_entity.pdbx_number_of_molecules 
_entity.pdbx_ec 
_entity.pdbx_mutation 
_entity.pdbx_fragment 
_entity.details 
1 polymer     man 'Uncharacterized protein' 11622.651 1  ? ? ? ? 
2 non-polymer syn 'ZINC ION'                65.409    1  ? ? ? ? 
3 non-polymer syn 'CHLORIDE ION'            35.453    1  ? ? ? ? 
4 water       nat water                     18.015    45 ? ? ? ? 
# 
_entity_poly.entity_id                      1 
_entity_poly.type                           'polypeptide(L)' 
_entity_poly.nstd_linkage                   no 
_entity_poly.nstd_monomer                   yes 
_entity_poly.pdbx_seq_one_letter_code       
;G(MSE)SDPRTQPLEIRPL(MSE)ISRV(MSE)EVDWADGHTSRLTFEHLRVECPCAECKGHTPDQAQIVTGKEHVSVVE
VVPVGHYAVQLHFSDGHNTGIFTWEYLRRLDAE
;
_entity_poly.pdbx_seq_one_letter_code_can   
;GMSDPRTQPLEIRPLMISRVMEVDWADGHTSRLTFEHLRVECPCAECKGHTPDQAQIVTGKEHVSVVEVVPVGHYAVQLH
FSDGHNTGIFTWEYLRRLDAE
;
_entity_poly.pdbx_strand_id                 A 
_entity_poly.pdbx_target_identifier         381806 
# 
loop_
_pdbx_entity_nonpoly.entity_id 
_pdbx_entity_nonpoly.name 
_pdbx_entity_nonpoly.comp_id 
2 'ZINC ION'     ZN  
3 'CHLORIDE ION' CL  
4 water          HOH 
# 
loop_
_entity_poly_seq.entity_id 
_entity_poly_seq.num 
_entity_poly_seq.mon_id 
_entity_poly_seq.hetero 
1 1   GLY n 
1 2   MSE n 
1 3   SER n 
1 4   ASP n 
1 5   PRO n 
1 6   ARG n 
1 7   THR n 
1 8   GLN n 
1 9   PRO n 
1 10  LEU n 
1 11  GLU n 
1 12  ILE n 
1 13  ARG n 
1 14  PRO n 
1 15  LEU n 
1 16  MSE n 
1 17  ILE n 
1 18  SER n 
1 19  ARG n 
1 20  VAL n 
1 21  MSE n 
1 22  GLU n 
1 23  VAL n 
1 24  ASP n 
1 25  TRP n 
1 26  ALA n 
1 27  ASP n 
1 28  GLY n 
1 29  HIS n 
1 30  THR n 
1 31  SER n 
1 32  ARG n 
1 33  LEU n 
1 34  THR n 
1 35  PHE n 
1 36  GLU n 
1 37  HIS n 
1 38  LEU n 
1 39  ARG n 
1 40  VAL n 
1 41  GLU n 
1 42  CYS n 
1 43  PRO n 
1 44  CYS n 
1 45  ALA n 
1 46  GLU n 
1 47  CYS n 
1 48  LYS n 
1 49  GLY n 
1 50  HIS n 
1 51  THR n 
1 52  PRO n 
1 53  ASP n 
1 54  GLN n 
1 55  ALA n 
1 56  GLN n 
1 57  ILE n 
1 58  VAL n 
1 59  THR n 
1 60  GLY n 
1 61  LYS n 
1 62  GLU n 
1 63  HIS n 
1 64  VAL n 
1 65  SER n 
1 66  VAL n 
1 67  VAL n 
1 68  GLU n 
1 69  VAL n 
1 70  VAL n 
1 71  PRO n 
1 72  VAL n 
1 73  GLY n 
1 74  HIS n 
1 75  TYR n 
1 76  ALA n 
1 77  VAL n 
1 78  GLN n 
1 79  LEU n 
1 80  HIS n 
1 81  PHE n 
1 82  SER n 
1 83  ASP n 
1 84  GLY n 
1 85  HIS n 
1 86  ASN n 
1 87  THR n 
1 88  GLY n 
1 89  ILE n 
1 90  PHE n 
1 91  THR n 
1 92  TRP n 
1 93  GLU n 
1 94  TYR n 
1 95  LEU n 
1 96  ARG n 
1 97  ARG n 
1 98  LEU n 
1 99  ASP n 
1 100 ALA n 
1 101 GLU n 
# 
_entity_src_gen.entity_id                          1 
_entity_src_gen.pdbx_src_id                        1 
_entity_src_gen.pdbx_alt_source_flag               sample 
_entity_src_gen.pdbx_seq_type                      ? 
_entity_src_gen.pdbx_beg_seq_num                   ? 
_entity_src_gen.pdbx_end_seq_num                   ? 
_entity_src_gen.gene_src_common_name               ? 
_entity_src_gen.gene_src_genus                     ? 
_entity_src_gen.pdbx_gene_src_gene                 'AFE_0852, AFE_2189' 
_entity_src_gen.gene_src_species                   ? 
_entity_src_gen.gene_src_strain                    'ATCC 23270 / DSM 14882 / NCIB 8455' 
_entity_src_gen.gene_src_tissue                    ? 
_entity_src_gen.gene_src_tissue_fraction           ? 
_entity_src_gen.gene_src_details                   ? 
_entity_src_gen.pdbx_gene_src_fragment             ? 
_entity_src_gen.pdbx_gene_src_scientific_name      'Acidithiobacillus ferrooxidans' 
_entity_src_gen.pdbx_gene_src_ncbi_taxonomy_id     243159 
_entity_src_gen.pdbx_gene_src_variant              ? 
_entity_src_gen.pdbx_gene_src_cell_line            ? 
_entity_src_gen.pdbx_gene_src_atcc                 ? 
_entity_src_gen.pdbx_gene_src_organ                ? 
_entity_src_gen.pdbx_gene_src_organelle            ? 
_entity_src_gen.pdbx_gene_src_cell                 ? 
_entity_src_gen.pdbx_gene_src_cellular_location    ? 
_entity_src_gen.host_org_common_name               ? 
_entity_src_gen.pdbx_host_org_scientific_name      'Escherichia coli' 
_entity_src_gen.pdbx_host_org_ncbi_taxonomy_id     562 
_entity_src_gen.host_org_genus                     ? 
_entity_src_gen.pdbx_host_org_gene                 ? 
_entity_src_gen.pdbx_host_org_organ                ? 
_entity_src_gen.host_org_species                   ? 
_entity_src_gen.pdbx_host_org_tissue               ? 
_entity_src_gen.pdbx_host_org_tissue_fraction      ? 
_entity_src_gen.pdbx_host_org_strain               HK100 
_entity_src_gen.pdbx_host_org_variant              ? 
_entity_src_gen.pdbx_host_org_cell_line            ? 
_entity_src_gen.pdbx_host_org_atcc                 ? 
_entity_src_gen.pdbx_host_org_culture_collection   ? 
_entity_src_gen.pdbx_host_org_cell                 ? 
_entity_src_gen.pdbx_host_org_organelle            ? 
_entity_src_gen.pdbx_host_org_cellular_location    ? 
_entity_src_gen.pdbx_host_org_vector_type          Plasmid 
_entity_src_gen.pdbx_host_org_vector               ? 
_entity_src_gen.host_org_details                   ? 
_entity_src_gen.expression_system_id               ? 
_entity_src_gen.plasmid_name                       SpeedET 
_entity_src_gen.plasmid_details                    ? 
_entity_src_gen.pdbx_description                   ? 
# 
loop_
_chem_comp.id 
_chem_comp.type 
_chem_comp.mon_nstd_flag 
_chem_comp.name 
_chem_comp.pdbx_synonyms 
_chem_comp.formula 
_chem_comp.formula_weight 
ALA 'L-peptide linking' y ALANINE          ? 'C3 H7 N O2'     89.093  
ARG 'L-peptide linking' y ARGININE         ? 'C6 H15 N4 O2 1' 175.209 
ASN 'L-peptide linking' y ASPARAGINE       ? 'C4 H8 N2 O3'    132.118 
ASP 'L-peptide linking' y 'ASPARTIC ACID'  ? 'C4 H7 N O4'     133.103 
CL  non-polymer         . 'CHLORIDE ION'   ? 'Cl -1'          35.453  
CYS 'L-peptide linking' y CYSTEINE         ? 'C3 H7 N O2 S'   121.158 
GLN 'L-peptide linking' y GLUTAMINE        ? 'C5 H10 N2 O3'   146.144 
GLU 'L-peptide linking' y 'GLUTAMIC ACID'  ? 'C5 H9 N O4'     147.129 
GLY 'peptide linking'   y GLYCINE          ? 'C2 H5 N O2'     75.067  
HIS 'L-peptide linking' y HISTIDINE        ? 'C6 H10 N3 O2 1' 156.162 
HOH non-polymer         . WATER            ? 'H2 O'           18.015  
ILE 'L-peptide linking' y ISOLEUCINE       ? 'C6 H13 N O2'    131.173 
LEU 'L-peptide linking' y LEUCINE          ? 'C6 H13 N O2'    131.173 
LYS 'L-peptide linking' y LYSINE           ? 'C6 H15 N2 O2 1' 147.195 
MSE 'L-peptide linking' n SELENOMETHIONINE ? 'C5 H11 N O2 Se' 196.106 
PHE 'L-peptide linking' y PHENYLALANINE    ? 'C9 H11 N O2'    165.189 
PRO 'L-peptide linking' y PROLINE          ? 'C5 H9 N O2'     115.130 
SER 'L-peptide linking' y SERINE           ? 'C3 H7 N O3'     105.093 
THR 'L-peptide linking' y THREONINE        ? 'C4 H9 N O3'     119.119 
TRP 'L-peptide linking' y TRYPTOPHAN       ? 'C11 H12 N2 O2'  204.225 
TYR 'L-peptide linking' y TYROSINE         ? 'C9 H11 N O3'    181.189 
VAL 'L-peptide linking' y VALINE           ? 'C5 H11 N O2'    117.146 
ZN  non-polymer         . 'ZINC ION'       ? 'Zn 2'           65.409  
# 
loop_
_pdbx_poly_seq_scheme.asym_id 
_pdbx_poly_seq_scheme.entity_id 
_pdbx_poly_seq_scheme.seq_id 
_pdbx_poly_seq_scheme.mon_id 
_pdbx_poly_seq_scheme.ndb_seq_num 
_pdbx_poly_seq_scheme.pdb_seq_num 
_pdbx_poly_seq_scheme.auth_seq_num 
_pdbx_poly_seq_scheme.pdb_mon_id 
_pdbx_poly_seq_scheme.auth_mon_id 
_pdbx_poly_seq_scheme.pdb_strand_id 
_pdbx_poly_seq_scheme.pdb_ins_code 
_pdbx_poly_seq_scheme.hetero 
A 1 1   GLY 1   0   ?   ?   ?   A . n 
A 1 2   MSE 2   1   ?   ?   ?   A . n 
A 1 3   SER 3   2   2   SER SER A . n 
A 1 4   ASP 4   3   3   ASP ASP A . n 
A 1 5   PRO 5   4   4   PRO PRO A . n 
A 1 6   ARG 6   5   5   ARG ARG A . n 
A 1 7   THR 7   6   6   THR THR A . n 
A 1 8   GLN 8   7   7   GLN GLN A . n 
A 1 9   PRO 9   8   8   PRO PRO A . n 
A 1 10  LEU 10  9   9   LEU LEU A . n 
A 1 11  GLU 11  10  10  GLU GLU A . n 
A 1 12  ILE 12  11  11  ILE ILE A . n 
A 1 13  ARG 13  12  12  ARG ARG A . n 
A 1 14  PRO 14  13  13  PRO PRO A . n 
A 1 15  LEU 15  14  14  LEU LEU A . n 
A 1 16  MSE 16  15  15  MSE MSE A . n 
A 1 17  ILE 17  16  16  ILE ILE A . n 
A 1 18  SER 18  17  17  SER SER A . n 
A 1 19  ARG 19  18  18  ARG ARG A . n 
A 1 20  VAL 20  19  19  VAL VAL A . n 
A 1 21  MSE 21  20  20  MSE MSE A . n 
A 1 22  GLU 22  21  21  GLU GLU A . n 
A 1 23  VAL 23  22  22  VAL VAL A . n 
A 1 24  ASP 24  23  23  ASP ASP A . n 
A 1 25  TRP 25  24  24  TRP TRP A . n 
A 1 26  ALA 26  25  25  ALA ALA A . n 
A 1 27  ASP 27  26  26  ASP ASP A . n 
A 1 28  GLY 28  27  27  GLY GLY A . n 
A 1 29  HIS 29  28  28  HIS HIS A . n 
A 1 30  THR 30  29  29  THR THR A . n 
A 1 31  SER 31  30  30  SER SER A . n 
A 1 32  ARG 32  31  31  ARG ARG A . n 
A 1 33  LEU 33  32  32  LEU LEU A . n 
A 1 34  THR 34  33  33  THR THR A . n 
A 1 35  PHE 35  34  34  PHE PHE A . n 
A 1 36  GLU 36  35  35  GLU GLU A . n 
A 1 37  HIS 37  36  36  HIS HIS A . n 
A 1 38  LEU 38  37  37  LEU LEU A . n 
A 1 39  ARG 39  38  38  ARG ARG A . n 
A 1 40  VAL 40  39  39  VAL VAL A . n 
A 1 41  GLU 41  40  40  GLU GLU A . n 
A 1 42  CYS 42  41  41  CYS CYS A . n 
A 1 43  PRO 43  42  42  PRO PRO A . n 
A 1 44  CYS 44  43  43  CYS CYS A . n 
A 1 45  ALA 45  44  ?   ?   ?   A . n 
A 1 46  GLU 46  45  ?   ?   ?   A . n 
A 1 47  CYS 47  46  ?   ?   ?   A . n 
A 1 48  LYS 48  47  ?   ?   ?   A . n 
A 1 49  GLY 49  48  ?   ?   ?   A . n 
A 1 50  HIS 50  49  ?   ?   ?   A . n 
A 1 51  THR 51  50  ?   ?   ?   A . n 
A 1 52  PRO 52  51  ?   ?   ?   A . n 
A 1 53  ASP 53  52  ?   ?   ?   A . n 
A 1 54  GLN 54  53  ?   ?   ?   A . n 
A 1 55  ALA 55  54  54  ALA ALA A . n 
A 1 56  GLN 56  55  55  GLN GLN A . n 
A 1 57  ILE 57  56  56  ILE ILE A . n 
A 1 58  VAL 58  57  57  VAL VAL A . n 
A 1 59  THR 59  58  58  THR THR A . n 
A 1 60  GLY 60  59  59  GLY GLY A . n 
A 1 61  LYS 61  60  60  LYS LYS A . n 
A 1 62  GLU 62  61  61  GLU GLU A . n 
A 1 63  HIS 63  62  62  HIS HIS A . n 
A 1 64  VAL 64  63  63  VAL VAL A . n 
A 1 65  SER 65  64  64  SER SER A . n 
A 1 66  VAL 66  65  65  VAL VAL A . n 
A 1 67  VAL 67  66  66  VAL VAL A . n 
A 1 68  GLU 68  67  67  GLU GLU A . n 
A 1 69  VAL 69  68  68  VAL VAL A . n 
A 1 70  VAL 70  69  69  VAL VAL A . n 
A 1 71  PRO 71  70  70  PRO PRO A . n 
A 1 72  VAL 72  71  71  VAL VAL A . n 
A 1 73  GLY 73  72  72  GLY GLY A . n 
A 1 74  HIS 74  73  73  HIS HIS A . n 
A 1 75  TYR 75  74  74  TYR TYR A . n 
A 1 76  ALA 76  75  75  ALA ALA A . n 
A 1 77  VAL 77  76  76  VAL VAL A . n 
A 1 78  GLN 78  77  77  GLN GLN A . n 
A 1 79  LEU 79  78  78  LEU LEU A . n 
A 1 80  HIS 80  79  79  HIS HIS A . n 
A 1 81  PHE 81  80  80  PHE PHE A . n 
A 1 82  SER 82  81  81  SER SER A . n 
A 1 83  ASP 83  82  82  ASP ASP A . n 
A 1 84  GLY 84  83  83  GLY GLY A . n 
A 1 85  HIS 85  84  84  HIS HIS A . n 
A 1 86  ASN 86  85  85  ASN ASN A . n 
A 1 87  THR 87  86  86  THR THR A . n 
A 1 88  GLY 88  87  87  GLY GLY A . n 
A 1 89  ILE 89  88  88  ILE ILE A . n 
A 1 90  PHE 90  89  89  PHE PHE A . n 
A 1 91  THR 91  90  90  THR THR A . n 
A 1 92  TRP 92  91  91  TRP TRP A . n 
A 1 93  GLU 93  92  92  GLU GLU A . n 
A 1 94  TYR 94  93  93  TYR TYR A . n 
A 1 95  LEU 95  94  94  LEU LEU A . n 
A 1 96  ARG 96  95  95  ARG ARG A . n 
A 1 97  ARG 97  96  96  ARG ARG A . n 
A 1 98  LEU 98  97  97  LEU LEU A . n 
A 1 99  ASP 99  98  98  ASP ASP A . n 
A 1 100 ALA 100 99  99  ALA ALA A . n 
A 1 101 GLU 101 100 100 GLU GLU A . n 
# 
loop_
_pdbx_nonpoly_scheme.asym_id 
_pdbx_nonpoly_scheme.entity_id 
_pdbx_nonpoly_scheme.mon_id 
_pdbx_nonpoly_scheme.ndb_seq_num 
_pdbx_nonpoly_scheme.pdb_seq_num 
_pdbx_nonpoly_scheme.auth_seq_num 
_pdbx_nonpoly_scheme.pdb_mon_id 
_pdbx_nonpoly_scheme.auth_mon_id 
_pdbx_nonpoly_scheme.pdb_strand_id 
_pdbx_nonpoly_scheme.pdb_ins_code 
B 2 ZN  1  101 1  ZN  ZN  A . 
C 3 CL  1  102 2  CL  CL  A . 
D 4 HOH 1  103 3  HOH HOH A . 
D 4 HOH 2  104 4  HOH HOH A . 
D 4 HOH 3  105 5  HOH HOH A . 
D 4 HOH 4  106 6  HOH HOH A . 
D 4 HOH 5  107 7  HOH HOH A . 
D 4 HOH 6  108 8  HOH HOH A . 
D 4 HOH 7  109 9  HOH HOH A . 
D 4 HOH 8  110 10 HOH HOH A . 
D 4 HOH 9  111 11 HOH HOH A . 
D 4 HOH 10 112 12 HOH HOH A . 
D 4 HOH 11 113 13 HOH HOH A . 
D 4 HOH 12 114 14 HOH HOH A . 
D 4 HOH 13 115 15 HOH HOH A . 
D 4 HOH 14 116 16 HOH HOH A . 
D 4 HOH 15 117 17 HOH HOH A . 
D 4 HOH 16 118 18 HOH HOH A . 
D 4 HOH 17 119 19 HOH HOH A . 
D 4 HOH 18 120 20 HOH HOH A . 
D 4 HOH 19 121 21 HOH HOH A . 
D 4 HOH 20 122 22 HOH HOH A . 
D 4 HOH 21 123 23 HOH HOH A . 
D 4 HOH 22 124 24 HOH HOH A . 
D 4 HOH 23 125 25 HOH HOH A . 
D 4 HOH 24 126 26 HOH HOH A . 
D 4 HOH 25 127 27 HOH HOH A . 
D 4 HOH 26 128 28 HOH HOH A . 
D 4 HOH 27 129 29 HOH HOH A . 
D 4 HOH 28 130 30 HOH HOH A . 
D 4 HOH 29 131 31 HOH HOH A . 
D 4 HOH 30 132 32 HOH HOH A . 
D 4 HOH 31 133 33 HOH HOH A . 
D 4 HOH 32 134 34 HOH HOH A . 
D 4 HOH 33 135 35 HOH HOH A . 
D 4 HOH 34 136 36 HOH HOH A . 
D 4 HOH 35 137 37 HOH HOH A . 
D 4 HOH 36 138 38 HOH HOH A . 
D 4 HOH 37 139 39 HOH HOH A . 
D 4 HOH 38 140 40 HOH HOH A . 
D 4 HOH 39 141 41 HOH HOH A . 
D 4 HOH 40 142 42 HOH HOH A . 
D 4 HOH 41 143 43 HOH HOH A . 
D 4 HOH 42 144 44 HOH HOH A . 
D 4 HOH 43 145 45 HOH HOH A . 
D 4 HOH 44 146 46 HOH HOH A . 
D 4 HOH 45 147 47 HOH HOH A . 
# 
loop_
_pdbx_unobs_or_zero_occ_atoms.id 
_pdbx_unobs_or_zero_occ_atoms.PDB_model_num 
_pdbx_unobs_or_zero_occ_atoms.polymer_flag 
_pdbx_unobs_or_zero_occ_atoms.occupancy_flag 
_pdbx_unobs_or_zero_occ_atoms.auth_asym_id 
_pdbx_unobs_or_zero_occ_atoms.auth_comp_id 
_pdbx_unobs_or_zero_occ_atoms.auth_seq_id 
_pdbx_unobs_or_zero_occ_atoms.PDB_ins_code 
_pdbx_unobs_or_zero_occ_atoms.auth_atom_id 
_pdbx_unobs_or_zero_occ_atoms.label_alt_id 
_pdbx_unobs_or_zero_occ_atoms.label_asym_id 
_pdbx_unobs_or_zero_occ_atoms.label_comp_id 
_pdbx_unobs_or_zero_occ_atoms.label_seq_id 
_pdbx_unobs_or_zero_occ_atoms.label_atom_id 
1  1 Y 1 A SER 2  ? OG  ? A SER 3  OG  
2  1 Y 1 A GLN 7  ? CG  ? A GLN 8  CG  
3  1 Y 1 A GLN 7  ? CD  ? A GLN 8  CD  
4  1 Y 1 A GLN 7  ? OE1 ? A GLN 8  OE1 
5  1 Y 1 A GLN 7  ? NE2 ? A GLN 8  NE2 
6  1 Y 1 A CYS 43 ? SG  ? A CYS 44 SG  
7  1 Y 1 A ASN 85 ? CG  ? A ASN 86 CG  
8  1 Y 1 A ASN 85 ? OD1 ? A ASN 86 OD1 
9  1 Y 1 A ASN 85 ? ND2 ? A ASN 86 ND2 
10 1 Y 1 A GLU 92 ? CD  ? A GLU 93 CD  
11 1 Y 1 A GLU 92 ? OE1 ? A GLU 93 OE1 
12 1 Y 1 A GLU 92 ? OE2 ? A GLU 93 OE2 
# 
loop_
_software.name 
_software.version 
_software.date 
_software.type 
_software.contact_author 
_software.contact_author_email 
_software.classification 
_software.location 
_software.language 
_software.citation_id 
_software.pdbx_ordinal 
REFMAC      5.5.0102 ?               program 'Garib N. Murshudov'         garib@ysbl.york.ac.uk                refinement        
http://www.ccp4.ac.uk/dist/html/refmac5.html                                Fortran_77 ? 1 
PHENIX      .        ?               package 'P.D. Adams'                 PDAdams@lbl.gov                      refinement        
http://www.phenix-online.org/                                               C++        ? 2 
SHELX       .        ?               package 'George M. Sheldrick'        gsheldr@shelx.uni-ac.gwdg.de         phasing           
http://shelx.uni-ac.gwdg.de/SHELX/                                          Fortran_77 ? 3 
MolProbity  3beta29  ?               package 'D.C. & J.S. Richardson lab' molprobity@kinemage.biochem.duke.edu 'model building'  
http://kinemage.biochem.duke.edu/molprobity/                                ?          ? 4 
XSCALE      .        ?               package 'Wolfgang Kabsch'            ?                                    'data scaling'    
http://www.mpimf-heidelberg.mpg.de/~kabsch/xds/html_doc/xscale_program.html ?          ? 5 
PDB_EXTRACT 3.006    'June 11, 2008' package PDB                          help@deposit.rcsb.org                'data extraction' 
http://sw-tools.pdb.org/apps/PDB_EXTRACT/                                   C++        ? 6 
XDS         .        ?               ?       ?                            ?                                    'data reduction'  ? 
?          ? 7 
SHELXD      .        ?               ?       ?                            ?                                    phasing           ? 
?          ? 8 
autoSHARP   .        ?               ?       ?                            ?                                    phasing           ? 
?          ? 9 
# 
_cell.entry_id           3LUU 
_cell.length_a           82.943 
_cell.length_b           82.943 
_cell.length_c           32.806 
_cell.angle_alpha        90.000 
_cell.angle_beta         90.000 
_cell.angle_gamma        90.000 
_cell.pdbx_unique_axis   ? 
_cell.Z_PDB              8 
_cell.length_a_esd       ? 
_cell.length_b_esd       ? 
_cell.length_c_esd       ? 
_cell.angle_alpha_esd    ? 
_cell.angle_beta_esd     ? 
_cell.angle_gamma_esd    ? 
# 
_symmetry.entry_id                         3LUU 
_symmetry.Int_Tables_number                92 
_symmetry.space_group_name_H-M             'P 41 21 2' 
_symmetry.pdbx_full_space_group_name_H-M   ? 
_symmetry.cell_setting                     ? 
_symmetry.space_group_name_Hall            ? 
# 
_exptl.crystals_number   1 
_exptl.method            'X-RAY DIFFRACTION' 
_exptl.entry_id          3LUU 
# 
_exptl_crystal.id                    1 
_exptl_crystal.density_Matthews      2.43 
_exptl_crystal.density_meas          ? 
_exptl_crystal.density_percent_sol   49.33 
_exptl_crystal.description           ? 
_exptl_crystal.F_000                 ? 
_exptl_crystal.preparation           ? 
# 
_exptl_crystal_grow.crystal_id      1 
_exptl_crystal_grow.method          'VAPOR DIFFUSION, SITTING DROP' 
_exptl_crystal_grow.pH              8.3 
_exptl_crystal_grow.temp            293 
_exptl_crystal_grow.pdbx_details    
;0.3000M magnesium chloride, 22.0000% polyethylene glycol 8000, 0.1M TRIS pH 8.3, NANODROP, VAPOR DIFFUSION, SITTING DROP, temperature 293K
;
_exptl_crystal_grow.temp_details    ? 
_exptl_crystal_grow.pdbx_pH_range   ? 
# 
_diffrn.id                     1 
_diffrn.ambient_temp           100 
_diffrn.ambient_temp_details   ? 
_diffrn.crystal_id             1 
# 
_diffrn_detector.diffrn_id              1 
_diffrn_detector.detector               CCD 
_diffrn_detector.type                   'MARMOSAIC 325 mm CCD' 
_diffrn_detector.details                'Flat collimating mirror, toroid focusing mirror' 
_diffrn_detector.pdbx_collection_date   2010-01-25 
# 
_diffrn_radiation.diffrn_id                        1 
_diffrn_radiation.pdbx_monochromatic_or_laue_m_l   M 
_diffrn_radiation.monochromator                    'Double crystal monochromator' 
_diffrn_radiation.pdbx_diffrn_protocol             MAD 
_diffrn_radiation.wavelength_id                    1 
_diffrn_radiation.pdbx_scattering_type             x-ray 
# 
loop_
_diffrn_radiation_wavelength.id 
_diffrn_radiation_wavelength.wavelength 
_diffrn_radiation_wavelength.wt 
1 0.91837 1.0 
2 0.97876 1.0 
# 
_diffrn_source.diffrn_id                   1 
_diffrn_source.source                      SYNCHROTRON 
_diffrn_source.pdbx_synchrotron_beamline   BL9-2 
_diffrn_source.type                        'SSRL BEAMLINE BL9-2' 
_diffrn_source.pdbx_wavelength_list        0.91837,0.97876 
_diffrn_source.pdbx_wavelength             ? 
_diffrn_source.pdbx_synchrotron_site       SSRL 
# 
_reflns.entry_id                     3LUU 
_reflns.d_resolution_high            1.93 
_reflns.d_resolution_low             41.471 
_reflns.number_obs                   8966 
_reflns.pdbx_Rmerge_I_obs            0.146 
_reflns.pdbx_netI_over_sigmaI        11.860 
_reflns.percent_possible_obs         98.700 
_reflns.B_iso_Wilson_estimate        24.109 
_reflns.observed_criterion_sigma_I   -3.00 
_reflns.observed_criterion_sigma_F   ? 
_reflns.number_all                   ? 
_reflns.pdbx_Rsym_value              ? 
_reflns.pdbx_redundancy              7.09 
_reflns.R_free_details               ? 
_reflns.limit_h_max                  ? 
_reflns.limit_h_min                  ? 
_reflns.limit_k_max                  ? 
_reflns.limit_k_min                  ? 
_reflns.limit_l_max                  ? 
_reflns.limit_l_min                  ? 
_reflns.observed_criterion_F_max     ? 
_reflns.observed_criterion_F_min     ? 
_reflns.pdbx_chi_squared             ? 
_reflns.pdbx_scaling_rejects         ? 
_reflns.pdbx_ordinal                 1 
_reflns.pdbx_diffrn_id               1 
# 
loop_
_reflns_shell.d_res_high 
_reflns_shell.d_res_low 
_reflns_shell.number_measured_obs 
_reflns_shell.number_measured_all 
_reflns_shell.number_unique_obs 
_reflns_shell.Rmerge_I_obs 
_reflns_shell.meanI_over_sigI_obs 
_reflns_shell.pdbx_Rsym_value 
_reflns_shell.pdbx_chi_squared 
_reflns_shell.pdbx_redundancy 
_reflns_shell.percent_possible_obs 
_reflns_shell.number_unique_all 
_reflns_shell.percent_possible_all 
_reflns_shell.pdbx_ordinal 
_reflns_shell.pdbx_diffrn_id 
1.93 2.00   6364 ? 873  1.2110 1.97 ? ? ? ? ? 99.70 1  1 
2.00 2.08   6294 ? 866  1.2110 2.5  ? ? ? ? ? 97.10 2  1 
2.08 2.17   6020 ? 838  1.2110 3.2  ? ? ? ? ? 99.30 3  1 
2.17 2.29   6654 ? 916  1.2110 4.1  ? ? ? ? ? 98.60 4  1 
2.29 2.43   6169 ? 851  1.2110 5.9  ? ? ? ? ? 98.30 5  1 
2.43 2.62   6461 ? 900  1.2110 7.1  ? ? ? ? ? 98.60 6  1 
2.62 2.88   6348 ? 892  1.2110 10.9 ? ? ? ? ? 99.00 7  1 
2.88 3.30   6465 ? 919  1.2110 15.6 ? ? ? ? ? 98.70 8  1 
3.30 4.15   6348 ? 914  1.2110 26.6 ? ? ? ? ? 99.10 9  1 
4.15 41.471 6470 ? 1007 1.2110 36.1 ? ? ? ? ? 98.60 10 1 
# 
_refine.entry_id                                 3LUU 
_refine.ls_d_res_high                            1.930 
_refine.ls_d_res_low                             41.471 
_refine.pdbx_ls_sigma_F                          0.00 
_refine.pdbx_data_cutoff_high_absF               ? 
_refine.pdbx_data_cutoff_low_absF                ? 
_refine.ls_percent_reflns_obs                    98.850 
_refine.ls_number_reflns_obs                     8946 
_refine.ls_number_reflns_all                     ? 
_refine.pdbx_ls_cross_valid_method               THROUGHOUT 
_refine.pdbx_R_Free_selection_details            RANDOM 
_refine.details                                  
;1. HYDROGENS HAVE BEEN ADDED IN THE RIDING POSITIONS. 2. A MET-INHIBITION PROTOCOL WAS USED FOR SELENOMETHIONINE INCORPORATION DURING PROTEIN EXPRESSION. THE OCCUPANCY OF THE SE ATOMS IN THE MSE RESIDUES WAS REDUCED TO 0.75 FOR THE REDUCED SCATTERING POWER DUE TO PARTIAL S-MET INCORPORATION. 3. ATOM RECORDS CONTAIN RESIDUAL B FACTORS ONLY. 4. THE METAL ZINC WAS ASSIGNED AS ZINC (ZN) BASED ON X-RAY FLURORESCENCE SPECTROSCOPY AND ANOMALOUS DIFFERENCE FOURIERS. 5. CHLORIDE (CL)  MODELED WAS PRESENT IN CRYSTALLIZATION CONDITION.
;
_refine.ls_R_factor_all                          ? 
_refine.ls_R_factor_obs                          0.197 
_refine.ls_R_factor_R_work                       0.196 
_refine.ls_wR_factor_R_work                      ? 
_refine.ls_R_factor_R_free                       0.221 
_refine.ls_wR_factor_R_free                      ? 
_refine.ls_percent_reflns_R_free                 4.800 
_refine.ls_number_reflns_R_free                  427 
_refine.ls_R_factor_R_free_error                 ? 
_refine.B_iso_mean                               24.957 
_refine.solvent_model_param_bsol                 ? 
_refine.solvent_model_param_ksol                 ? 
_refine.pdbx_isotropic_thermal_model             ? 
_refine.aniso_B[1][1]                            0.560 
_refine.aniso_B[2][2]                            0.560 
_refine.aniso_B[3][3]                            -1.110 
_refine.aniso_B[1][2]                            0.000 
_refine.aniso_B[1][3]                            0.000 
_refine.aniso_B[2][3]                            0.000 
_refine.correlation_coeff_Fo_to_Fc               0.952 
_refine.correlation_coeff_Fo_to_Fc_free          0.941 
_refine.overall_SU_R_Cruickshank_DPI             ? 
_refine.overall_SU_R_free                        ? 
_refine.pdbx_overall_ESU_R                       0.145 
_refine.pdbx_overall_ESU_R_Free                  0.131 
_refine.overall_SU_ML                            0.098 
_refine.overall_SU_B                             7.106 
_refine.solvent_model_details                    MASK 
_refine.pdbx_solvent_vdw_probe_radii             1.200 
_refine.pdbx_solvent_ion_probe_radii             0.800 
_refine.pdbx_solvent_shrinkage_radii             0.800 
_refine.ls_number_parameters                     ? 
_refine.ls_number_restraints                     ? 
_refine.pdbx_method_to_determine_struct          MAD 
_refine.pdbx_stereochemistry_target_values       'MAXIMUM LIKELIHOOD WITH PHASES' 
_refine.pdbx_stereochem_target_val_spec_case     ? 
_refine.overall_FOM_work_R_set                   ? 
_refine.B_iso_max                                75.98 
_refine.B_iso_min                                6.89 
_refine.occupancy_max                            1.00 
_refine.occupancy_min                            0.37 
_refine.pdbx_ls_sigma_I                          ? 
_refine.ls_redundancy_reflns_obs                 ? 
_refine.ls_R_factor_R_free_error_details         ? 
_refine.pdbx_starting_model                      ? 
_refine.pdbx_data_cutoff_high_rms_absF           ? 
_refine.overall_FOM_free_R_set                   ? 
_refine.pdbx_overall_phase_error                 ? 
_refine.pdbx_refine_id                           'X-RAY DIFFRACTION' 
_refine.pdbx_TLS_residual_ADP_flag               'LIKELY RESIDUAL' 
_refine.pdbx_diffrn_id                           1 
_refine.pdbx_overall_SU_R_free_Cruickshank_DPI   ? 
_refine.pdbx_overall_SU_R_Blow_DPI               ? 
_refine.pdbx_overall_SU_R_free_Blow_DPI          ? 
# 
_refine_hist.pdbx_refine_id                   'X-RAY DIFFRACTION' 
_refine_hist.cycle_id                         LAST 
_refine_hist.pdbx_number_atoms_protein        707 
_refine_hist.pdbx_number_atoms_nucleic_acid   0 
_refine_hist.pdbx_number_atoms_ligand         2 
_refine_hist.number_atoms_solvent             45 
_refine_hist.number_atoms_total               754 
_refine_hist.d_res_high                       1.930 
_refine_hist.d_res_low                        41.471 
# 
loop_
_refine_ls_restr.type 
_refine_ls_restr.pdbx_refine_id 
_refine_ls_restr.number 
_refine_ls_restr.dev_ideal 
_refine_ls_restr.dev_ideal_target 
_refine_ls_restr.weight 
_refine_ls_restr.pdbx_restraint_function 
r_bond_refined_d       'X-RAY DIFFRACTION' 745  0.015  0.021  ? ? 
r_bond_other_d         'X-RAY DIFFRACTION' 493  0.002  0.020  ? ? 
r_angle_refined_deg    'X-RAY DIFFRACTION' 1020 1.701  1.932  ? ? 
r_angle_other_deg      'X-RAY DIFFRACTION' 1195 1.055  3.000  ? ? 
r_dihedral_angle_1_deg 'X-RAY DIFFRACTION' 93   6.638  5.000  ? ? 
r_dihedral_angle_2_deg 'X-RAY DIFFRACTION' 35   31.569 22.000 ? ? 
r_dihedral_angle_3_deg 'X-RAY DIFFRACTION' 117  13.905 15.000 ? ? 
r_dihedral_angle_4_deg 'X-RAY DIFFRACTION' 7    14.000 15.000 ? ? 
r_chiral_restr         'X-RAY DIFFRACTION' 116  0.097  0.200  ? ? 
r_gen_planes_refined   'X-RAY DIFFRACTION' 829  0.006  0.021  ? ? 
r_gen_planes_other     'X-RAY DIFFRACTION' 160  0.001  0.020  ? ? 
r_mcbond_it            'X-RAY DIFFRACTION' 453  2.128  3.000  ? ? 
r_mcbond_other         'X-RAY DIFFRACTION' 180  0.520  3.000  ? ? 
r_mcangle_it           'X-RAY DIFFRACTION' 740  3.725  5.000  ? ? 
r_scbond_it            'X-RAY DIFFRACTION' 292  5.649  8.000  ? ? 
r_scangle_it           'X-RAY DIFFRACTION' 277  8.597  11.000 ? ? 
# 
_refine_ls_shell.d_res_high                       1.930 
_refine_ls_shell.d_res_low                        1.980 
_refine_ls_shell.pdbx_total_number_of_bins_used   20 
_refine_ls_shell.percent_reflns_obs               100.000 
_refine_ls_shell.number_reflns_R_work             606 
_refine_ls_shell.R_factor_all                     ? 
_refine_ls_shell.R_factor_R_work                  0.269 
_refine_ls_shell.R_factor_R_free                  0.280 
_refine_ls_shell.percent_reflns_R_free            ? 
_refine_ls_shell.number_reflns_R_free             36 
_refine_ls_shell.R_factor_R_free_error            ? 
_refine_ls_shell.number_reflns_all                642 
_refine_ls_shell.number_reflns_obs                ? 
_refine_ls_shell.redundancy_reflns_obs            ? 
_refine_ls_shell.pdbx_refine_id                   'X-RAY DIFFRACTION' 
# 
_struct.entry_id                  3LUU 
_struct.title                     
;Crystal structure of Protein with unknown function which belongs to Pfam DUF971 family (AFE_2189) from Acidithiobacillus ferrooxidans ATCC 23270 at 1.93 A resolution
;
_struct.pdbx_model_details        ? 
_struct.pdbx_CASP_flag            ? 
_struct.pdbx_model_type_details   ? 
# 
_struct_keywords.text            
;AFE_2189, Pfam DUF971 family, Structural Genomics, Joint Center for Structural Genomics, JCSG, Protein Structure Initiative, PSI-2, quinone biosynthesis, BIOSYNTHETIC PROTEIN
;
_struct_keywords.pdbx_keywords   'BIOSYNTHETIC PROTEIN' 
_struct_keywords.entry_id        3LUU 
# 
loop_
_struct_asym.id 
_struct_asym.pdbx_blank_PDB_chainid_flag 
_struct_asym.pdbx_modified 
_struct_asym.entity_id 
_struct_asym.details 
A N N 1 ? 
B N N 2 ? 
C N N 3 ? 
D N N 4 ? 
# 
_struct_ref.id                         1 
_struct_ref.db_name                    UNP 
_struct_ref.db_code                    B7J6R7_ACIF2 
_struct_ref.pdbx_db_accession          B7J6R7 
_struct_ref.entity_id                  1 
_struct_ref.pdbx_seq_one_letter_code   
;MSDPRTQPLEIRPLMISRVMEVDWADGHTSRLTFEHLRVECPCAECKGHTPDQAQIVTGKEHVSVVEVVPVGHYAVQLHF
SDGHNTGIFTWEYLRRLDAE
;
_struct_ref.pdbx_align_begin           1 
_struct_ref.pdbx_db_isoform            ? 
# 
_struct_ref_seq.align_id                      1 
_struct_ref_seq.ref_id                        1 
_struct_ref_seq.pdbx_PDB_id_code              3LUU 
_struct_ref_seq.pdbx_strand_id                A 
_struct_ref_seq.seq_align_beg                 2 
_struct_ref_seq.pdbx_seq_align_beg_ins_code   ? 
_struct_ref_seq.seq_align_end                 101 
_struct_ref_seq.pdbx_seq_align_end_ins_code   ? 
_struct_ref_seq.pdbx_db_accession             B7J6R7 
_struct_ref_seq.db_align_beg                  1 
_struct_ref_seq.pdbx_db_align_beg_ins_code    ? 
_struct_ref_seq.db_align_end                  100 
_struct_ref_seq.pdbx_db_align_end_ins_code    ? 
_struct_ref_seq.pdbx_auth_seq_align_beg       1 
_struct_ref_seq.pdbx_auth_seq_align_end       100 
# 
_struct_ref_seq_dif.align_id                     1 
_struct_ref_seq_dif.pdbx_pdb_id_code             3LUU 
_struct_ref_seq_dif.mon_id                       GLY 
_struct_ref_seq_dif.pdbx_pdb_strand_id           A 
_struct_ref_seq_dif.seq_num                      1 
_struct_ref_seq_dif.pdbx_pdb_ins_code            ? 
_struct_ref_seq_dif.pdbx_seq_db_name             UNP 
_struct_ref_seq_dif.pdbx_seq_db_accession_code   B7J6R7 
_struct_ref_seq_dif.db_mon_id                    ? 
_struct_ref_seq_dif.pdbx_seq_db_seq_num          ? 
_struct_ref_seq_dif.details                      'expression tag' 
_struct_ref_seq_dif.pdbx_auth_seq_num            0 
_struct_ref_seq_dif.pdbx_ordinal                 1 
# 
_pdbx_struct_assembly.id                   1 
_pdbx_struct_assembly.details              author_and_software_defined_assembly 
_pdbx_struct_assembly.method_details       PISA 
_pdbx_struct_assembly.oligomeric_details   monomeric 
_pdbx_struct_assembly.oligomeric_count     1 
# 
_pdbx_struct_assembly_gen.assembly_id       1 
_pdbx_struct_assembly_gen.oper_expression   1 
_pdbx_struct_assembly_gen.asym_id_list      A,B,C,D 
# 
_pdbx_struct_oper_list.id                   1 
_pdbx_struct_oper_list.type                 'identity operation' 
_pdbx_struct_oper_list.name                 1_555 
_pdbx_struct_oper_list.symmetry_operation   x,y,z 
_pdbx_struct_oper_list.matrix[1][1]         1.0000000000 
_pdbx_struct_oper_list.matrix[1][2]         0.0000000000 
_pdbx_struct_oper_list.matrix[1][3]         0.0000000000 
_pdbx_struct_oper_list.vector[1]            0.0000000000 
_pdbx_struct_oper_list.matrix[2][1]         0.0000000000 
_pdbx_struct_oper_list.matrix[2][2]         1.0000000000 
_pdbx_struct_oper_list.matrix[2][3]         0.0000000000 
_pdbx_struct_oper_list.vector[2]            0.0000000000 
_pdbx_struct_oper_list.matrix[3][1]         0.0000000000 
_pdbx_struct_oper_list.matrix[3][2]         0.0000000000 
_pdbx_struct_oper_list.matrix[3][3]         1.0000000000 
_pdbx_struct_oper_list.vector[3]            0.0000000000 
# 
_struct_biol.id        1 
_struct_biol.details   ? 
# 
loop_
_struct_conf.conf_type_id 
_struct_conf.id 
_struct_conf.pdbx_PDB_helix_id 
_struct_conf.beg_label_comp_id 
_struct_conf.beg_label_asym_id 
_struct_conf.beg_label_seq_id 
_struct_conf.pdbx_beg_PDB_ins_code 
_struct_conf.end_label_comp_id 
_struct_conf.end_label_asym_id 
_struct_conf.end_label_seq_id 
_struct_conf.pdbx_end_PDB_ins_code 
_struct_conf.beg_auth_comp_id 
_struct_conf.beg_auth_asym_id 
_struct_conf.beg_auth_seq_id 
_struct_conf.end_auth_comp_id 
_struct_conf.end_auth_asym_id 
_struct_conf.end_auth_seq_id 
_struct_conf.pdbx_PDB_helix_class 
_struct_conf.details 
_struct_conf.pdbx_PDB_helix_length 
HELX_P HELX_P1 1 PHE A 35 ? GLU A 41 ? PHE A 34 GLU A 40 1 ? 7 
HELX_P HELX_P2 2 TRP A 92 ? ASP A 99 ? TRP A 91 ASP A 98 1 ? 8 
# 
_struct_conf_type.id          HELX_P 
_struct_conf_type.criteria    ? 
_struct_conf_type.reference   ? 
# 
loop_
_struct_conn.id 
_struct_conn.conn_type_id 
_struct_conn.pdbx_leaving_atom_flag 
_struct_conn.pdbx_PDB_id 
_struct_conn.ptnr1_label_asym_id 
_struct_conn.ptnr1_label_comp_id 
_struct_conn.ptnr1_label_seq_id 
_struct_conn.ptnr1_label_atom_id 
_struct_conn.pdbx_ptnr1_label_alt_id 
_struct_conn.pdbx_ptnr1_PDB_ins_code 
_struct_conn.pdbx_ptnr1_standard_comp_id 
_struct_conn.ptnr1_symmetry 
_struct_conn.ptnr2_label_asym_id 
_struct_conn.ptnr2_label_comp_id 
_struct_conn.ptnr2_label_seq_id 
_struct_conn.ptnr2_label_atom_id 
_struct_conn.pdbx_ptnr2_label_alt_id 
_struct_conn.pdbx_ptnr2_PDB_ins_code 
_struct_conn.ptnr1_auth_asym_id 
_struct_conn.ptnr1_auth_comp_id 
_struct_conn.ptnr1_auth_seq_id 
_struct_conn.ptnr2_auth_asym_id 
_struct_conn.ptnr2_auth_comp_id 
_struct_conn.ptnr2_auth_seq_id 
_struct_conn.ptnr2_symmetry 
_struct_conn.pdbx_ptnr3_label_atom_id 
_struct_conn.pdbx_ptnr3_label_seq_id 
_struct_conn.pdbx_ptnr3_label_comp_id 
_struct_conn.pdbx_ptnr3_label_asym_id 
_struct_conn.pdbx_ptnr3_label_alt_id 
_struct_conn.pdbx_ptnr3_PDB_ins_code 
_struct_conn.details 
_struct_conn.pdbx_dist_value 
_struct_conn.pdbx_value_order 
_struct_conn.pdbx_role 
covale1 covale both ? A LEU 15  C   ? ? ? 1_555 A MSE 16 N  ? ? A LEU 14  A MSE 15  1_555 ? ? ? ? ? ? ? 1.328 ? ? 
covale2 covale both ? A MSE 16  C   ? ? ? 1_555 A ILE 17 N  ? ? A MSE 15  A ILE 16  1_555 ? ? ? ? ? ? ? 1.325 ? ? 
covale3 covale both ? A VAL 20  C   ? ? ? 1_555 A MSE 21 N  ? ? A VAL 19  A MSE 20  1_555 ? ? ? ? ? ? ? 1.332 ? ? 
covale4 covale both ? A MSE 21  C   ? ? ? 1_555 A GLU 22 N  ? ? A MSE 20  A GLU 21  1_555 ? ? ? ? ? ? ? 1.322 ? ? 
metalc1 metalc ?    ? A HIS 37  NE2 ? ? ? 1_555 B ZN  .  ZN ? ? A HIS 36  A ZN  101 1_555 ? ? ? ? ? ? ? 2.036 ? ? 
metalc2 metalc ?    ? A GLU 41  OE2 ? ? ? 1_555 B ZN  .  ZN ? ? A GLU 40  A ZN  101 1_555 ? ? ? ? ? ? ? 2.021 ? ? 
metalc3 metalc ?    ? A GLU 101 O   ? ? ? 1_555 B ZN  .  ZN ? ? A GLU 100 A ZN  101 1_555 ? ? ? ? ? ? ? 2.043 ? ? 
metalc4 metalc ?    ? A GLU 101 OXT ? ? ? 1_555 B ZN  .  ZN ? ? A GLU 100 A ZN  101 1_555 ? ? ? ? ? ? ? 2.344 ? ? 
# 
loop_
_struct_conn_type.id 
_struct_conn_type.criteria 
_struct_conn_type.reference 
covale ? ? 
metalc ? ? 
# 
loop_
_pdbx_struct_conn_angle.id 
_pdbx_struct_conn_angle.ptnr1_label_atom_id 
_pdbx_struct_conn_angle.ptnr1_label_alt_id 
_pdbx_struct_conn_angle.ptnr1_label_asym_id 
_pdbx_struct_conn_angle.ptnr1_label_comp_id 
_pdbx_struct_conn_angle.ptnr1_label_seq_id 
_pdbx_struct_conn_angle.ptnr1_auth_atom_id 
_pdbx_struct_conn_angle.ptnr1_auth_asym_id 
_pdbx_struct_conn_angle.ptnr1_auth_comp_id 
_pdbx_struct_conn_angle.ptnr1_auth_seq_id 
_pdbx_struct_conn_angle.ptnr1_PDB_ins_code 
_pdbx_struct_conn_angle.ptnr1_symmetry 
_pdbx_struct_conn_angle.ptnr2_label_atom_id 
_pdbx_struct_conn_angle.ptnr2_label_alt_id 
_pdbx_struct_conn_angle.ptnr2_label_asym_id 
_pdbx_struct_conn_angle.ptnr2_label_comp_id 
_pdbx_struct_conn_angle.ptnr2_label_seq_id 
_pdbx_struct_conn_angle.ptnr2_auth_atom_id 
_pdbx_struct_conn_angle.ptnr2_auth_asym_id 
_pdbx_struct_conn_angle.ptnr2_auth_comp_id 
_pdbx_struct_conn_angle.ptnr2_auth_seq_id 
_pdbx_struct_conn_angle.ptnr2_PDB_ins_code 
_pdbx_struct_conn_angle.ptnr2_symmetry 
_pdbx_struct_conn_angle.ptnr3_label_atom_id 
_pdbx_struct_conn_angle.ptnr3_label_alt_id 
_pdbx_struct_conn_angle.ptnr3_label_asym_id 
_pdbx_struct_conn_angle.ptnr3_label_comp_id 
_pdbx_struct_conn_angle.ptnr3_label_seq_id 
_pdbx_struct_conn_angle.ptnr3_auth_atom_id 
_pdbx_struct_conn_angle.ptnr3_auth_asym_id 
_pdbx_struct_conn_angle.ptnr3_auth_comp_id 
_pdbx_struct_conn_angle.ptnr3_auth_seq_id 
_pdbx_struct_conn_angle.ptnr3_PDB_ins_code 
_pdbx_struct_conn_angle.ptnr3_symmetry 
_pdbx_struct_conn_angle.value 
_pdbx_struct_conn_angle.value_esd 
1 NE2 ? A HIS 37  ? A HIS 36  ? 1_555 ZN ? B ZN . ? A ZN 101 ? 1_555 OE2 ? A GLU 41  ? A GLU 40  ? 1_555 109.4 ? 
2 NE2 ? A HIS 37  ? A HIS 36  ? 1_555 ZN ? B ZN . ? A ZN 101 ? 1_555 O   ? A GLU 101 ? A GLU 100 ? 1_555 95.4  ? 
3 OE2 ? A GLU 41  ? A GLU 40  ? 1_555 ZN ? B ZN . ? A ZN 101 ? 1_555 O   ? A GLU 101 ? A GLU 100 ? 1_555 119.1 ? 
4 NE2 ? A HIS 37  ? A HIS 36  ? 1_555 ZN ? B ZN . ? A ZN 101 ? 1_555 OXT ? A GLU 101 ? A GLU 100 ? 1_555 151.6 ? 
5 OE2 ? A GLU 41  ? A GLU 40  ? 1_555 ZN ? B ZN . ? A ZN 101 ? 1_555 OXT ? A GLU 101 ? A GLU 100 ? 1_555 86.3  ? 
6 O   ? A GLU 101 ? A GLU 100 ? 1_555 ZN ? B ZN . ? A ZN 101 ? 1_555 OXT ? A GLU 101 ? A GLU 100 ? 1_555 56.3  ? 
# 
loop_
_pdbx_modification_feature.ordinal 
_pdbx_modification_feature.label_comp_id 
_pdbx_modification_feature.label_asym_id 
_pdbx_modification_feature.label_seq_id 
_pdbx_modification_feature.label_alt_id 
_pdbx_modification_feature.modified_residue_label_comp_id 
_pdbx_modification_feature.modified_residue_label_asym_id 
_pdbx_modification_feature.modified_residue_label_seq_id 
_pdbx_modification_feature.modified_residue_label_alt_id 
_pdbx_modification_feature.auth_comp_id 
_pdbx_modification_feature.auth_asym_id 
_pdbx_modification_feature.auth_seq_id 
_pdbx_modification_feature.PDB_ins_code 
_pdbx_modification_feature.symmetry 
_pdbx_modification_feature.modified_residue_auth_comp_id 
_pdbx_modification_feature.modified_residue_auth_asym_id 
_pdbx_modification_feature.modified_residue_auth_seq_id 
_pdbx_modification_feature.modified_residue_PDB_ins_code 
_pdbx_modification_feature.modified_residue_symmetry 
_pdbx_modification_feature.comp_id_linking_atom 
_pdbx_modification_feature.modified_residue_id_linking_atom 
_pdbx_modification_feature.modified_residue_id 
_pdbx_modification_feature.ref_pcm_id 
_pdbx_modification_feature.ref_comp_id 
_pdbx_modification_feature.type 
_pdbx_modification_feature.category 
1 MSE A 16 ? . . . . MSE A 15 ? 1_555 . . . . . . . MET 1 MSE Selenomethionine 'Named protein modification' 
2 MSE A 21 ? . . . . MSE A 20 ? 1_555 . . . . . . . MET 1 MSE Selenomethionine 'Named protein modification' 
# 
loop_
_struct_sheet.id 
_struct_sheet.type 
_struct_sheet.number_strands 
_struct_sheet.details 
A ? 3 ? 
B ? 3 ? 
# 
loop_
_struct_sheet_order.sheet_id 
_struct_sheet_order.range_id_1 
_struct_sheet_order.range_id_2 
_struct_sheet_order.offset 
_struct_sheet_order.sense 
A 1 2 ? anti-parallel 
A 2 3 ? anti-parallel 
B 1 2 ? anti-parallel 
B 2 3 ? anti-parallel 
# 
loop_
_struct_sheet_range.sheet_id 
_struct_sheet_range.id 
_struct_sheet_range.beg_label_comp_id 
_struct_sheet_range.beg_label_asym_id 
_struct_sheet_range.beg_label_seq_id 
_struct_sheet_range.pdbx_beg_PDB_ins_code 
_struct_sheet_range.end_label_comp_id 
_struct_sheet_range.end_label_asym_id 
_struct_sheet_range.end_label_seq_id 
_struct_sheet_range.pdbx_end_PDB_ins_code 
_struct_sheet_range.beg_auth_comp_id 
_struct_sheet_range.beg_auth_asym_id 
_struct_sheet_range.beg_auth_seq_id 
_struct_sheet_range.end_auth_comp_id 
_struct_sheet_range.end_auth_asym_id 
_struct_sheet_range.end_auth_seq_id 
A 1 PRO A 9  ? LEU A 15 ? PRO A 8  LEU A 14 
A 2 VAL A 20 ? TRP A 25 ? VAL A 19 TRP A 24 
A 3 THR A 30 ? THR A 34 ? THR A 29 THR A 33 
B 1 VAL A 66 ? VAL A 72 ? VAL A 65 VAL A 71 
B 2 ALA A 76 ? PHE A 81 ? ALA A 75 PHE A 80 
B 3 ILE A 89 ? THR A 91 ? ILE A 88 THR A 90 
# 
loop_
_pdbx_struct_sheet_hbond.sheet_id 
_pdbx_struct_sheet_hbond.range_id_1 
_pdbx_struct_sheet_hbond.range_id_2 
_pdbx_struct_sheet_hbond.range_1_label_atom_id 
_pdbx_struct_sheet_hbond.range_1_label_comp_id 
_pdbx_struct_sheet_hbond.range_1_label_asym_id 
_pdbx_struct_sheet_hbond.range_1_label_seq_id 
_pdbx_struct_sheet_hbond.range_1_PDB_ins_code 
_pdbx_struct_sheet_hbond.range_1_auth_atom_id 
_pdbx_struct_sheet_hbond.range_1_auth_comp_id 
_pdbx_struct_sheet_hbond.range_1_auth_asym_id 
_pdbx_struct_sheet_hbond.range_1_auth_seq_id 
_pdbx_struct_sheet_hbond.range_2_label_atom_id 
_pdbx_struct_sheet_hbond.range_2_label_comp_id 
_pdbx_struct_sheet_hbond.range_2_label_asym_id 
_pdbx_struct_sheet_hbond.range_2_label_seq_id 
_pdbx_struct_sheet_hbond.range_2_PDB_ins_code 
_pdbx_struct_sheet_hbond.range_2_auth_atom_id 
_pdbx_struct_sheet_hbond.range_2_auth_comp_id 
_pdbx_struct_sheet_hbond.range_2_auth_asym_id 
_pdbx_struct_sheet_hbond.range_2_auth_seq_id 
A 1 2 N LEU A 10 ? N LEU A 9  O ASP A 24 ? O ASP A 23 
A 2 3 N MSE A 21 ? N MSE A 20 O LEU A 33 ? O LEU A 32 
B 1 2 N VAL A 70 ? N VAL A 69 O GLN A 78 ? O GLN A 77 
B 2 3 N VAL A 77 ? N VAL A 76 O PHE A 90 ? O PHE A 89 
# 
loop_
_struct_site.id 
_struct_site.pdbx_evidence_code 
_struct_site.pdbx_auth_asym_id 
_struct_site.pdbx_auth_comp_id 
_struct_site.pdbx_auth_seq_id 
_struct_site.pdbx_auth_ins_code 
_struct_site.pdbx_num_residues 
_struct_site.details 
AC1 Software A ZN 101 ? 4 'BINDING SITE FOR RESIDUE ZN A 101' 
AC2 Software A CL 102 ? 3 'BINDING SITE FOR RESIDUE CL A 102' 
# 
loop_
_struct_site_gen.id 
_struct_site_gen.site_id 
_struct_site_gen.pdbx_num_res 
_struct_site_gen.label_comp_id 
_struct_site_gen.label_asym_id 
_struct_site_gen.label_seq_id 
_struct_site_gen.pdbx_auth_ins_code 
_struct_site_gen.auth_comp_id 
_struct_site_gen.auth_asym_id 
_struct_site_gen.auth_seq_id 
_struct_site_gen.label_atom_id 
_struct_site_gen.label_alt_id 
_struct_site_gen.symmetry 
_struct_site_gen.details 
1 AC1 4 GLU A 22  ? GLU A 21  . ? 4_454 ? 
2 AC1 4 HIS A 37  ? HIS A 36  . ? 1_555 ? 
3 AC1 4 GLU A 41  ? GLU A 40  . ? 1_555 ? 
4 AC1 4 GLU A 101 ? GLU A 100 . ? 1_555 ? 
5 AC2 3 THR A 34  ? THR A 33  . ? 1_555 ? 
6 AC2 3 HIS A 37  ? HIS A 36  . ? 1_555 ? 
7 AC2 3 HOH D .   ? HOH A 117 . ? 4_454 ? 
# 
_pdbx_entry_details.entry_id                   3LUU 
_pdbx_entry_details.compound_details           ? 
_pdbx_entry_details.source_details             ? 
_pdbx_entry_details.nonpolymer_details         ? 
_pdbx_entry_details.sequence_details           
;THE CONSTRUCT WAS EXPRESSED WITH A PURIFICATION TAG MGSDKIHHHHHHENLYFQG. THE TAG WAS REMOVED WITH TEV PROTEASE LEAVING ONLY A GLYCINE (0) FOLLOWED BY THE TARGET SEQUENCE.
;
_pdbx_entry_details.has_ligand_of_interest     ? 
_pdbx_entry_details.has_protein_modification   Y 
# 
_pdbx_validate_torsion.id              1 
_pdbx_validate_torsion.PDB_model_num   1 
_pdbx_validate_torsion.auth_comp_id    ASN 
_pdbx_validate_torsion.auth_asym_id    A 
_pdbx_validate_torsion.auth_seq_id     85 
_pdbx_validate_torsion.PDB_ins_code    ? 
_pdbx_validate_torsion.label_alt_id    ? 
_pdbx_validate_torsion.phi             -152.13 
_pdbx_validate_torsion.psi             -3.90 
# 
_pdbx_SG_project.project_name          'PSI, Protein Structure Initiative' 
_pdbx_SG_project.full_name_of_center   'Joint Center for Structural Genomics' 
_pdbx_SG_project.id                    1 
_pdbx_SG_project.initial_of_center     JCSG 
# 
loop_
_pdbx_struct_mod_residue.id 
_pdbx_struct_mod_residue.label_asym_id 
_pdbx_struct_mod_residue.label_comp_id 
_pdbx_struct_mod_residue.label_seq_id 
_pdbx_struct_mod_residue.auth_asym_id 
_pdbx_struct_mod_residue.auth_comp_id 
_pdbx_struct_mod_residue.auth_seq_id 
_pdbx_struct_mod_residue.PDB_ins_code 
_pdbx_struct_mod_residue.parent_comp_id 
_pdbx_struct_mod_residue.details 
1 A MSE 16 A MSE 15 ? MET SELENOMETHIONINE 
2 A MSE 21 A MSE 20 ? MET SELENOMETHIONINE 
# 
_pdbx_refine_tls.pdbx_refine_id   'X-RAY DIFFRACTION' 
_pdbx_refine_tls.id               1 
_pdbx_refine_tls.details          ? 
_pdbx_refine_tls.method           refined 
_pdbx_refine_tls.origin_x         0.3783 
_pdbx_refine_tls.origin_y         0.2158 
_pdbx_refine_tls.origin_z         0.0468 
_pdbx_refine_tls.T[1][1]          0.0197 
_pdbx_refine_tls.T[2][2]          0.0363 
_pdbx_refine_tls.T[3][3]          0.0195 
_pdbx_refine_tls.T[1][2]          -0.0125 
_pdbx_refine_tls.T[1][3]          0.0002 
_pdbx_refine_tls.T[2][3]          0.0163 
_pdbx_refine_tls.L[1][1]          1.2206 
_pdbx_refine_tls.L[2][2]          1.5690 
_pdbx_refine_tls.L[3][3]          1.4074 
_pdbx_refine_tls.L[1][2]          -0.5711 
_pdbx_refine_tls.L[1][3]          -0.2700 
_pdbx_refine_tls.L[2][3]          -0.2093 
_pdbx_refine_tls.S[1][1]          0.0714 
_pdbx_refine_tls.S[2][2]          -0.0458 
_pdbx_refine_tls.S[3][3]          -0.0256 
_pdbx_refine_tls.S[1][2]          0.1026 
_pdbx_refine_tls.S[1][3]          0.0673 
_pdbx_refine_tls.S[2][3]          -0.0484 
_pdbx_refine_tls.S[2][1]          -0.0926 
_pdbx_refine_tls.S[3][1]          0.0058 
_pdbx_refine_tls.S[3][2]          -0.0446 
# 
loop_
_pdbx_refine_tls_group.pdbx_refine_id 
_pdbx_refine_tls_group.id 
_pdbx_refine_tls_group.refine_tls_id 
_pdbx_refine_tls_group.beg_auth_asym_id 
_pdbx_refine_tls_group.beg_auth_seq_id 
_pdbx_refine_tls_group.end_auth_asym_id 
_pdbx_refine_tls_group.end_auth_seq_id 
_pdbx_refine_tls_group.selection_details 
_pdbx_refine_tls_group.beg_label_asym_id 
_pdbx_refine_tls_group.beg_label_seq_id 
_pdbx_refine_tls_group.end_label_asym_id 
_pdbx_refine_tls_group.end_label_seq_id 
_pdbx_refine_tls_group.selection 
'X-RAY DIFFRACTION' 1 1 A 2   A 100 ? . . . . ? 
'X-RAY DIFFRACTION' 2 1 A 101 A 102 ? . . . . ? 
'X-RAY DIFFRACTION' 3 1 A 103 A 147 ? . . . . ? 
# 
_phasing.method   MAD 
# 
loop_
_pdbx_unobs_or_zero_occ_residues.id 
_pdbx_unobs_or_zero_occ_residues.PDB_model_num 
_pdbx_unobs_or_zero_occ_residues.polymer_flag 
_pdbx_unobs_or_zero_occ_residues.occupancy_flag 
_pdbx_unobs_or_zero_occ_residues.auth_asym_id 
_pdbx_unobs_or_zero_occ_residues.auth_comp_id 
_pdbx_unobs_or_zero_occ_residues.auth_seq_id 
_pdbx_unobs_or_zero_occ_residues.PDB_ins_code 
_pdbx_unobs_or_zero_occ_residues.label_asym_id 
_pdbx_unobs_or_zero_occ_residues.label_comp_id 
_pdbx_unobs_or_zero_occ_residues.label_seq_id 
1  1 Y 1 A GLY 0  ? A GLY 1  
2  1 Y 1 A MSE 1  ? A MSE 2  
3  1 Y 1 A ALA 44 ? A ALA 45 
4  1 Y 1 A GLU 45 ? A GLU 46 
5  1 Y 1 A CYS 46 ? A CYS 47 
6  1 Y 1 A LYS 47 ? A LYS 48 
7  1 Y 1 A GLY 48 ? A GLY 49 
8  1 Y 1 A HIS 49 ? A HIS 50 
9  1 Y 1 A THR 50 ? A THR 51 
10 1 Y 1 A PRO 51 ? A PRO 52 
11 1 Y 1 A ASP 52 ? A ASP 53 
12 1 Y 1 A GLN 53 ? A GLN 54 
# 
loop_
_chem_comp_atom.comp_id 
_chem_comp_atom.atom_id 
_chem_comp_atom.type_symbol 
_chem_comp_atom.pdbx_aromatic_flag 
_chem_comp_atom.pdbx_stereo_config 
_chem_comp_atom.pdbx_ordinal 
ALA N    N  N N 1   
ALA CA   C  N S 2   
ALA C    C  N N 3   
ALA O    O  N N 4   
ALA CB   C  N N 5   
ALA OXT  O  N N 6   
ALA H    H  N N 7   
ALA H2   H  N N 8   
ALA HA   H  N N 9   
ALA HB1  H  N N 10  
ALA HB2  H  N N 11  
ALA HB3  H  N N 12  
ALA HXT  H  N N 13  
ARG N    N  N N 14  
ARG CA   C  N S 15  
ARG C    C  N N 16  
ARG O    O  N N 17  
ARG CB   C  N N 18  
ARG CG   C  N N 19  
ARG CD   C  N N 20  
ARG NE   N  N N 21  
ARG CZ   C  N N 22  
ARG NH1  N  N N 23  
ARG NH2  N  N N 24  
ARG OXT  O  N N 25  
ARG H    H  N N 26  
ARG H2   H  N N 27  
ARG HA   H  N N 28  
ARG HB2  H  N N 29  
ARG HB3  H  N N 30  
ARG HG2  H  N N 31  
ARG HG3  H  N N 32  
ARG HD2  H  N N 33  
ARG HD3  H  N N 34  
ARG HE   H  N N 35  
ARG HH11 H  N N 36  
ARG HH12 H  N N 37  
ARG HH21 H  N N 38  
ARG HH22 H  N N 39  
ARG HXT  H  N N 40  
ASN N    N  N N 41  
ASN CA   C  N S 42  
ASN C    C  N N 43  
ASN O    O  N N 44  
ASN CB   C  N N 45  
ASN CG   C  N N 46  
ASN OD1  O  N N 47  
ASN ND2  N  N N 48  
ASN OXT  O  N N 49  
ASN H    H  N N 50  
ASN H2   H  N N 51  
ASN HA   H  N N 52  
ASN HB2  H  N N 53  
ASN HB3  H  N N 54  
ASN HD21 H  N N 55  
ASN HD22 H  N N 56  
ASN HXT  H  N N 57  
ASP N    N  N N 58  
ASP CA   C  N S 59  
ASP C    C  N N 60  
ASP O    O  N N 61  
ASP CB   C  N N 62  
ASP CG   C  N N 63  
ASP OD1  O  N N 64  
ASP OD2  O  N N 65  
ASP OXT  O  N N 66  
ASP H    H  N N 67  
ASP H2   H  N N 68  
ASP HA   H  N N 69  
ASP HB2  H  N N 70  
ASP HB3  H  N N 71  
ASP HD2  H  N N 72  
ASP HXT  H  N N 73  
CL  CL   CL N N 74  
CYS N    N  N N 75  
CYS CA   C  N R 76  
CYS C    C  N N 77  
CYS O    O  N N 78  
CYS CB   C  N N 79  
CYS SG   S  N N 80  
CYS OXT  O  N N 81  
CYS H    H  N N 82  
CYS H2   H  N N 83  
CYS HA   H  N N 84  
CYS HB2  H  N N 85  
CYS HB3  H  N N 86  
CYS HG   H  N N 87  
CYS HXT  H  N N 88  
GLN N    N  N N 89  
GLN CA   C  N S 90  
GLN C    C  N N 91  
GLN O    O  N N 92  
GLN CB   C  N N 93  
GLN CG   C  N N 94  
GLN CD   C  N N 95  
GLN OE1  O  N N 96  
GLN NE2  N  N N 97  
GLN OXT  O  N N 98  
GLN H    H  N N 99  
GLN H2   H  N N 100 
GLN HA   H  N N 101 
GLN HB2  H  N N 102 
GLN HB3  H  N N 103 
GLN HG2  H  N N 104 
GLN HG3  H  N N 105 
GLN HE21 H  N N 106 
GLN HE22 H  N N 107 
GLN HXT  H  N N 108 
GLU N    N  N N 109 
GLU CA   C  N S 110 
GLU C    C  N N 111 
GLU O    O  N N 112 
GLU CB   C  N N 113 
GLU CG   C  N N 114 
GLU CD   C  N N 115 
GLU OE1  O  N N 116 
GLU OE2  O  N N 117 
GLU OXT  O  N N 118 
GLU H    H  N N 119 
GLU H2   H  N N 120 
GLU HA   H  N N 121 
GLU HB2  H  N N 122 
GLU HB3  H  N N 123 
GLU HG2  H  N N 124 
GLU HG3  H  N N 125 
GLU HE2  H  N N 126 
GLU HXT  H  N N 127 
GLY N    N  N N 128 
GLY CA   C  N N 129 
GLY C    C  N N 130 
GLY O    O  N N 131 
GLY OXT  O  N N 132 
GLY H    H  N N 133 
GLY H2   H  N N 134 
GLY HA2  H  N N 135 
GLY HA3  H  N N 136 
GLY HXT  H  N N 137 
HIS N    N  N N 138 
HIS CA   C  N S 139 
HIS C    C  N N 140 
HIS O    O  N N 141 
HIS CB   C  N N 142 
HIS CG   C  Y N 143 
HIS ND1  N  Y N 144 
HIS CD2  C  Y N 145 
HIS CE1  C  Y N 146 
HIS NE2  N  Y N 147 
HIS OXT  O  N N 148 
HIS H    H  N N 149 
HIS H2   H  N N 150 
HIS HA   H  N N 151 
HIS HB2  H  N N 152 
HIS HB3  H  N N 153 
HIS HD1  H  N N 154 
HIS HD2  H  N N 155 
HIS HE1  H  N N 156 
HIS HE2  H  N N 157 
HIS HXT  H  N N 158 
HOH O    O  N N 159 
HOH H1   H  N N 160 
HOH H2   H  N N 161 
ILE N    N  N N 162 
ILE CA   C  N S 163 
ILE C    C  N N 164 
ILE O    O  N N 165 
ILE CB   C  N S 166 
ILE CG1  C  N N 167 
ILE CG2  C  N N 168 
ILE CD1  C  N N 169 
ILE OXT  O  N N 170 
ILE H    H  N N 171 
ILE H2   H  N N 172 
ILE HA   H  N N 173 
ILE HB   H  N N 174 
ILE HG12 H  N N 175 
ILE HG13 H  N N 176 
ILE HG21 H  N N 177 
ILE HG22 H  N N 178 
ILE HG23 H  N N 179 
ILE HD11 H  N N 180 
ILE HD12 H  N N 181 
ILE HD13 H  N N 182 
ILE HXT  H  N N 183 
LEU N    N  N N 184 
LEU CA   C  N S 185 
LEU C    C  N N 186 
LEU O    O  N N 187 
LEU CB   C  N N 188 
LEU CG   C  N N 189 
LEU CD1  C  N N 190 
LEU CD2  C  N N 191 
LEU OXT  O  N N 192 
LEU H    H  N N 193 
LEU H2   H  N N 194 
LEU HA   H  N N 195 
LEU HB2  H  N N 196 
LEU HB3  H  N N 197 
LEU HG   H  N N 198 
LEU HD11 H  N N 199 
LEU HD12 H  N N 200 
LEU HD13 H  N N 201 
LEU HD21 H  N N 202 
LEU HD22 H  N N 203 
LEU HD23 H  N N 204 
LEU HXT  H  N N 205 
LYS N    N  N N 206 
LYS CA   C  N S 207 
LYS C    C  N N 208 
LYS O    O  N N 209 
LYS CB   C  N N 210 
LYS CG   C  N N 211 
LYS CD   C  N N 212 
LYS CE   C  N N 213 
LYS NZ   N  N N 214 
LYS OXT  O  N N 215 
LYS H    H  N N 216 
LYS H2   H  N N 217 
LYS HA   H  N N 218 
LYS HB2  H  N N 219 
LYS HB3  H  N N 220 
LYS HG2  H  N N 221 
LYS HG3  H  N N 222 
LYS HD2  H  N N 223 
LYS HD3  H  N N 224 
LYS HE2  H  N N 225 
LYS HE3  H  N N 226 
LYS HZ1  H  N N 227 
LYS HZ2  H  N N 228 
LYS HZ3  H  N N 229 
LYS HXT  H  N N 230 
MSE N    N  N N 231 
MSE CA   C  N S 232 
MSE C    C  N N 233 
MSE O    O  N N 234 
MSE OXT  O  N N 235 
MSE CB   C  N N 236 
MSE CG   C  N N 237 
MSE SE   SE N N 238 
MSE CE   C  N N 239 
MSE H    H  N N 240 
MSE H2   H  N N 241 
MSE HA   H  N N 242 
MSE HXT  H  N N 243 
MSE HB2  H  N N 244 
MSE HB3  H  N N 245 
MSE HG2  H  N N 246 
MSE HG3  H  N N 247 
MSE HE1  H  N N 248 
MSE HE2  H  N N 249 
MSE HE3  H  N N 250 
PHE N    N  N N 251 
PHE CA   C  N S 252 
PHE C    C  N N 253 
PHE O    O  N N 254 
PHE CB   C  N N 255 
PHE CG   C  Y N 256 
PHE CD1  C  Y N 257 
PHE CD2  C  Y N 258 
PHE CE1  C  Y N 259 
PHE CE2  C  Y N 260 
PHE CZ   C  Y N 261 
PHE OXT  O  N N 262 
PHE H    H  N N 263 
PHE H2   H  N N 264 
PHE HA   H  N N 265 
PHE HB2  H  N N 266 
PHE HB3  H  N N 267 
PHE HD1  H  N N 268 
PHE HD2  H  N N 269 
PHE HE1  H  N N 270 
PHE HE2  H  N N 271 
PHE HZ   H  N N 272 
PHE HXT  H  N N 273 
PRO N    N  N N 274 
PRO CA   C  N S 275 
PRO C    C  N N 276 
PRO O    O  N N 277 
PRO CB   C  N N 278 
PRO CG   C  N N 279 
PRO CD   C  N N 280 
PRO OXT  O  N N 281 
PRO H    H  N N 282 
PRO HA   H  N N 283 
PRO HB2  H  N N 284 
PRO HB3  H  N N 285 
PRO HG2  H  N N 286 
PRO HG3  H  N N 287 
PRO HD2  H  N N 288 
PRO HD3  H  N N 289 
PRO HXT  H  N N 290 
SER N    N  N N 291 
SER CA   C  N S 292 
SER C    C  N N 293 
SER O    O  N N 294 
SER CB   C  N N 295 
SER OG   O  N N 296 
SER OXT  O  N N 297 
SER H    H  N N 298 
SER H2   H  N N 299 
SER HA   H  N N 300 
SER HB2  H  N N 301 
SER HB3  H  N N 302 
SER HG   H  N N 303 
SER HXT  H  N N 304 
THR N    N  N N 305 
THR CA   C  N S 306 
THR C    C  N N 307 
THR O    O  N N 308 
THR CB   C  N R 309 
THR OG1  O  N N 310 
THR CG2  C  N N 311 
THR OXT  O  N N 312 
THR H    H  N N 313 
THR H2   H  N N 314 
THR HA   H  N N 315 
THR HB   H  N N 316 
THR HG1  H  N N 317 
THR HG21 H  N N 318 
THR HG22 H  N N 319 
THR HG23 H  N N 320 
THR HXT  H  N N 321 
TRP N    N  N N 322 
TRP CA   C  N S 323 
TRP C    C  N N 324 
TRP O    O  N N 325 
TRP CB   C  N N 326 
TRP CG   C  Y N 327 
TRP CD1  C  Y N 328 
TRP CD2  C  Y N 329 
TRP NE1  N  Y N 330 
TRP CE2  C  Y N 331 
TRP CE3  C  Y N 332 
TRP CZ2  C  Y N 333 
TRP CZ3  C  Y N 334 
TRP CH2  C  Y N 335 
TRP OXT  O  N N 336 
TRP H    H  N N 337 
TRP H2   H  N N 338 
TRP HA   H  N N 339 
TRP HB2  H  N N 340 
TRP HB3  H  N N 341 
TRP HD1  H  N N 342 
TRP HE1  H  N N 343 
TRP HE3  H  N N 344 
TRP HZ2  H  N N 345 
TRP HZ3  H  N N 346 
TRP HH2  H  N N 347 
TRP HXT  H  N N 348 
TYR N    N  N N 349 
TYR CA   C  N S 350 
TYR C    C  N N 351 
TYR O    O  N N 352 
TYR CB   C  N N 353 
TYR CG   C  Y N 354 
TYR CD1  C  Y N 355 
TYR CD2  C  Y N 356 
TYR CE1  C  Y N 357 
TYR CE2  C  Y N 358 
TYR CZ   C  Y N 359 
TYR OH   O  N N 360 
TYR OXT  O  N N 361 
TYR H    H  N N 362 
TYR H2   H  N N 363 
TYR HA   H  N N 364 
TYR HB2  H  N N 365 
TYR HB3  H  N N 366 
TYR HD1  H  N N 367 
TYR HD2  H  N N 368 
TYR HE1  H  N N 369 
TYR HE2  H  N N 370 
TYR HH   H  N N 371 
TYR HXT  H  N N 372 
VAL N    N  N N 373 
VAL CA   C  N S 374 
VAL C    C  N N 375 
VAL O    O  N N 376 
VAL CB   C  N N 377 
VAL CG1  C  N N 378 
VAL CG2  C  N N 379 
VAL OXT  O  N N 380 
VAL H    H  N N 381 
VAL H2   H  N N 382 
VAL HA   H  N N 383 
VAL HB   H  N N 384 
VAL HG11 H  N N 385 
VAL HG12 H  N N 386 
VAL HG13 H  N N 387 
VAL HG21 H  N N 388 
VAL HG22 H  N N 389 
VAL HG23 H  N N 390 
VAL HXT  H  N N 391 
ZN  ZN   ZN N N 392 
# 
loop_
_chem_comp_bond.comp_id 
_chem_comp_bond.atom_id_1 
_chem_comp_bond.atom_id_2 
_chem_comp_bond.value_order 
_chem_comp_bond.pdbx_aromatic_flag 
_chem_comp_bond.pdbx_stereo_config 
_chem_comp_bond.pdbx_ordinal 
ALA N   CA   sing N N 1   
ALA N   H    sing N N 2   
ALA N   H2   sing N N 3   
ALA CA  C    sing N N 4   
ALA CA  CB   sing N N 5   
ALA CA  HA   sing N N 6   
ALA C   O    doub N N 7   
ALA C   OXT  sing N N 8   
ALA CB  HB1  sing N N 9   
ALA CB  HB2  sing N N 10  
ALA CB  HB3  sing N N 11  
ALA OXT HXT  sing N N 12  
ARG N   CA   sing N N 13  
ARG N   H    sing N N 14  
ARG N   H2   sing N N 15  
ARG CA  C    sing N N 16  
ARG CA  CB   sing N N 17  
ARG CA  HA   sing N N 18  
ARG C   O    doub N N 19  
ARG C   OXT  sing N N 20  
ARG CB  CG   sing N N 21  
ARG CB  HB2  sing N N 22  
ARG CB  HB3  sing N N 23  
ARG CG  CD   sing N N 24  
ARG CG  HG2  sing N N 25  
ARG CG  HG3  sing N N 26  
ARG CD  NE   sing N N 27  
ARG CD  HD2  sing N N 28  
ARG CD  HD3  sing N N 29  
ARG NE  CZ   sing N N 30  
ARG NE  HE   sing N N 31  
ARG CZ  NH1  sing N N 32  
ARG CZ  NH2  doub N N 33  
ARG NH1 HH11 sing N N 34  
ARG NH1 HH12 sing N N 35  
ARG NH2 HH21 sing N N 36  
ARG NH2 HH22 sing N N 37  
ARG OXT HXT  sing N N 38  
ASN N   CA   sing N N 39  
ASN N   H    sing N N 40  
ASN N   H2   sing N N 41  
ASN CA  C    sing N N 42  
ASN CA  CB   sing N N 43  
ASN CA  HA   sing N N 44  
ASN C   O    doub N N 45  
ASN C   OXT  sing N N 46  
ASN CB  CG   sing N N 47  
ASN CB  HB2  sing N N 48  
ASN CB  HB3  sing N N 49  
ASN CG  OD1  doub N N 50  
ASN CG  ND2  sing N N 51  
ASN ND2 HD21 sing N N 52  
ASN ND2 HD22 sing N N 53  
ASN OXT HXT  sing N N 54  
ASP N   CA   sing N N 55  
ASP N   H    sing N N 56  
ASP N   H2   sing N N 57  
ASP CA  C    sing N N 58  
ASP CA  CB   sing N N 59  
ASP CA  HA   sing N N 60  
ASP C   O    doub N N 61  
ASP C   OXT  sing N N 62  
ASP CB  CG   sing N N 63  
ASP CB  HB2  sing N N 64  
ASP CB  HB3  sing N N 65  
ASP CG  OD1  doub N N 66  
ASP CG  OD2  sing N N 67  
ASP OD2 HD2  sing N N 68  
ASP OXT HXT  sing N N 69  
CYS N   CA   sing N N 70  
CYS N   H    sing N N 71  
CYS N   H2   sing N N 72  
CYS CA  C    sing N N 73  
CYS CA  CB   sing N N 74  
CYS CA  HA   sing N N 75  
CYS C   O    doub N N 76  
CYS C   OXT  sing N N 77  
CYS CB  SG   sing N N 78  
CYS CB  HB2  sing N N 79  
CYS CB  HB3  sing N N 80  
CYS SG  HG   sing N N 81  
CYS OXT HXT  sing N N 82  
GLN N   CA   sing N N 83  
GLN N   H    sing N N 84  
GLN N   H2   sing N N 85  
GLN CA  C    sing N N 86  
GLN CA  CB   sing N N 87  
GLN CA  HA   sing N N 88  
GLN C   O    doub N N 89  
GLN C   OXT  sing N N 90  
GLN CB  CG   sing N N 91  
GLN CB  HB2  sing N N 92  
GLN CB  HB3  sing N N 93  
GLN CG  CD   sing N N 94  
GLN CG  HG2  sing N N 95  
GLN CG  HG3  sing N N 96  
GLN CD  OE1  doub N N 97  
GLN CD  NE2  sing N N 98  
GLN NE2 HE21 sing N N 99  
GLN NE2 HE22 sing N N 100 
GLN OXT HXT  sing N N 101 
GLU N   CA   sing N N 102 
GLU N   H    sing N N 103 
GLU N   H2   sing N N 104 
GLU CA  C    sing N N 105 
GLU CA  CB   sing N N 106 
GLU CA  HA   sing N N 107 
GLU C   O    doub N N 108 
GLU C   OXT  sing N N 109 
GLU CB  CG   sing N N 110 
GLU CB  HB2  sing N N 111 
GLU CB  HB3  sing N N 112 
GLU CG  CD   sing N N 113 
GLU CG  HG2  sing N N 114 
GLU CG  HG3  sing N N 115 
GLU CD  OE1  doub N N 116 
GLU CD  OE2  sing N N 117 
GLU OE2 HE2  sing N N 118 
GLU OXT HXT  sing N N 119 
GLY N   CA   sing N N 120 
GLY N   H    sing N N 121 
GLY N   H2   sing N N 122 
GLY CA  C    sing N N 123 
GLY CA  HA2  sing N N 124 
GLY CA  HA3  sing N N 125 
GLY C   O    doub N N 126 
GLY C   OXT  sing N N 127 
GLY OXT HXT  sing N N 128 
HIS N   CA   sing N N 129 
HIS N   H    sing N N 130 
HIS N   H2   sing N N 131 
HIS CA  C    sing N N 132 
HIS CA  CB   sing N N 133 
HIS CA  HA   sing N N 134 
HIS C   O    doub N N 135 
HIS C   OXT  sing N N 136 
HIS CB  CG   sing N N 137 
HIS CB  HB2  sing N N 138 
HIS CB  HB3  sing N N 139 
HIS CG  ND1  sing Y N 140 
HIS CG  CD2  doub Y N 141 
HIS ND1 CE1  doub Y N 142 
HIS ND1 HD1  sing N N 143 
HIS CD2 NE2  sing Y N 144 
HIS CD2 HD2  sing N N 145 
HIS CE1 NE2  sing Y N 146 
HIS CE1 HE1  sing N N 147 
HIS NE2 HE2  sing N N 148 
HIS OXT HXT  sing N N 149 
HOH O   H1   sing N N 150 
HOH O   H2   sing N N 151 
ILE N   CA   sing N N 152 
ILE N   H    sing N N 153 
ILE N   H2   sing N N 154 
ILE CA  C    sing N N 155 
ILE CA  CB   sing N N 156 
ILE CA  HA   sing N N 157 
ILE C   O    doub N N 158 
ILE C   OXT  sing N N 159 
ILE CB  CG1  sing N N 160 
ILE CB  CG2  sing N N 161 
ILE CB  HB   sing N N 162 
ILE CG1 CD1  sing N N 163 
ILE CG1 HG12 sing N N 164 
ILE CG1 HG13 sing N N 165 
ILE CG2 HG21 sing N N 166 
ILE CG2 HG22 sing N N 167 
ILE CG2 HG23 sing N N 168 
ILE CD1 HD11 sing N N 169 
ILE CD1 HD12 sing N N 170 
ILE CD1 HD13 sing N N 171 
ILE OXT HXT  sing N N 172 
LEU N   CA   sing N N 173 
LEU N   H    sing N N 174 
LEU N   H2   sing N N 175 
LEU CA  C    sing N N 176 
LEU CA  CB   sing N N 177 
LEU CA  HA   sing N N 178 
LEU C   O    doub N N 179 
LEU C   OXT  sing N N 180 
LEU CB  CG   sing N N 181 
LEU CB  HB2  sing N N 182 
LEU CB  HB3  sing N N 183 
LEU CG  CD1  sing N N 184 
LEU CG  CD2  sing N N 185 
LEU CG  HG   sing N N 186 
LEU CD1 HD11 sing N N 187 
LEU CD1 HD12 sing N N 188 
LEU CD1 HD13 sing N N 189 
LEU CD2 HD21 sing N N 190 
LEU CD2 HD22 sing N N 191 
LEU CD2 HD23 sing N N 192 
LEU OXT HXT  sing N N 193 
LYS N   CA   sing N N 194 
LYS N   H    sing N N 195 
LYS N   H2   sing N N 196 
LYS CA  C    sing N N 197 
LYS CA  CB   sing N N 198 
LYS CA  HA   sing N N 199 
LYS C   O    doub N N 200 
LYS C   OXT  sing N N 201 
LYS CB  CG   sing N N 202 
LYS CB  HB2  sing N N 203 
LYS CB  HB3  sing N N 204 
LYS CG  CD   sing N N 205 
LYS CG  HG2  sing N N 206 
LYS CG  HG3  sing N N 207 
LYS CD  CE   sing N N 208 
LYS CD  HD2  sing N N 209 
LYS CD  HD3  sing N N 210 
LYS CE  NZ   sing N N 211 
LYS CE  HE2  sing N N 212 
LYS CE  HE3  sing N N 213 
LYS NZ  HZ1  sing N N 214 
LYS NZ  HZ2  sing N N 215 
LYS NZ  HZ3  sing N N 216 
LYS OXT HXT  sing N N 217 
MSE N   CA   sing N N 218 
MSE N   H    sing N N 219 
MSE N   H2   sing N N 220 
MSE CA  C    sing N N 221 
MSE CA  CB   sing N N 222 
MSE CA  HA   sing N N 223 
MSE C   O    doub N N 224 
MSE C   OXT  sing N N 225 
MSE OXT HXT  sing N N 226 
MSE CB  CG   sing N N 227 
MSE CB  HB2  sing N N 228 
MSE CB  HB3  sing N N 229 
MSE CG  SE   sing N N 230 
MSE CG  HG2  sing N N 231 
MSE CG  HG3  sing N N 232 
MSE SE  CE   sing N N 233 
MSE CE  HE1  sing N N 234 
MSE CE  HE2  sing N N 235 
MSE CE  HE3  sing N N 236 
PHE N   CA   sing N N 237 
PHE N   H    sing N N 238 
PHE N   H2   sing N N 239 
PHE CA  C    sing N N 240 
PHE CA  CB   sing N N 241 
PHE CA  HA   sing N N 242 
PHE C   O    doub N N 243 
PHE C   OXT  sing N N 244 
PHE CB  CG   sing N N 245 
PHE CB  HB2  sing N N 246 
PHE CB  HB3  sing N N 247 
PHE CG  CD1  doub Y N 248 
PHE CG  CD2  sing Y N 249 
PHE CD1 CE1  sing Y N 250 
PHE CD1 HD1  sing N N 251 
PHE CD2 CE2  doub Y N 252 
PHE CD2 HD2  sing N N 253 
PHE CE1 CZ   doub Y N 254 
PHE CE1 HE1  sing N N 255 
PHE CE2 CZ   sing Y N 256 
PHE CE2 HE2  sing N N 257 
PHE CZ  HZ   sing N N 258 
PHE OXT HXT  sing N N 259 
PRO N   CA   sing N N 260 
PRO N   CD   sing N N 261 
PRO N   H    sing N N 262 
PRO CA  C    sing N N 263 
PRO CA  CB   sing N N 264 
PRO CA  HA   sing N N 265 
PRO C   O    doub N N 266 
PRO C   OXT  sing N N 267 
PRO CB  CG   sing N N 268 
PRO CB  HB2  sing N N 269 
PRO CB  HB3  sing N N 270 
PRO CG  CD   sing N N 271 
PRO CG  HG2  sing N N 272 
PRO CG  HG3  sing N N 273 
PRO CD  HD2  sing N N 274 
PRO CD  HD3  sing N N 275 
PRO OXT HXT  sing N N 276 
SER N   CA   sing N N 277 
SER N   H    sing N N 278 
SER N   H2   sing N N 279 
SER CA  C    sing N N 280 
SER CA  CB   sing N N 281 
SER CA  HA   sing N N 282 
SER C   O    doub N N 283 
SER C   OXT  sing N N 284 
SER CB  OG   sing N N 285 
SER CB  HB2  sing N N 286 
SER CB  HB3  sing N N 287 
SER OG  HG   sing N N 288 
SER OXT HXT  sing N N 289 
THR N   CA   sing N N 290 
THR N   H    sing N N 291 
THR N   H2   sing N N 292 
THR CA  C    sing N N 293 
THR CA  CB   sing N N 294 
THR CA  HA   sing N N 295 
THR C   O    doub N N 296 
THR C   OXT  sing N N 297 
THR CB  OG1  sing N N 298 
THR CB  CG2  sing N N 299 
THR CB  HB   sing N N 300 
THR OG1 HG1  sing N N 301 
THR CG2 HG21 sing N N 302 
THR CG2 HG22 sing N N 303 
THR CG2 HG23 sing N N 304 
THR OXT HXT  sing N N 305 
TRP N   CA   sing N N 306 
TRP N   H    sing N N 307 
TRP N   H2   sing N N 308 
TRP CA  C    sing N N 309 
TRP CA  CB   sing N N 310 
TRP CA  HA   sing N N 311 
TRP C   O    doub N N 312 
TRP C   OXT  sing N N 313 
TRP CB  CG   sing N N 314 
TRP CB  HB2  sing N N 315 
TRP CB  HB3  sing N N 316 
TRP CG  CD1  doub Y N 317 
TRP CG  CD2  sing Y N 318 
TRP CD1 NE1  sing Y N 319 
TRP CD1 HD1  sing N N 320 
TRP CD2 CE2  doub Y N 321 
TRP CD2 CE3  sing Y N 322 
TRP NE1 CE2  sing Y N 323 
TRP NE1 HE1  sing N N 324 
TRP CE2 CZ2  sing Y N 325 
TRP CE3 CZ3  doub Y N 326 
TRP CE3 HE3  sing N N 327 
TRP CZ2 CH2  doub Y N 328 
TRP CZ2 HZ2  sing N N 329 
TRP CZ3 CH2  sing Y N 330 
TRP CZ3 HZ3  sing N N 331 
TRP CH2 HH2  sing N N 332 
TRP OXT HXT  sing N N 333 
TYR N   CA   sing N N 334 
TYR N   H    sing N N 335 
TYR N   H2   sing N N 336 
TYR CA  C    sing N N 337 
TYR CA  CB   sing N N 338 
TYR CA  HA   sing N N 339 
TYR C   O    doub N N 340 
TYR C   OXT  sing N N 341 
TYR CB  CG   sing N N 342 
TYR CB  HB2  sing N N 343 
TYR CB  HB3  sing N N 344 
TYR CG  CD1  doub Y N 345 
TYR CG  CD2  sing Y N 346 
TYR CD1 CE1  sing Y N 347 
TYR CD1 HD1  sing N N 348 
TYR CD2 CE2  doub Y N 349 
TYR CD2 HD2  sing N N 350 
TYR CE1 CZ   doub Y N 351 
TYR CE1 HE1  sing N N 352 
TYR CE2 CZ   sing Y N 353 
TYR CE2 HE2  sing N N 354 
TYR CZ  OH   sing N N 355 
TYR OH  HH   sing N N 356 
TYR OXT HXT  sing N N 357 
VAL N   CA   sing N N 358 
VAL N   H    sing N N 359 
VAL N   H2   sing N N 360 
VAL CA  C    sing N N 361 
VAL CA  CB   sing N N 362 
VAL CA  HA   sing N N 363 
VAL C   O    doub N N 364 
VAL C   OXT  sing N N 365 
VAL CB  CG1  sing N N 366 
VAL CB  CG2  sing N N 367 
VAL CB  HB   sing N N 368 
VAL CG1 HG11 sing N N 369 
VAL CG1 HG12 sing N N 370 
VAL CG1 HG13 sing N N 371 
VAL CG2 HG21 sing N N 372 
VAL CG2 HG22 sing N N 373 
VAL CG2 HG23 sing N N 374 
VAL OXT HXT  sing N N 375 
# 
_atom_sites.entry_id                    3LUU 
_atom_sites.fract_transf_matrix[1][1]   -0.00069588 
_atom_sites.fract_transf_matrix[1][2]   -0.00655012 
_atom_sites.fract_transf_matrix[1][3]   -0.01009866 
_atom_sites.fract_transf_matrix[2][1]   0.00973197 
_atom_sites.fract_transf_matrix[2][2]   -0.00625896 
_atom_sites.fract_transf_matrix[2][3]   0.00338903 
_atom_sites.fract_transf_matrix[3][1]   -0.01790818 
_atom_sites.fract_transf_matrix[3][2]   -0.02011318 
_atom_sites.fract_transf_matrix[3][3]   0.01427969 
_atom_sites.fract_transf_vector[1]      0.150128 
_atom_sites.fract_transf_vector[2]      0.376624 
_atom_sites.fract_transf_vector[3]      -0.085348 
# 
loop_
_atom_type.symbol 
C  
CL 
N  
O  
S  
SE 
ZN 
# 
loop_
_atom_site.group_PDB 
_atom_site.id 
_atom_site.type_symbol 
_atom_site.label_atom_id 
_atom_site.label_alt_id 
_atom_site.label_comp_id 
_atom_site.label_asym_id 
_atom_site.label_entity_id 
_atom_site.label_seq_id 
_atom_site.pdbx_PDB_ins_code 
_atom_site.Cartn_x 
_atom_site.Cartn_y 
_atom_site.Cartn_z 
_atom_site.occupancy 
_atom_site.B_iso_or_equiv 
_atom_site.pdbx_formal_charge 
_atom_site.auth_seq_id 
_atom_site.auth_comp_id 
_atom_site.auth_asym_id 
_atom_site.auth_atom_id 
_atom_site.pdbx_PDB_model_num 
ATOM   1   N  N   . SER A 1 3   ? 9.677   0.280   -17.830 1.00 55.86 ? 2   SER A N   1 
ATOM   2   C  CA  . SER A 1 3   ? 11.054  -0.248  -17.595 1.00 53.34 ? 2   SER A CA  1 
ATOM   3   C  C   . SER A 1 3   ? 11.809  0.490   -16.454 1.00 51.90 ? 2   SER A C   1 
ATOM   4   O  O   . SER A 1 3   ? 13.043  0.490   -16.460 1.00 55.39 ? 2   SER A O   1 
ATOM   5   C  CB  . SER A 1 3   ? 11.861  -0.185  -18.902 1.00 53.00 ? 2   SER A CB  1 
ATOM   6   N  N   . ASP A 1 4   ? 11.097  1.105   -15.490 1.00 45.87 ? 3   ASP A N   1 
ATOM   7   C  CA  . ASP A 1 4   ? 11.748  1.788   -14.334 1.00 40.21 ? 3   ASP A CA  1 
ATOM   8   C  C   . ASP A 1 4   ? 11.837  0.782   -13.168 1.00 36.39 ? 3   ASP A C   1 
ATOM   9   O  O   . ASP A 1 4   ? 10.812  0.349   -12.624 1.00 34.89 ? 3   ASP A O   1 
ATOM   10  C  CB  . ASP A 1 4   ? 11.015  3.094   -13.957 1.00 37.55 ? 3   ASP A CB  1 
ATOM   11  C  CG  . ASP A 1 4   ? 11.667  3.868   -12.773 1.00 37.53 ? 3   ASP A CG  1 
ATOM   12  O  OD1 . ASP A 1 4   ? 12.696  3.459   -12.175 1.00 29.04 ? 3   ASP A OD1 1 
ATOM   13  O  OD2 . ASP A 1 4   ? 11.095  4.922   -12.409 1.00 38.72 ? 3   ASP A OD2 1 
ATOM   14  N  N   . PRO A 1 5   ? 13.073  0.388   -12.799 1.00 32.48 ? 4   PRO A N   1 
ATOM   15  C  CA  . PRO A 1 5   ? 13.194  -0.664  -11.788 1.00 30.38 ? 4   PRO A CA  1 
ATOM   16  C  C   . PRO A 1 5   ? 12.611  -0.258  -10.447 1.00 27.95 ? 4   PRO A C   1 
ATOM   17  O  O   . PRO A 1 5   ? 12.216  -1.127  -9.677  1.00 28.16 ? 4   PRO A O   1 
ATOM   18  C  CB  . PRO A 1 5   ? 14.728  -0.857  -11.662 1.00 29.62 ? 4   PRO A CB  1 
ATOM   19  C  CG  . PRO A 1 5   ? 15.291  -0.358  -12.937 1.00 30.64 ? 4   PRO A CG  1 
ATOM   20  C  CD  . PRO A 1 5   ? 14.401  0.809   -13.294 1.00 31.15 ? 4   PRO A CD  1 
ATOM   21  N  N   . ARG A 1 6   ? 12.615  1.045   -10.164 1.00 22.93 ? 5   ARG A N   1 
ATOM   22  C  CA  . ARG A 1 6   ? 12.074  1.555   -8.924  1.00 25.31 ? 5   ARG A CA  1 
ATOM   23  C  C   . ARG A 1 6   ? 10.591  1.174   -8.753  1.00 24.15 ? 5   ARG A C   1 
ATOM   24  O  O   . ARG A 1 6   ? 10.158  0.980   -7.640  1.00 23.48 ? 5   ARG A O   1 
ATOM   25  C  CB  . ARG A 1 6   ? 12.204  3.096   -8.825  1.00 23.15 ? 5   ARG A CB  1 
ATOM   26  C  CG  . ARG A 1 6   ? 13.637  3.671   -8.689  1.00 24.19 ? 5   ARG A CG  1 
ATOM   27  C  CD  . ARG A 1 6   ? 13.573  5.210   -8.617  1.00 21.12 ? 5   ARG A CD  1 
ATOM   28  N  NE  . ARG A 1 6   ? 13.477  5.823   -9.949  1.00 28.10 ? 5   ARG A NE  1 
ATOM   29  C  CZ  . ARG A 1 6   ? 13.392  7.139   -10.197 1.00 39.61 ? 5   ARG A CZ  1 
ATOM   30  N  NH1 . ARG A 1 6   ? 13.354  8.031   -9.205  1.00 42.87 ? 5   ARG A NH1 1 
ATOM   31  N  NH2 . ARG A 1 6   ? 13.336  7.573   -11.456 1.00 44.20 ? 5   ARG A NH2 1 
ATOM   32  N  N   . THR A 1 7   ? 9.847   1.066   -9.859  1.00 24.62 ? 6   THR A N   1 
ATOM   33  C  CA  . THR A 1 7   ? 8.400   0.826   -9.825  1.00 23.65 ? 6   THR A CA  1 
ATOM   34  C  C   . THR A 1 7   ? 7.967   -0.520  -10.416 1.00 25.05 ? 6   THR A C   1 
ATOM   35  O  O   . THR A 1 7   ? 6.783   -0.721  -10.669 1.00 23.65 ? 6   THR A O   1 
ATOM   36  C  CB  . THR A 1 7   ? 7.633   1.982   -10.520 1.00 23.71 ? 6   THR A CB  1 
ATOM   37  O  OG1 . THR A 1 7   ? 8.009   2.045   -11.886 1.00 24.84 ? 6   THR A OG1 1 
ATOM   38  C  CG2 . THR A 1 7   ? 7.982   3.319   -9.891  1.00 24.20 ? 6   THR A CG2 1 
ATOM   39  N  N   . GLN A 1 8   ? 8.918   -1.446  -10.602 1.00 25.18 ? 7   GLN A N   1 
ATOM   40  C  CA  . GLN A 1 8   ? 8.631   -2.842  -10.982 1.00 23.39 ? 7   GLN A CA  1 
ATOM   41  C  C   . GLN A 1 8   ? 8.651   -3.723  -9.720  1.00 21.01 ? 7   GLN A C   1 
ATOM   42  O  O   . GLN A 1 8   ? 9.719   -4.037  -9.184  1.00 21.73 ? 7   GLN A O   1 
ATOM   43  C  CB  . GLN A 1 8   ? 9.658   -3.388  -11.996 1.00 22.48 ? 7   GLN A CB  1 
ATOM   44  N  N   . PRO A 1 9   ? 7.474   -4.155  -9.257  1.00 21.68 ? 8   PRO A N   1 
ATOM   45  C  CA  . PRO A 1 9   ? 7.415   -4.973  -8.063  1.00 19.86 ? 8   PRO A CA  1 
ATOM   46  C  C   . PRO A 1 9   ? 7.826   -6.432  -8.335  1.00 21.36 ? 8   PRO A C   1 
ATOM   47  O  O   . PRO A 1 9   ? 7.405   -7.001  -9.330  1.00 20.64 ? 8   PRO A O   1 
ATOM   48  C  CB  . PRO A 1 9   ? 5.937   -4.889  -7.689  1.00 21.53 ? 8   PRO A CB  1 
ATOM   49  C  CG  . PRO A 1 9   ? 5.243   -4.850  -8.997  1.00 22.86 ? 8   PRO A CG  1 
ATOM   50  C  CD  . PRO A 1 9   ? 6.139   -4.005  -9.874  1.00 23.33 ? 8   PRO A CD  1 
ATOM   51  N  N   . LEU A 1 10  ? 8.599   -7.022  -7.420  1.00 19.86 ? 9   LEU A N   1 
ATOM   52  C  CA  . LEU A 1 10  ? 8.984   -8.428  -7.479  1.00 20.59 ? 9   LEU A CA  1 
ATOM   53  C  C   . LEU A 1 10  ? 8.114   -9.305  -6.565  1.00 20.60 ? 9   LEU A C   1 
ATOM   54  O  O   . LEU A 1 10  ? 7.790   -10.446 -6.899  1.00 20.43 ? 9   LEU A O   1 
ATOM   55  C  CB  . LEU A 1 10  ? 10.467  -8.547  -7.092  1.00 23.41 ? 9   LEU A CB  1 
ATOM   56  C  CG  . LEU A 1 10  ? 11.466  -7.719  -7.924  1.00 25.69 ? 9   LEU A CG  1 
ATOM   57  C  CD1 . LEU A 1 10  ? 12.883  -7.784  -7.323  1.00 27.81 ? 9   LEU A CD1 1 
ATOM   58  C  CD2 . LEU A 1 10  ? 11.467  -8.219  -9.355  1.00 22.85 ? 9   LEU A CD2 1 
ATOM   59  N  N   . GLU A 1 11  ? 7.731   -8.779  -5.399  1.00 18.25 ? 10  GLU A N   1 
ATOM   60  C  CA  . GLU A 1 11  ? 6.879   -9.525  -4.471  1.00 15.91 ? 10  GLU A CA  1 
ATOM   61  C  C   . GLU A 1 11  ? 6.247   -8.553  -3.499  1.00 15.70 ? 10  GLU A C   1 
ATOM   62  O  O   . GLU A 1 11  ? 6.842   -7.507  -3.193  1.00 16.72 ? 10  GLU A O   1 
ATOM   63  C  CB  . GLU A 1 11  ? 7.725   -10.537 -3.690  1.00 18.31 ? 10  GLU A CB  1 
ATOM   64  C  CG  . GLU A 1 11  ? 6.983   -11.429 -2.701  1.00 18.26 ? 10  GLU A CG  1 
ATOM   65  C  CD  . GLU A 1 11  ? 7.886   -12.517 -2.144  1.00 21.44 ? 10  GLU A CD  1 
ATOM   66  O  OE1 . GLU A 1 11  ? 8.204   -13.430 -2.919  1.00 23.41 ? 10  GLU A OE1 1 
ATOM   67  O  OE2 . GLU A 1 11  ? 8.299   -12.446 -0.953  1.00 18.48 ? 10  GLU A OE2 1 
ATOM   68  N  N   . ILE A 1 12  ? 5.049   -8.904  -3.031  1.00 16.26 ? 11  ILE A N   1 
ATOM   69  C  CA  . ILE A 1 12  ? 4.284   -8.097  -2.079  1.00 16.26 ? 11  ILE A CA  1 
ATOM   70  C  C   . ILE A 1 12  ? 3.920   -8.981  -0.872  1.00 12.73 ? 11  ILE A C   1 
ATOM   71  O  O   . ILE A 1 12  ? 3.429   -10.098 -1.031  1.00 13.88 ? 11  ILE A O   1 
ATOM   72  C  CB  . ILE A 1 12  ? 2.984   -7.532  -2.735  1.00 15.84 ? 11  ILE A CB  1 
ATOM   73  C  CG1 . ILE A 1 12  ? 3.322   -6.658  -3.950  1.00 21.01 ? 11  ILE A CG1 1 
ATOM   74  C  CG2 . ILE A 1 12  ? 2.157   -6.707  -1.710  1.00 14.06 ? 11  ILE A CG2 1 
ATOM   75  C  CD1 . ILE A 1 12  ? 3.463   -7.453  -5.255  1.00 34.09 ? 11  ILE A CD1 1 
ATOM   76  N  N   . ARG A 1 13  ? 4.166   -8.486  0.321   1.00 12.62 ? 12  ARG A N   1 
ATOM   77  C  CA  . ARG A 1 13  ? 3.917   -9.240  1.543   1.00 14.31 ? 12  ARG A CA  1 
ATOM   78  C  C   . ARG A 1 13  ? 3.149   -8.366  2.500   1.00 16.29 ? 12  ARG A C   1 
ATOM   79  O  O   . ARG A 1 13  ? 3.750   -7.610  3.244   1.00 15.48 ? 12  ARG A O   1 
ATOM   80  C  CB  . ARG A 1 13  ? 5.228   -9.646  2.216   1.00 14.01 ? 12  ARG A CB  1 
ATOM   81  C  CG  . ARG A 1 13  ? 6.022   -10.612 1.403   1.00 16.27 ? 12  ARG A CG  1 
ATOM   82  C  CD  . ARG A 1 13  ? 7.337   -10.881 2.068   1.00 18.50 ? 12  ARG A CD  1 
ATOM   83  N  NE  . ARG A 1 13  ? 8.210   -9.700  2.129   1.00 16.31 ? 12  ARG A NE  1 
ATOM   84  C  CZ  . ARG A 1 13  ? 9.013   -9.286  1.146   1.00 18.80 ? 12  ARG A CZ  1 
ATOM   85  N  NH1 . ARG A 1 13  ? 9.062   -9.922  -0.018  1.00 18.05 ? 12  ARG A NH1 1 
ATOM   86  N  NH2 . ARG A 1 13  ? 9.776   -8.220  1.331   1.00 18.37 ? 12  ARG A NH2 1 
ATOM   87  N  N   . PRO A 1 14  ? 1.826   -8.509  2.538   1.00 16.60 ? 13  PRO A N   1 
ATOM   88  C  CA  . PRO A 1 14  ? 1.098   -7.797  3.579   1.00 17.34 ? 13  PRO A CA  1 
ATOM   89  C  C   . PRO A 1 14  ? 1.181   -8.547  4.920   1.00 17.48 ? 13  PRO A C   1 
ATOM   90  O  O   . PRO A 1 14  ? 0.737   -9.702  5.023   1.00 17.11 ? 13  PRO A O   1 
ATOM   91  C  CB  . PRO A 1 14  ? -0.324  -7.732  3.035   1.00 19.46 ? 13  PRO A CB  1 
ATOM   92  C  CG  . PRO A 1 14  ? -0.437  -8.831  2.056   1.00 20.28 ? 13  PRO A CG  1 
ATOM   93  C  CD  . PRO A 1 14  ? 0.946   -9.239  1.617   1.00 16.90 ? 13  PRO A CD  1 
ATOM   94  N  N   . LEU A 1 15  ? 1.780   -7.905  5.927   1.00 16.04 ? 14  LEU A N   1 
ATOM   95  C  CA  . LEU A 1 15  ? 2.072   -8.533  7.225   1.00 16.42 ? 14  LEU A CA  1 
ATOM   96  C  C   . LEU A 1 15  ? 1.046   -8.084  8.260   1.00 14.87 ? 14  LEU A C   1 
ATOM   97  O  O   . LEU A 1 15  ? 1.059   -6.951  8.717   1.00 16.08 ? 14  LEU A O   1 
ATOM   98  C  CB  . LEU A 1 15  ? 3.504   -8.212  7.667   1.00 16.53 ? 14  LEU A CB  1 
ATOM   99  C  CG  . LEU A 1 15  ? 4.671   -8.619  6.730   1.00 19.31 ? 14  LEU A CG  1 
ATOM   100 C  CD1 . LEU A 1 15  ? 5.976   -7.914  7.141   1.00 15.22 ? 14  LEU A CD1 1 
ATOM   101 C  CD2 . LEU A 1 15  ? 4.837   -10.174 6.678   1.00 17.23 ? 14  LEU A CD2 1 
HETATM 102 N  N   . MSE A 1 16  ? 0.144   -8.988  8.626   1.00 16.76 ? 15  MSE A N   1 
HETATM 103 C  CA  A MSE A 1 16  ? -0.966  -8.656  9.516   0.50 17.15 ? 15  MSE A CA  1 
HETATM 104 C  CA  B MSE A 1 16  ? -0.966  -8.646  9.522   0.50 18.08 ? 15  MSE A CA  1 
HETATM 105 C  C   . MSE A 1 16  ? -0.533  -8.356  10.947  1.00 18.23 ? 15  MSE A C   1 
HETATM 106 O  O   . MSE A 1 16  ? -1.135  -7.530  11.601  1.00 21.29 ? 15  MSE A O   1 
HETATM 107 C  CB  A MSE A 1 16  ? -2.000  -9.778  9.554   0.50 15.40 ? 15  MSE A CB  1 
HETATM 108 C  CB  B MSE A 1 16  ? -2.010  -9.751  9.594   0.50 17.51 ? 15  MSE A CB  1 
HETATM 109 C  CG  A MSE A 1 16  ? -2.501  -10.221 8.214   0.50 18.58 ? 15  MSE A CG  1 
HETATM 110 C  CG  B MSE A 1 16  ? -2.601  -10.170 8.300   0.50 23.99 ? 15  MSE A CG  1 
HETATM 111 SE SE  A MSE A 1 16  ? -3.280  -8.712  7.271   0.38 17.68 ? 15  MSE A SE  1 
HETATM 112 SE SE  B MSE A 1 16  ? -3.949  -8.955  7.581   0.37 37.07 ? 15  MSE A SE  1 
HETATM 113 C  CE  A MSE A 1 16  ? -4.404  -8.100  8.750   0.50 8.59  ? 15  MSE A CE  1 
HETATM 114 C  CE  B MSE A 1 16  ? -4.735  -10.334 6.465   0.50 19.00 ? 15  MSE A CE  1 
ATOM   115 N  N   . ILE A 1 17  ? 0.488   -9.044  11.439  1.00 14.67 ? 16  ILE A N   1 
ATOM   116 C  CA  . ILE A 1 17  ? 0.891   -8.863  12.835  1.00 16.40 ? 16  ILE A CA  1 
ATOM   117 C  C   . ILE A 1 17  ? 1.576   -7.499  13.012  1.00 16.50 ? 16  ILE A C   1 
ATOM   118 O  O   . ILE A 1 17  ? 1.186   -6.736  13.860  1.00 17.49 ? 16  ILE A O   1 
ATOM   119 C  CB  . ILE A 1 17  ? 1.777   -10.058 13.355  1.00 15.18 ? 16  ILE A CB  1 
ATOM   120 C  CG1 . ILE A 1 17  ? 1.028   -11.403 13.156  1.00 15.31 ? 16  ILE A CG1 1 
ATOM   121 C  CG2 . ILE A 1 17  ? 2.194   -9.874  14.836  1.00 15.20 ? 16  ILE A CG2 1 
ATOM   122 C  CD1 . ILE A 1 17  ? -0.359  -11.431 13.728  1.00 17.91 ? 16  ILE A CD1 1 
ATOM   123 N  N   . SER A 1 18  ? 2.567   -7.199  12.186  1.00 14.71 ? 17  SER A N   1 
ATOM   124 C  CA  . SER A 1 18  ? 3.265   -5.938  12.236  1.00 14.69 ? 17  SER A CA  1 
ATOM   125 C  C   . SER A 1 18  ? 2.527   -4.748  11.575  1.00 17.29 ? 17  SER A C   1 
ATOM   126 O  O   . SER A 1 18  ? 2.895   -3.600  11.770  1.00 16.34 ? 17  SER A O   1 
ATOM   127 C  CB  . SER A 1 18  ? 4.658   -6.121  11.667  1.00 14.85 ? 17  SER A CB  1 
ATOM   128 O  OG  . SER A 1 18  ? 4.590   -6.533  10.325  1.00 20.53 ? 17  SER A OG  1 
ATOM   129 N  N   . ARG A 1 19  ? 1.481   -5.039  10.810  1.00 16.40 ? 18  ARG A N   1 
ATOM   130 C  CA  . ARG A 1 19  ? 0.631   -4.044  10.164  1.00 14.59 ? 18  ARG A CA  1 
ATOM   131 C  C   . ARG A 1 19  ? 1.384   -3.188  9.163   1.00 12.66 ? 18  ARG A C   1 
ATOM   132 O  O   . ARG A 1 19  ? 1.221   -1.955  9.129   1.00 13.83 ? 18  ARG A O   1 
ATOM   133 C  CB  . ARG A 1 19  ? -0.158  -3.209  11.178  1.00 17.42 ? 18  ARG A CB  1 
ATOM   134 C  CG  . ARG A 1 19  ? -0.889  -4.099  12.183  1.00 24.15 ? 18  ARG A CG  1 
ATOM   135 C  CD  . ARG A 1 19  ? -2.323  -3.669  12.499  1.00 42.06 ? 18  ARG A CD  1 
ATOM   136 N  NE  . ARG A 1 19  ? -2.396  -2.485  13.359  1.00 46.70 ? 18  ARG A NE  1 
ATOM   137 C  CZ  . ARG A 1 19  ? -2.096  -2.444  14.666  1.00 51.85 ? 18  ARG A CZ  1 
ATOM   138 N  NH1 . ARG A 1 19  ? -1.660  -3.526  15.312  1.00 51.63 ? 18  ARG A NH1 1 
ATOM   139 N  NH2 . ARG A 1 19  ? -2.226  -1.297  15.343  1.00 46.09 ? 18  ARG A NH2 1 
ATOM   140 N  N   . VAL A 1 20  ? 2.124   -3.891  8.304   1.00 13.16 ? 19  VAL A N   1 
ATOM   141 C  CA  A VAL A 1 20  ? 2.896   -3.237  7.247   0.50 14.57 ? 19  VAL A CA  1 
ATOM   142 C  CA  B VAL A 1 20  ? 3.013   -3.305  7.299   0.50 14.06 ? 19  VAL A CA  1 
ATOM   143 C  C   . VAL A 1 20  ? 2.863   -4.089  6.010   1.00 15.93 ? 19  VAL A C   1 
ATOM   144 O  O   . VAL A 1 20  ? 2.754   -5.334  6.062   1.00 14.45 ? 19  VAL A O   1 
ATOM   145 C  CB  A VAL A 1 20  ? 4.378   -2.921  7.613   0.50 17.39 ? 19  VAL A CB  1 
ATOM   146 C  CB  B VAL A 1 20  ? 4.503   -3.459  7.731   0.50 15.73 ? 19  VAL A CB  1 
ATOM   147 C  CG1 A VAL A 1 20  ? 4.459   -2.156  8.918   0.50 16.98 ? 19  VAL A CG1 1 
ATOM   148 C  CG1 B VAL A 1 20  ? 5.441   -2.946  6.653   0.50 14.68 ? 19  VAL A CG1 1 
ATOM   149 C  CG2 A VAL A 1 20  ? 5.236   -4.185  7.649   0.50 16.14 ? 19  VAL A CG2 1 
ATOM   150 C  CG2 B VAL A 1 20  ? 4.784   -2.741  9.045   0.50 16.19 ? 19  VAL A CG2 1 
HETATM 151 N  N   . MSE A 1 21  ? 2.895   -3.397  4.872   1.00 14.45 ? 20  MSE A N   1 
HETATM 152 C  CA  . MSE A 1 21  ? 2.954   -4.079  3.576   1.00 16.36 ? 20  MSE A CA  1 
HETATM 153 C  C   . MSE A 1 21  ? 4.353   -3.879  3.008   1.00 14.40 ? 20  MSE A C   1 
HETATM 154 O  O   . MSE A 1 21  ? 4.802   -2.733  2.824   1.00 17.58 ? 20  MSE A O   1 
HETATM 155 C  CB  . MSE A 1 21  ? 1.886   -3.588  2.584   1.00 14.67 ? 20  MSE A CB  1 
HETATM 156 C  CG  . MSE A 1 21  ? 1.677   -4.572  1.404   1.00 15.90 ? 20  MSE A CG  1 
HETATM 157 SE SE  . MSE A 1 21  ? 0.366   -3.900  0.206   0.75 16.78 ? 20  MSE A SE  1 
HETATM 158 C  CE  . MSE A 1 21  ? 1.150   -2.300  -0.526  1.00 19.54 ? 20  MSE A CE  1 
ATOM   159 N  N   . GLU A 1 22  ? 5.044   -4.982  2.773   1.00 12.63 ? 21  GLU A N   1 
ATOM   160 C  CA  . GLU A 1 22  ? 6.367   -4.949  2.167   1.00 13.16 ? 21  GLU A CA  1 
ATOM   161 C  C   . GLU A 1 22  ? 6.231   -5.176  0.678   1.00 13.84 ? 21  GLU A C   1 
ATOM   162 O  O   . GLU A 1 22  ? 5.423   -5.984  0.242   1.00 13.83 ? 21  GLU A O   1 
ATOM   163 C  CB  . GLU A 1 22  ? 7.255   -6.025  2.755   1.00 13.46 ? 21  GLU A CB  1 
ATOM   164 C  CG  . GLU A 1 22  ? 7.486   -5.858  4.241   1.00 14.01 ? 21  GLU A CG  1 
ATOM   165 C  CD  . GLU A 1 22  ? 8.657   -6.680  4.734   1.00 20.07 ? 21  GLU A CD  1 
ATOM   166 O  OE1 . GLU A 1 22  ? 8.857   -7.785  4.209   1.00 15.31 ? 21  GLU A OE1 1 
ATOM   167 O  OE2 . GLU A 1 22  ? 9.359   -6.271  5.658   1.00 15.73 ? 21  GLU A OE2 1 
ATOM   168 N  N   . VAL A 1 23  ? 7.004   -4.435  -0.093  1.00 15.14 ? 22  VAL A N   1 
ATOM   169 C  CA  . VAL A 1 23  ? 7.072   -4.609  -1.547  1.00 14.97 ? 22  VAL A CA  1 
ATOM   170 C  C   . VAL A 1 23  ? 8.547   -4.581  -1.933  1.00 15.24 ? 22  VAL A C   1 
ATOM   171 O  O   . VAL A 1 23  ? 9.258   -3.644  -1.598  1.00 15.53 ? 22  VAL A O   1 
ATOM   172 C  CB  . VAL A 1 23  ? 6.351   -3.491  -2.328  1.00 14.20 ? 22  VAL A CB  1 
ATOM   173 C  CG1 . VAL A 1 23  ? 6.433   -3.803  -3.862  1.00 11.55 ? 22  VAL A CG1 1 
ATOM   174 C  CG2 . VAL A 1 23  ? 4.908   -3.310  -1.845  1.00 11.93 ? 22  VAL A CG2 1 
ATOM   175 N  N   . ASP A 1 24  ? 8.993   -5.643  -2.576  1.00 18.06 ? 23  ASP A N   1 
ATOM   176 C  CA  . ASP A 1 24  ? 10.346  -5.731  -3.098  1.00 17.31 ? 23  ASP A CA  1 
ATOM   177 C  C   . ASP A 1 24  ? 10.297  -5.187  -4.512  1.00 18.56 ? 23  ASP A C   1 
ATOM   178 O  O   . ASP A 1 24  ? 9.431   -5.580  -5.300  1.00 17.10 ? 23  ASP A O   1 
ATOM   179 C  CB  . ASP A 1 24  ? 10.801  -7.164  -3.192  1.00 16.80 ? 23  ASP A CB  1 
ATOM   180 C  CG  . ASP A 1 24  ? 11.067  -7.813  -1.848  1.00 17.55 ? 23  ASP A CG  1 
ATOM   181 O  OD1 . ASP A 1 24  ? 11.327  -7.165  -0.801  1.00 20.41 ? 23  ASP A OD1 1 
ATOM   182 O  OD2 . ASP A 1 24  ? 11.043  -9.040  -1.880  1.00 14.18 ? 23  ASP A OD2 1 
ATOM   183 N  N   . TRP A 1 25  ? 11.246  -4.307  -4.830  1.00 21.06 ? 24  TRP A N   1 
ATOM   184 C  CA  . TRP A 1 25  ? 11.274  -3.627  -6.130  1.00 21.93 ? 24  TRP A CA  1 
ATOM   185 C  C   . TRP A 1 25  ? 12.526  -4.042  -6.880  1.00 19.42 ? 24  TRP A C   1 
ATOM   186 O  O   . TRP A 1 25  ? 13.464  -4.524  -6.256  1.00 20.62 ? 24  TRP A O   1 
ATOM   187 C  CB  . TRP A 1 25  ? 11.327  -2.125  -5.915  1.00 20.17 ? 24  TRP A CB  1 
ATOM   188 C  CG  . TRP A 1 25  ? 10.190  -1.529  -5.134  1.00 19.84 ? 24  TRP A CG  1 
ATOM   189 C  CD1 . TRP A 1 25  ? 10.241  -1.087  -3.853  1.00 15.33 ? 24  TRP A CD1 1 
ATOM   190 C  CD2 . TRP A 1 25  ? 8.861   -1.292  -5.592  1.00 11.72 ? 24  TRP A CD2 1 
ATOM   191 N  NE1 . TRP A 1 25  ? 9.022   -0.579  -3.481  1.00 19.76 ? 24  TRP A NE1 1 
ATOM   192 C  CE2 . TRP A 1 25  ? 8.155   -0.700  -4.534  1.00 17.23 ? 24  TRP A CE2 1 
ATOM   193 C  CE3 . TRP A 1 25  ? 8.191   -1.535  -6.794  1.00 16.81 ? 24  TRP A CE3 1 
ATOM   194 C  CZ2 . TRP A 1 25  ? 6.802   -0.296  -4.656  1.00 17.89 ? 24  TRP A CZ2 1 
ATOM   195 C  CZ3 . TRP A 1 25  ? 6.868   -1.139  -6.920  1.00 21.51 ? 24  TRP A CZ3 1 
ATOM   196 C  CH2 . TRP A 1 25  ? 6.179   -0.537  -5.842  1.00 17.86 ? 24  TRP A CH2 1 
ATOM   197 N  N   . ALA A 1 26  ? 12.553  -3.790  -8.184  1.00 20.77 ? 25  ALA A N   1 
ATOM   198 C  CA  . ALA A 1 26  ? 13.670  -4.213  -9.051  1.00 21.98 ? 25  ALA A CA  1 
ATOM   199 C  C   . ALA A 1 26  ? 14.997  -3.437  -8.831  1.00 22.89 ? 25  ALA A C   1 
ATOM   200 O  O   . ALA A 1 26  ? 16.055  -3.945  -9.198  1.00 23.36 ? 25  ALA A O   1 
ATOM   201 C  CB  . ALA A 1 26  ? 13.247  -4.166  -10.495 1.00 20.82 ? 25  ALA A CB  1 
ATOM   202 N  N   . ASP A 1 27  ? 14.972  -2.242  -8.225  1.00 20.55 ? 26  ASP A N   1 
ATOM   203 C  CA  . ASP A 1 27  ? 16.229  -1.536  -7.876  1.00 22.62 ? 26  ASP A CA  1 
ATOM   204 C  C   . ASP A 1 27  ? 16.881  -2.088  -6.558  1.00 22.34 ? 26  ASP A C   1 
ATOM   205 O  O   . ASP A 1 27  ? 17.853  -1.512  -6.028  1.00 21.54 ? 26  ASP A O   1 
ATOM   206 C  CB  . ASP A 1 27  ? 15.980  -0.009  -7.778  1.00 22.24 ? 26  ASP A CB  1 
ATOM   207 C  CG  . ASP A 1 27  ? 15.119  0.368   -6.584  1.00 31.84 ? 26  ASP A CG  1 
ATOM   208 O  OD1 . ASP A 1 27  ? 14.320  -0.516  -6.147  1.00 25.89 ? 26  ASP A OD1 1 
ATOM   209 O  OD2 . ASP A 1 27  ? 15.247  1.527   -6.060  1.00 23.27 ? 26  ASP A OD2 1 
ATOM   210 N  N   . GLY A 1 28  ? 16.302  -3.169  -6.014  1.00 21.97 ? 27  GLY A N   1 
ATOM   211 C  CA  . GLY A 1 28  ? 16.766  -3.789  -4.766  1.00 20.85 ? 27  GLY A CA  1 
ATOM   212 C  C   . GLY A 1 28  ? 16.177  -3.187  -3.516  1.00 22.00 ? 27  GLY A C   1 
ATOM   213 O  O   . GLY A 1 28  ? 16.460  -3.643  -2.418  1.00 23.43 ? 27  GLY A O   1 
ATOM   214 N  N   . HIS A 1 29  ? 15.358  -2.151  -3.661  1.00 21.36 ? 28  HIS A N   1 
ATOM   215 C  CA  . HIS A 1 29  ? 14.740  -1.547  -2.513  1.00 19.54 ? 28  HIS A CA  1 
ATOM   216 C  C   . HIS A 1 29  ? 13.532  -2.398  -2.073  1.00 18.70 ? 28  HIS A C   1 
ATOM   217 O  O   . HIS A 1 29  ? 12.900  -3.031  -2.896  1.00 17.15 ? 28  HIS A O   1 
ATOM   218 C  CB  . HIS A 1 29  ? 14.287  -0.118  -2.854  1.00 20.67 ? 28  HIS A CB  1 
ATOM   219 C  CG  . HIS A 1 29  ? 13.775  0.625   -1.675  1.00 17.59 ? 28  HIS A CG  1 
ATOM   220 N  ND1 . HIS A 1 29  ? 14.528  0.802   -0.538  1.00 28.60 ? 28  HIS A ND1 1 
ATOM   221 C  CD2 . HIS A 1 29  ? 12.578  1.213   -1.433  1.00 23.98 ? 28  HIS A CD2 1 
ATOM   222 C  CE1 . HIS A 1 29  ? 13.825  1.473   0.355   1.00 27.99 ? 28  HIS A CE1 1 
ATOM   223 N  NE2 . HIS A 1 29  ? 12.638  1.733   -0.162  1.00 19.91 ? 28  HIS A NE2 1 
ATOM   224 N  N   . THR A 1 30  ? 13.263  -2.427  -0.765  1.00 22.46 ? 29  THR A N   1 
ATOM   225 C  CA  . THR A 1 30  ? 12.013  -2.973  -0.227  1.00 21.70 ? 29  THR A CA  1 
ATOM   226 C  C   . THR A 1 30  ? 11.318  -1.848  0.521   1.00 23.40 ? 29  THR A C   1 
ATOM   227 O  O   . THR A 1 30  ? 11.900  -1.236  1.434   1.00 24.19 ? 29  THR A O   1 
ATOM   228 C  CB  . THR A 1 30  ? 12.246  -4.166  0.707   1.00 21.61 ? 29  THR A CB  1 
ATOM   229 O  OG1 . THR A 1 30  ? 12.967  -5.166  0.000   1.00 20.21 ? 29  THR A OG1 1 
ATOM   230 C  CG2 . THR A 1 30  ? 10.899  -4.774  1.218   1.00 16.75 ? 29  THR A CG2 1 
ATOM   231 N  N   . SER A 1 31  ? 10.084  -1.543  0.118   1.00 22.91 ? 30  SER A N   1 
ATOM   232 C  CA  . SER A 1 31  ? 9.289   -0.567  0.847   1.00 22.12 ? 30  SER A CA  1 
ATOM   233 C  C   . SER A 1 31  ? 8.611   -1.285  1.975   1.00 23.26 ? 30  SER A C   1 
ATOM   234 O  O   . SER A 1 31  ? 8.225   -2.447  1.837   1.00 21.27 ? 30  SER A O   1 
ATOM   235 C  CB  . SER A 1 31  ? 8.241   0.075   -0.053  1.00 22.89 ? 30  SER A CB  1 
ATOM   236 O  OG  . SER A 1 31  ? 8.824   0.763   -1.150  1.00 24.94 ? 30  SER A OG  1 
ATOM   237 N  N   . ARG A 1 32  ? 8.522   -0.624  3.122   1.00 23.03 ? 31  ARG A N   1 
ATOM   238 C  CA  . ARG A 1 32  ? 7.731   -1.119  4.227   1.00 23.55 ? 31  ARG A CA  1 
ATOM   239 C  C   . ARG A 1 32  ? 6.757   0.011   4.551   1.00 23.96 ? 31  ARG A C   1 
ATOM   240 O  O   . ARG A 1 32  ? 7.128   0.991   5.198   1.00 24.71 ? 31  ARG A O   1 
ATOM   241 C  CB  . ARG A 1 32  ? 8.595   -1.493  5.423   1.00 24.46 ? 31  ARG A CB  1 
ATOM   242 C  CG  . ARG A 1 32  ? 9.594   -2.609  5.170   1.00 30.09 ? 31  ARG A CG  1 
ATOM   243 C  CD  . ARG A 1 32  ? 10.458  -2.901  6.438   1.00 36.27 ? 31  ARG A CD  1 
ATOM   244 N  NE  . ARG A 1 32  ? 9.918   -4.011  7.214   1.00 44.17 ? 31  ARG A NE  1 
ATOM   245 C  CZ  . ARG A 1 32  ? 9.067   -3.923  8.240   1.00 54.29 ? 31  ARG A CZ  1 
ATOM   246 N  NH1 . ARG A 1 32  ? 8.642   -2.752  8.702   1.00 58.21 ? 31  ARG A NH1 1 
ATOM   247 N  NH2 . ARG A 1 32  ? 8.642   -5.042  8.827   1.00 58.39 ? 31  ARG A NH2 1 
ATOM   248 N  N   . LEU A 1 33  ? 5.513   -0.146  4.089   1.00 17.09 ? 32  LEU A N   1 
ATOM   249 C  CA  . LEU A 1 33  ? 4.484   0.867   4.201   1.00 14.44 ? 32  LEU A CA  1 
ATOM   250 C  C   . LEU A 1 33  ? 3.451   0.396   5.214   1.00 16.56 ? 32  LEU A C   1 
ATOM   251 O  O   . LEU A 1 33  ? 2.891   -0.683  5.041   1.00 14.59 ? 32  LEU A O   1 
ATOM   252 C  CB  . LEU A 1 33  ? 3.838   1.098   2.840   1.00 16.17 ? 32  LEU A CB  1 
ATOM   253 C  CG  . LEU A 1 33  ? 4.760   1.749   1.805   1.00 16.05 ? 32  LEU A CG  1 
ATOM   254 C  CD1 . LEU A 1 33  ? 4.113   1.651   0.437   1.00 19.02 ? 32  LEU A CD1 1 
ATOM   255 C  CD2 . LEU A 1 33  ? 5.026   3.197   2.240   1.00 17.05 ? 32  LEU A CD2 1 
ATOM   256 N  N   . THR A 1 34  ? 3.222   1.173   6.284   1.00 13.63 ? 33  THR A N   1 
ATOM   257 C  CA  . THR A 1 34  ? 2.229   0.745   7.281   1.00 13.07 ? 33  THR A CA  1 
ATOM   258 C  C   . THR A 1 34  ? 0.820   0.724   6.664   1.00 12.89 ? 33  THR A C   1 
ATOM   259 O  O   . THR A 1 34  ? 0.450   1.549   5.796   1.00 14.69 ? 33  THR A O   1 
ATOM   260 C  CB  . THR A 1 34  ? 2.210   1.613   8.566   1.00 11.58 ? 33  THR A CB  1 
ATOM   261 O  OG1 . THR A 1 34  ? 1.811   2.933   8.234   1.00 13.36 ? 33  THR A OG1 1 
ATOM   262 C  CG2 . THR A 1 34  ? 3.582   1.620   9.270   1.00 14.85 ? 33  THR A CG2 1 
ATOM   263 N  N   . PHE A 1 35  ? 0.015   -0.222  7.131   1.00 13.92 ? 34  PHE A N   1 
ATOM   264 C  CA  . PHE A 1 35  ? -1.403  -0.249  6.756   1.00 13.33 ? 34  PHE A CA  1 
ATOM   265 C  C   . PHE A 1 35  ? -2.077  1.098   7.014   1.00 12.83 ? 34  PHE A C   1 
ATOM   266 O  O   . PHE A 1 35  ? -2.899  1.563   6.213   1.00 15.39 ? 34  PHE A O   1 
ATOM   267 C  CB  . PHE A 1 35  ? -2.108  -1.353  7.551   1.00 13.28 ? 34  PHE A CB  1 
ATOM   268 C  CG  . PHE A 1 35  ? -1.707  -2.768  7.151   1.00 12.86 ? 34  PHE A CG  1 
ATOM   269 C  CD1 . PHE A 1 35  ? -0.948  -3.026  6.018   1.00 17.90 ? 34  PHE A CD1 1 
ATOM   270 C  CD2 . PHE A 1 35  ? -2.158  -3.858  7.874   1.00 15.85 ? 34  PHE A CD2 1 
ATOM   271 C  CE1 . PHE A 1 35  ? -0.610  -4.314  5.650   1.00 15.43 ? 34  PHE A CE1 1 
ATOM   272 C  CE2 . PHE A 1 35  ? -1.814  -5.171  7.477   1.00 20.75 ? 34  PHE A CE2 1 
ATOM   273 C  CZ  . PHE A 1 35  ? -1.055  -5.376  6.354   1.00 14.46 ? 34  PHE A CZ  1 
ATOM   274 N  N   . GLU A 1 36  ? -1.744  1.711   8.151   1.00 12.97 ? 35  GLU A N   1 
ATOM   275 C  CA  . GLU A 1 36  ? -2.288  3.010   8.523   1.00 14.98 ? 35  GLU A CA  1 
ATOM   276 C  C   . GLU A 1 36  ? -1.977  4.061   7.475   1.00 14.30 ? 35  GLU A C   1 
ATOM   277 O  O   . GLU A 1 36  ? -2.847  4.790   7.061   1.00 14.60 ? 35  GLU A O   1 
ATOM   278 C  CB  . GLU A 1 36  ? -1.689  3.470   9.832   1.00 14.73 ? 35  GLU A CB  1 
ATOM   279 C  CG  . GLU A 1 36  ? -2.199  4.830   10.290  1.00 16.34 ? 35  GLU A CG  1 
ATOM   280 C  CD  . GLU A 1 36  ? -1.440  5.394   11.491  1.00 13.73 ? 35  GLU A CD  1 
ATOM   281 O  OE1 . GLU A 1 36  ? -0.244  5.057   11.691  1.00 15.19 ? 35  GLU A OE1 1 
ATOM   282 O  OE2 . GLU A 1 36  ? -2.067  6.176   12.244  1.00 14.88 ? 35  GLU A OE2 1 
ATOM   283 N  N   . HIS A 1 37  ? -0.702  4.161   7.111   1.00 15.37 ? 36  HIS A N   1 
ATOM   284 C  CA  . HIS A 1 37  ? -0.233  5.115   6.103   1.00 15.50 ? 36  HIS A CA  1 
ATOM   285 C  C   . HIS A 1 37  ? -0.951  4.919   4.773   1.00 14.91 ? 36  HIS A C   1 
ATOM   286 O  O   . HIS A 1 37  ? -1.468  5.878   4.190   1.00 15.02 ? 36  HIS A O   1 
ATOM   287 C  CB  . HIS A 1 37  ? 1.282   4.979   5.972   1.00 14.95 ? 36  HIS A CB  1 
ATOM   288 C  CG  . HIS A 1 37  ? 1.943   6.043   5.157   1.00 16.90 ? 36  HIS A CG  1 
ATOM   289 N  ND1 . HIS A 1 37  ? 3.263   5.958   4.781   1.00 18.36 ? 36  HIS A ND1 1 
ATOM   290 C  CD2 . HIS A 1 37  ? 1.490   7.216   4.669   1.00 18.43 ? 36  HIS A CD2 1 
ATOM   291 C  CE1 . HIS A 1 37  ? 3.591   7.029   4.089   1.00 21.61 ? 36  HIS A CE1 1 
ATOM   292 N  NE2 . HIS A 1 37  ? 2.532   7.801   3.999   1.00 16.44 ? 36  HIS A NE2 1 
ATOM   293 N  N   . LEU A 1 38  ? -1.047  3.670   4.337   1.00 14.82 ? 37  LEU A N   1 
ATOM   294 C  CA  . LEU A 1 38  ? -1.752  3.348   3.099   1.00 14.49 ? 37  LEU A CA  1 
ATOM   295 C  C   . LEU A 1 38  ? -3.230  3.803   3.153   1.00 14.59 ? 37  LEU A C   1 
ATOM   296 O  O   . LEU A 1 38  ? -3.775  4.382   2.200   1.00 15.97 ? 37  LEU A O   1 
ATOM   297 C  CB  . LEU A 1 38  ? -1.649  1.837   2.814   1.00 15.71 ? 37  LEU A CB  1 
ATOM   298 C  CG  . LEU A 1 38  ? -0.262  1.301   2.433   1.00 15.77 ? 37  LEU A CG  1 
ATOM   299 C  CD1 . LEU A 1 38  ? -0.229  -0.200  2.637   1.00 12.57 ? 37  LEU A CD1 1 
ATOM   300 C  CD2 . LEU A 1 38  ? 0.088   1.667   0.996   1.00 16.38 ? 37  LEU A CD2 1 
ATOM   301 N  N   . ARG A 1 39  ? -3.867  3.563   4.285   1.00 14.88 ? 38  ARG A N   1 
ATOM   302 C  CA  . ARG A 1 39  ? -5.253  3.951   4.439   1.00 15.68 ? 38  ARG A CA  1 
ATOM   303 C  C   . ARG A 1 39  ? -5.431  5.464   4.423   1.00 15.18 ? 38  ARG A C   1 
ATOM   304 O  O   . ARG A 1 39  ? -6.340  5.977   3.765   1.00 13.67 ? 38  ARG A O   1 
ATOM   305 C  CB  . ARG A 1 39  ? -5.825  3.317   5.720   1.00 12.68 ? 38  ARG A CB  1 
ATOM   306 C  CG  . ARG A 1 39  ? -7.287  3.633   6.013   1.00 16.67 ? 38  ARG A CG  1 
ATOM   307 C  CD  . ARG A 1 39  ? -8.204  3.202   4.904   1.00 18.66 ? 38  ARG A CD  1 
ATOM   308 N  NE  . ARG A 1 39  ? -9.547  3.705   5.117   1.00 20.04 ? 38  ARG A NE  1 
ATOM   309 C  CZ  . ARG A 1 39  ? -10.016 4.869   4.667   1.00 28.36 ? 38  ARG A CZ  1 
ATOM   310 N  NH1 . ARG A 1 39  ? -9.262  5.686   3.957   1.00 22.84 ? 38  ARG A NH1 1 
ATOM   311 N  NH2 . ARG A 1 39  ? -11.262 5.224   4.938   1.00 28.49 ? 38  ARG A NH2 1 
ATOM   312 N  N   . VAL A 1 40  ? -4.595  6.197   5.150   1.00 17.30 ? 39  VAL A N   1 
ATOM   313 C  CA  . VAL A 1 40  ? -4.813  7.648   5.224   1.00 17.68 ? 39  VAL A CA  1 
ATOM   314 C  C   . VAL A 1 40  ? -4.401  8.336   3.931   1.00 19.25 ? 39  VAL A C   1 
ATOM   315 O  O   . VAL A 1 40  ? -4.870  9.422   3.657   1.00 16.95 ? 39  VAL A O   1 
ATOM   316 C  CB  . VAL A 1 40  ? -4.179  8.303   6.472   1.00 20.56 ? 39  VAL A CB  1 
ATOM   317 C  CG1 . VAL A 1 40  ? -4.698  7.609   7.755   1.00 18.26 ? 39  VAL A CG1 1 
ATOM   318 C  CG2 . VAL A 1 40  ? -2.724  8.236   6.440   1.00 20.11 ? 39  VAL A CG2 1 
ATOM   319 N  N   . GLU A 1 41  ? -3.526  7.709   3.151   1.00 20.19 ? 40  GLU A N   1 
ATOM   320 C  CA  . GLU A 1 41  ? -3.168  8.168   1.773   1.00 26.87 ? 40  GLU A CA  1 
ATOM   321 C  C   . GLU A 1 41  ? -3.913  7.443   0.654   1.00 29.23 ? 40  GLU A C   1 
ATOM   322 O  O   . GLU A 1 41  ? -3.502  7.520   -0.488  1.00 33.45 ? 40  GLU A O   1 
ATOM   323 C  CB  . GLU A 1 41  ? -1.695  7.875   1.490   1.00 29.28 ? 40  GLU A CB  1 
ATOM   324 C  CG  . GLU A 1 41  ? -0.732  8.449   2.465   1.00 31.83 ? 40  GLU A CG  1 
ATOM   325 C  CD  . GLU A 1 41  ? -0.296  9.794   2.061   1.00 37.32 ? 40  GLU A CD  1 
ATOM   326 O  OE1 . GLU A 1 41  ? -1.126  10.448  1.397   1.00 29.56 ? 40  GLU A OE1 1 
ATOM   327 O  OE2 . GLU A 1 41  ? 0.865   10.162  2.383   1.00 23.32 ? 40  GLU A OE2 1 
ATOM   328 N  N   . CYS A 1 42  ? -4.951  6.691   0.976   1.00 34.75 ? 41  CYS A N   1 
ATOM   329 C  CA  . CYS A 1 42  ? -5.715  5.947   -0.018  1.00 41.06 ? 41  CYS A CA  1 
ATOM   330 C  C   . CYS A 1 42  ? -6.234  6.883   -1.118  1.00 47.50 ? 41  CYS A C   1 
ATOM   331 O  O   . CYS A 1 42  ? -7.058  7.738   -0.811  1.00 48.92 ? 41  CYS A O   1 
ATOM   332 C  CB  . CYS A 1 42  ? -6.881  5.246   0.679   1.00 41.45 ? 41  CYS A CB  1 
ATOM   333 S  SG  . CYS A 1 42  ? -7.912  4.257   -0.404  1.00 50.55 ? 41  CYS A SG  1 
ATOM   334 N  N   . PRO A 1 43  ? -5.758  6.735   -2.394  1.00 52.71 ? 42  PRO A N   1 
ATOM   335 C  CA  . PRO A 1 43  ? -6.184  7.659   -3.472  1.00 56.45 ? 42  PRO A CA  1 
ATOM   336 C  C   . PRO A 1 43  ? -7.705  7.727   -3.572  1.00 59.97 ? 42  PRO A C   1 
ATOM   337 O  O   . PRO A 1 43  ? -8.261  8.772   -3.926  1.00 64.22 ? 42  PRO A O   1 
ATOM   338 C  CB  . PRO A 1 43  ? -5.580  7.044   -4.741  1.00 55.82 ? 42  PRO A CB  1 
ATOM   339 C  CG  . PRO A 1 43  ? -4.526  6.166   -4.280  1.00 53.30 ? 42  PRO A CG  1 
ATOM   340 C  CD  . PRO A 1 43  ? -5.008  5.610   -2.971  1.00 52.88 ? 42  PRO A CD  1 
ATOM   341 N  N   . CYS A 1 44  ? -8.360  6.610   -3.260  1.00 62.15 ? 43  CYS A N   1 
ATOM   342 C  CA  . CYS A 1 44  ? -9.779  6.607   -2.953  1.00 63.40 ? 43  CYS A CA  1 
ATOM   343 C  C   . CYS A 1 44  ? -9.900  6.514   -1.441  1.00 63.79 ? 43  CYS A C   1 
ATOM   344 O  O   . CYS A 1 44  ? -10.821 7.062   -0.846  1.00 66.20 ? 43  CYS A O   1 
ATOM   345 C  CB  . CYS A 1 44  ? -10.489 5.441   -3.629  1.00 63.91 ? 43  CYS A CB  1 
ATOM   346 N  N   . ALA A 1 55  ? -7.084  23.051  4.745   1.00 33.46 ? 54  ALA A N   1 
ATOM   347 C  CA  . ALA A 1 55  ? -6.215  21.883  5.003   1.00 33.60 ? 54  ALA A CA  1 
ATOM   348 C  C   . ALA A 1 55  ? -6.832  20.903  6.019   1.00 32.43 ? 54  ALA A C   1 
ATOM   349 O  O   . ALA A 1 55  ? -6.983  21.222  7.206   1.00 33.86 ? 54  ALA A O   1 
ATOM   350 C  CB  . ALA A 1 55  ? -4.851  22.320  5.497   1.00 33.83 ? 54  ALA A CB  1 
ATOM   351 N  N   . GLN A 1 56  ? -7.167  19.702  5.563   1.00 28.21 ? 55  GLN A N   1 
ATOM   352 C  CA  . GLN A 1 56  ? -7.771  18.739  6.458   1.00 27.27 ? 55  GLN A CA  1 
ATOM   353 C  C   . GLN A 1 56  ? -6.714  17.911  7.202   1.00 20.86 ? 55  GLN A C   1 
ATOM   354 O  O   . GLN A 1 56  ? -5.559  17.729  6.748   1.00 17.41 ? 55  GLN A O   1 
ATOM   355 C  CB  . GLN A 1 56  ? -8.845  17.883  5.737   1.00 31.03 ? 55  GLN A CB  1 
ATOM   356 C  CG  . GLN A 1 56  ? -8.377  16.681  4.865   1.00 41.28 ? 55  GLN A CG  1 
ATOM   357 C  CD  . GLN A 1 56  ? -7.859  17.044  3.454   1.00 56.84 ? 55  GLN A CD  1 
ATOM   358 O  OE1 . GLN A 1 56  ? -7.195  18.076  3.243   1.00 62.71 ? 55  GLN A OE1 1 
ATOM   359 N  NE2 . GLN A 1 56  ? -8.141  16.161  2.489   1.00 64.29 ? 55  GLN A NE2 1 
ATOM   360 N  N   . ILE A 1 57  ? -7.140  17.443  8.364   1.00 18.21 ? 56  ILE A N   1 
ATOM   361 C  CA  . ILE A 1 57  ? -6.358  16.574  9.232   1.00 17.24 ? 56  ILE A CA  1 
ATOM   362 C  C   . ILE A 1 57  ? -7.006  15.214  9.099   1.00 16.06 ? 56  ILE A C   1 
ATOM   363 O  O   . ILE A 1 57  ? -8.160  15.026  9.479   1.00 18.12 ? 56  ILE A O   1 
ATOM   364 C  CB  . ILE A 1 57  ? -6.405  17.067  10.697  1.00 16.36 ? 56  ILE A CB  1 
ATOM   365 C  CG1 . ILE A 1 57  ? -5.835  18.497  10.795  1.00 18.83 ? 56  ILE A CG1 1 
ATOM   366 C  CG2 . ILE A 1 57  ? -5.635  16.108  11.623  1.00 6.89  ? 56  ILE A CG2 1 
ATOM   367 C  CD1 . ILE A 1 57  ? -6.243  19.220  12.048  1.00 16.85 ? 56  ILE A CD1 1 
ATOM   368 N  N   . VAL A 1 58  ? -6.283  14.281  8.516   1.00 14.18 ? 57  VAL A N   1 
ATOM   369 C  CA  . VAL A 1 58  ? -6.770  12.951  8.285   1.00 13.67 ? 57  VAL A CA  1 
ATOM   370 C  C   . VAL A 1 58  ? -6.168  12.075  9.379   1.00 16.52 ? 57  VAL A C   1 
ATOM   371 O  O   . VAL A 1 58  ? -4.942  11.922  9.456   1.00 17.44 ? 57  VAL A O   1 
ATOM   372 C  CB  . VAL A 1 58  ? -6.329  12.420  6.914   1.00 16.48 ? 57  VAL A CB  1 
ATOM   373 C  CG1 . VAL A 1 58  ? -6.923  11.005  6.666   1.00 12.64 ? 57  VAL A CG1 1 
ATOM   374 C  CG2 . VAL A 1 58  ? -6.744  13.387  5.821   1.00 15.43 ? 57  VAL A CG2 1 
ATOM   375 N  N   . THR A 1 59  ? -7.026  11.499  10.212  1.00 13.47 ? 58  THR A N   1 
ATOM   376 C  CA  . THR A 1 59  ? -6.584  10.787  11.406  1.00 14.76 ? 58  THR A CA  1 
ATOM   377 C  C   . THR A 1 59  ? -7.516  9.603   11.717  1.00 15.89 ? 58  THR A C   1 
ATOM   378 O  O   . THR A 1 59  ? -8.451  9.335   10.958  1.00 15.57 ? 58  THR A O   1 
ATOM   379 C  CB  . THR A 1 59  ? -6.521  11.812  12.591  1.00 17.45 ? 58  THR A CB  1 
ATOM   380 O  OG1 . THR A 1 59  ? -5.835  11.217  13.700  1.00 32.34 ? 58  THR A OG1 1 
ATOM   381 C  CG2 . THR A 1 59  ? -7.923  12.233  12.989  1.00 18.30 ? 58  THR A CG2 1 
ATOM   382 N  N   . GLY A 1 60  ? -7.239  8.866   12.791  1.00 14.95 ? 59  GLY A N   1 
ATOM   383 C  CA  . GLY A 1 60  ? -8.126  7.782   13.241  1.00 17.34 ? 59  GLY A CA  1 
ATOM   384 C  C   . GLY A 1 60  ? -8.048  6.424   12.555  1.00 16.05 ? 59  GLY A C   1 
ATOM   385 O  O   . GLY A 1 60  ? -8.985  5.608   12.674  1.00 13.76 ? 59  GLY A O   1 
ATOM   386 N  N   . LYS A 1 61  ? -6.946  6.139   11.855  1.00 15.31 ? 60  LYS A N   1 
ATOM   387 C  CA  . LYS A 1 61  ? -6.851  4.878   11.112  1.00 16.14 ? 60  LYS A CA  1 
ATOM   388 C  C   . LYS A 1 61  ? -5.730  3.968   11.613  1.00 14.61 ? 60  LYS A C   1 
ATOM   389 O  O   . LYS A 1 61  ? -5.360  3.033   10.929  1.00 15.39 ? 60  LYS A O   1 
ATOM   390 C  CB  . LYS A 1 61  ? -6.708  5.138   9.607   1.00 14.45 ? 60  LYS A CB  1 
ATOM   391 C  CG  . LYS A 1 61  ? -7.875  5.905   8.954   1.00 19.84 ? 60  LYS A CG  1 
ATOM   392 C  CD  . LYS A 1 61  ? -9.231  5.148   9.113   1.00 21.83 ? 60  LYS A CD  1 
ATOM   393 C  CE  . LYS A 1 61  ? -10.454 5.948   8.538   1.00 30.09 ? 60  LYS A CE  1 
ATOM   394 N  NZ  . LYS A 1 61  ? -11.797 5.261   8.814   1.00 37.78 ? 60  LYS A NZ  1 
ATOM   395 N  N   . GLU A 1 62  ? -5.248  4.209   12.829  1.00 15.20 ? 61  GLU A N   1 
ATOM   396 C  CA  . GLU A 1 62  ? -4.144  3.419   13.365  1.00 17.32 ? 61  GLU A CA  1 
ATOM   397 C  C   . GLU A 1 62  ? -4.469  1.927   13.554  1.00 16.25 ? 61  GLU A C   1 
ATOM   398 O  O   . GLU A 1 62  ? -3.581  1.075   13.517  1.00 13.89 ? 61  GLU A O   1 
ATOM   399 C  CB  . GLU A 1 62  ? -3.586  4.023   14.652  1.00 18.57 ? 61  GLU A CB  1 
ATOM   400 C  CG  . GLU A 1 62  ? -4.498  3.984   15.867  1.00 20.50 ? 61  GLU A CG  1 
ATOM   401 C  CD  . GLU A 1 62  ? -5.370  5.224   15.992  1.00 20.10 ? 61  GLU A CD  1 
ATOM   402 O  OE1 . GLU A 1 62  ? -5.608  5.901   14.963  1.00 19.15 ? 61  GLU A OE1 1 
ATOM   403 O  OE2 . GLU A 1 62  ? -5.801  5.519   17.129  1.00 27.05 ? 61  GLU A OE2 1 
ATOM   404 N  N   . HIS A 1 63  ? -5.748  1.615   13.735  1.00 15.95 ? 62  HIS A N   1 
ATOM   405 C  CA  . HIS A 1 63  ? -6.150  0.225   13.908  1.00 21.04 ? 62  HIS A CA  1 
ATOM   406 C  C   . HIS A 1 63  ? -6.658  -0.428  12.637  1.00 23.61 ? 62  HIS A C   1 
ATOM   407 O  O   . HIS A 1 63  ? -7.023  -1.610  12.651  1.00 25.08 ? 62  HIS A O   1 
ATOM   408 C  CB  . HIS A 1 63  ? -7.140  0.102   15.063  1.00 23.98 ? 62  HIS A CB  1 
ATOM   409 C  CG  . HIS A 1 63  ? -6.470  0.124   16.415  1.00 36.93 ? 62  HIS A CG  1 
ATOM   410 N  ND1 . HIS A 1 63  ? -6.651  1.141   17.330  1.00 48.62 ? 62  HIS A ND1 1 
ATOM   411 C  CD2 . HIS A 1 63  ? -5.597  -0.742  16.988  1.00 51.80 ? 62  HIS A CD2 1 
ATOM   412 C  CE1 . HIS A 1 63  ? -5.936  0.892   18.412  1.00 54.34 ? 62  HIS A CE1 1 
ATOM   413 N  NE2 . HIS A 1 63  ? -5.283  -0.242  18.229  1.00 55.60 ? 62  HIS A NE2 1 
ATOM   414 N  N   . VAL A 1 64  ? -6.586  0.276   11.509  1.00 19.86 ? 63  VAL A N   1 
ATOM   415 C  CA  . VAL A 1 64  ? -7.091  -0.285  10.252  1.00 20.01 ? 63  VAL A CA  1 
ATOM   416 C  C   . VAL A 1 64  ? -6.061  -1.289  9.685   1.00 21.49 ? 63  VAL A C   1 
ATOM   417 O  O   . VAL A 1 64  ? -4.830  -1.132  9.885   1.00 24.93 ? 63  VAL A O   1 
ATOM   418 C  CB  . VAL A 1 64  ? -7.527  0.870   9.298   1.00 20.96 ? 63  VAL A CB  1 
ATOM   419 C  CG1 . VAL A 1 64  ? -7.982  0.356   7.976   1.00 13.53 ? 63  VAL A CG1 1 
ATOM   420 C  CG2 . VAL A 1 64  ? -8.706  1.692   10.010  1.00 24.34 ? 63  VAL A CG2 1 
ATOM   421 N  N   . SER A 1 65  ? -6.553  -2.381  9.089   1.00 18.37 ? 64  SER A N   1 
ATOM   422 C  CA  . SER A 1 65  ? -5.666  -3.317  8.430   1.00 21.07 ? 64  SER A CA  1 
ATOM   423 C  C   . SER A 1 65  ? -6.041  -3.513  6.964   1.00 20.00 ? 64  SER A C   1 
ATOM   424 O  O   . SER A 1 65  ? -7.146  -3.204  6.552   1.00 15.10 ? 64  SER A O   1 
ATOM   425 C  CB  . SER A 1 65  ? -5.622  -4.655  9.173   1.00 21.70 ? 64  SER A CB  1 
ATOM   426 O  OG  . SER A 1 65  ? -6.848  -5.333  9.031   1.00 32.55 ? 64  SER A OG  1 
ATOM   427 N  N   . VAL A 1 66  ? -5.070  -3.977  6.174   1.00 18.99 ? 65  VAL A N   1 
ATOM   428 C  CA  . VAL A 1 66  ? -5.302  -4.404  4.815   1.00 18.95 ? 65  VAL A CA  1 
ATOM   429 C  C   . VAL A 1 66  ? -5.734  -5.869  4.898   1.00 18.06 ? 65  VAL A C   1 
ATOM   430 O  O   . VAL A 1 66  ? -4.991  -6.745  5.364   1.00 21.11 ? 65  VAL A O   1 
ATOM   431 C  CB  . VAL A 1 66  ? -4.062  -4.214  3.935   1.00 16.91 ? 65  VAL A CB  1 
ATOM   432 C  CG1 . VAL A 1 66  ? -4.263  -4.852  2.585   1.00 19.36 ? 65  VAL A CG1 1 
ATOM   433 C  CG2 . VAL A 1 66  ? -3.750  -2.707  3.806   1.00 14.12 ? 65  VAL A CG2 1 
ATOM   434 N  N   . VAL A 1 67  ? -6.964  -6.116  4.495   1.00 15.56 ? 66  VAL A N   1 
ATOM   435 C  CA  . VAL A 1 67  ? -7.531  -7.458  4.525   1.00 17.96 ? 66  VAL A CA  1 
ATOM   436 C  C   . VAL A 1 67  ? -7.242  -8.241  3.250   1.00 19.53 ? 66  VAL A C   1 
ATOM   437 O  O   . VAL A 1 67  ? -7.119  -9.466  3.302   1.00 21.61 ? 66  VAL A O   1 
ATOM   438 C  CB  . VAL A 1 67  ? -9.013  -7.432  4.894   1.00 19.14 ? 66  VAL A CB  1 
ATOM   439 C  CG1 . VAL A 1 67  ? -9.143  -6.855  6.299   1.00 21.59 ? 66  VAL A CG1 1 
ATOM   440 C  CG2 . VAL A 1 67  ? -9.832  -6.656  3.904   1.00 19.99 ? 66  VAL A CG2 1 
ATOM   441 N  N   . GLU A 1 68  ? -7.080  -7.546  2.119   1.00 19.51 ? 67  GLU A N   1 
ATOM   442 C  CA  . GLU A 1 68  ? -6.718  -8.187  0.877   1.00 20.55 ? 67  GLU A CA  1 
ATOM   443 C  C   . GLU A 1 68  ? -6.045  -7.231  -0.072  1.00 18.44 ? 67  GLU A C   1 
ATOM   444 O  O   . GLU A 1 68  ? -6.299  -6.046  -0.040  1.00 19.40 ? 67  GLU A O   1 
ATOM   445 C  CB  . GLU A 1 68  ? -7.971  -8.763  0.208   1.00 22.86 ? 67  GLU A CB  1 
ATOM   446 C  CG  . GLU A 1 68  ? -7.638  -9.964  -0.658  1.00 36.53 ? 67  GLU A CG  1 
ATOM   447 C  CD  . GLU A 1 68  ? -8.859  -10.722 -1.120  1.00 46.74 ? 67  GLU A CD  1 
ATOM   448 O  OE1 . GLU A 1 68  ? -9.996  -10.372 -0.711  1.00 58.08 ? 67  GLU A OE1 1 
ATOM   449 O  OE2 . GLU A 1 68  ? -8.667  -11.674 -1.912  1.00 62.47 ? 67  GLU A OE2 1 
ATOM   450 N  N   . VAL A 1 69  ? -5.168  -7.779  -0.897  1.00 18.41 ? 68  VAL A N   1 
ATOM   451 C  CA  . VAL A 1 69  ? -4.399  -7.058  -1.899  1.00 15.29 ? 68  VAL A CA  1 
ATOM   452 C  C   . VAL A 1 69  ? -4.710  -7.778  -3.217  1.00 17.92 ? 68  VAL A C   1 
ATOM   453 O  O   . VAL A 1 69  ? -4.420  -8.971  -3.348  1.00 14.73 ? 68  VAL A O   1 
ATOM   454 C  CB  . VAL A 1 69  ? -2.885  -7.134  -1.593  1.00 17.67 ? 68  VAL A CB  1 
ATOM   455 C  CG1 . VAL A 1 69  ? -2.083  -6.540  -2.725  1.00 17.34 ? 68  VAL A CG1 1 
ATOM   456 C  CG2 . VAL A 1 69  ? -2.551  -6.440  -0.248  1.00 16.29 ? 68  VAL A CG2 1 
ATOM   457 N  N   . VAL A 1 70  ? -5.330  -7.062  -4.169  1.00 16.78 ? 69  VAL A N   1 
ATOM   458 C  CA  . VAL A 1 70  ? -5.786  -7.639  -5.430  1.00 15.89 ? 69  VAL A CA  1 
ATOM   459 C  C   . VAL A 1 70  ? -5.104  -6.889  -6.591  1.00 14.93 ? 69  VAL A C   1 
ATOM   460 O  O   . VAL A 1 70  ? -5.202  -5.670  -6.700  1.00 14.73 ? 69  VAL A O   1 
ATOM   461 C  CB  . VAL A 1 70  ? -7.322  -7.529  -5.554  1.00 15.48 ? 69  VAL A CB  1 
ATOM   462 C  CG1 . VAL A 1 70  ? -7.813  -8.134  -6.870  1.00 16.82 ? 69  VAL A CG1 1 
ATOM   463 C  CG2 . VAL A 1 70  ? -8.003  -8.227  -4.374  1.00 18.74 ? 69  VAL A CG2 1 
ATOM   464 N  N   . PRO A 1 71  ? -4.402  -7.608  -7.462  1.00 14.13 ? 70  PRO A N   1 
ATOM   465 C  CA  . PRO A 1 71  ? -3.740  -6.906  -8.550  1.00 15.55 ? 70  PRO A CA  1 
ATOM   466 C  C   . PRO A 1 71  ? -4.751  -6.346  -9.531  1.00 16.72 ? 70  PRO A C   1 
ATOM   467 O  O   . PRO A 1 71  ? -5.793  -6.970  -9.781  1.00 15.35 ? 70  PRO A O   1 
ATOM   468 C  CB  . PRO A 1 71  ? -2.901  -7.979  -9.238  1.00 18.58 ? 70  PRO A CB  1 
ATOM   469 C  CG  . PRO A 1 71  ? -3.004  -9.198  -8.441  1.00 21.12 ? 70  PRO A CG  1 
ATOM   470 C  CD  . PRO A 1 71  ? -4.104  -9.048  -7.440  1.00 17.02 ? 70  PRO A CD  1 
ATOM   471 N  N   . VAL A 1 72  ? -4.443  -5.170  -10.058 1.00 14.87 ? 71  VAL A N   1 
ATOM   472 C  CA  . VAL A 1 72  ? -5.295  -4.493  -11.018 1.00 14.97 ? 71  VAL A CA  1 
ATOM   473 C  C   . VAL A 1 72  ? -4.422  -4.356  -12.257 1.00 15.56 ? 71  VAL A C   1 
ATOM   474 O  O   . VAL A 1 72  ? -3.443  -3.596  -12.276 1.00 15.56 ? 71  VAL A O   1 
ATOM   475 C  CB  . VAL A 1 72  ? -5.802  -3.146  -10.467 1.00 15.94 ? 71  VAL A CB  1 
ATOM   476 C  CG1 . VAL A 1 72  ? -6.565  -2.346  -11.555 1.00 14.22 ? 71  VAL A CG1 1 
ATOM   477 C  CG2 . VAL A 1 72  ? -6.682  -3.377  -9.213  1.00 8.79  ? 71  VAL A CG2 1 
ATOM   478 N  N   . GLY A 1 73  ? -4.730  -5.177  -13.261 1.00 15.25 ? 72  GLY A N   1 
ATOM   479 C  CA  . GLY A 1 73  ? -3.914  -5.256  -14.455 1.00 18.56 ? 72  GLY A CA  1 
ATOM   480 C  C   . GLY A 1 73  ? -2.479  -5.498  -14.045 1.00 20.80 ? 72  GLY A C   1 
ATOM   481 O  O   . GLY A 1 73  ? -2.237  -6.225  -13.085 1.00 20.57 ? 72  GLY A O   1 
ATOM   482 N  N   . HIS A 1 74  ? -1.549  -4.844  -14.741 1.00 22.49 ? 73  HIS A N   1 
ATOM   483 C  CA  . HIS A 1 74  ? -0.137  -4.895  -14.391 1.00 24.33 ? 73  HIS A CA  1 
ATOM   484 C  C   . HIS A 1 74  ? 0.357   -3.634  -13.703 1.00 22.96 ? 73  HIS A C   1 
ATOM   485 O  O   . HIS A 1 74  ? 1.510   -3.558  -13.339 1.00 25.71 ? 73  HIS A O   1 
ATOM   486 C  CB  . HIS A 1 74  ? 0.688   -5.111  -15.667 1.00 28.37 ? 73  HIS A CB  1 
ATOM   487 C  CG  . HIS A 1 74  ? 0.514   -6.473  -16.263 1.00 38.05 ? 73  HIS A CG  1 
ATOM   488 N  ND1 . HIS A 1 74  ? 0.733   -7.631  -15.543 1.00 50.82 ? 73  HIS A ND1 1 
ATOM   489 C  CD2 . HIS A 1 74  ? 0.150   -6.865  -17.508 1.00 50.30 ? 73  HIS A CD2 1 
ATOM   490 C  CE1 . HIS A 1 74  ? 0.500   -8.677  -16.317 1.00 54.01 ? 73  HIS A CE1 1 
ATOM   491 N  NE2 . HIS A 1 74  ? 0.153   -8.240  -17.516 1.00 54.43 ? 73  HIS A NE2 1 
ATOM   492 N  N   . TYR A 1 75  ? -0.496  -2.644  -13.505 1.00 21.34 ? 74  TYR A N   1 
ATOM   493 C  CA  . TYR A 1 75  ? -0.030  -1.316  -13.124 1.00 21.85 ? 74  TYR A CA  1 
ATOM   494 C  C   . TYR A 1 75  ? -0.390  -0.942  -11.698 1.00 18.34 ? 74  TYR A C   1 
ATOM   495 O  O   . TYR A 1 75  ? 0.155   0.026   -11.155 1.00 18.96 ? 74  TYR A O   1 
ATOM   496 C  CB  . TYR A 1 75  ? -0.591  -0.262  -14.098 1.00 21.71 ? 74  TYR A CB  1 
ATOM   497 C  CG  . TYR A 1 75  ? -2.092  0.054   -13.917 1.00 32.70 ? 74  TYR A CG  1 
ATOM   498 C  CD1 . TYR A 1 75  ? -3.086  -0.751  -14.489 1.00 32.78 ? 74  TYR A CD1 1 
ATOM   499 C  CD2 . TYR A 1 75  ? -2.512  1.178   -13.185 1.00 35.61 ? 74  TYR A CD2 1 
ATOM   500 C  CE1 . TYR A 1 75  ? -4.470  -0.444  -14.320 1.00 41.57 ? 74  TYR A CE1 1 
ATOM   501 C  CE2 . TYR A 1 75  ? -3.892  1.483   -13.002 1.00 40.18 ? 74  TYR A CE2 1 
ATOM   502 C  CZ  . TYR A 1 75  ? -4.867  0.672   -13.570 1.00 42.24 ? 74  TYR A CZ  1 
ATOM   503 O  OH  . TYR A 1 75  ? -6.213  0.987   -13.388 1.00 35.89 ? 74  TYR A OH  1 
ATOM   504 N  N   . ALA A 1 76  ? -1.296  -1.685  -11.065 1.00 18.89 ? 75  ALA A N   1 
ATOM   505 C  CA  . ALA A 1 76  ? -1.751  -1.282  -9.744  1.00 15.36 ? 75  ALA A CA  1 
ATOM   506 C  C   . ALA A 1 76  ? -2.201  -2.466  -8.878  1.00 15.40 ? 75  ALA A C   1 
ATOM   507 O  O   . ALA A 1 76  ? -2.195  -3.621  -9.315  1.00 14.07 ? 75  ALA A O   1 
ATOM   508 C  CB  . ALA A 1 76  ? -2.863  -0.257  -9.902  1.00 14.17 ? 75  ALA A CB  1 
ATOM   509 N  N   . VAL A 1 77  ? -2.492  -2.168  -7.616  1.00 16.71 ? 76  VAL A N   1 
ATOM   510 C  CA  . VAL A 1 77  ? -3.177  -3.088  -6.718  1.00 17.96 ? 76  VAL A CA  1 
ATOM   511 C  C   . VAL A 1 77  ? -4.365  -2.349  -6.063  1.00 18.92 ? 76  VAL A C   1 
ATOM   512 O  O   . VAL A 1 77  ? -4.317  -1.140  -5.805  1.00 20.46 ? 76  VAL A O   1 
ATOM   513 C  CB  . VAL A 1 77  ? -2.295  -3.704  -5.555  1.00 18.17 ? 76  VAL A CB  1 
ATOM   514 C  CG1 . VAL A 1 77  ? -1.449  -4.869  -6.056  1.00 22.28 ? 76  VAL A CG1 1 
ATOM   515 C  CG2 . VAL A 1 77  ? -1.478  -2.618  -4.777  1.00 19.59 ? 76  VAL A CG2 1 
ATOM   516 N  N   . GLN A 1 78  ? -5.413  -3.109  -5.798  1.00 16.76 ? 77  GLN A N   1 
ATOM   517 C  CA  . GLN A 1 78  ? -6.557  -2.633  -5.065  1.00 17.10 ? 77  GLN A CA  1 
ATOM   518 C  C   . GLN A 1 78  ? -6.345  -3.139  -3.641  1.00 15.46 ? 77  GLN A C   1 
ATOM   519 O  O   . GLN A 1 78  ? -6.147  -4.353  -3.422  1.00 15.64 ? 77  GLN A O   1 
ATOM   520 C  CB  . GLN A 1 78  ? -7.818  -3.249  -5.644  1.00 16.14 ? 77  GLN A CB  1 
ATOM   521 C  CG  . GLN A 1 78  ? -9.109  -2.797  -4.983  1.00 18.37 ? 77  GLN A CG  1 
ATOM   522 C  CD  . GLN A 1 78  ? -10.328 -3.602  -5.442  1.00 23.38 ? 77  GLN A CD  1 
ATOM   523 O  OE1 . GLN A 1 78  ? -10.283 -4.851  -5.601  1.00 26.01 ? 77  GLN A OE1 1 
ATOM   524 N  NE2 . GLN A 1 78  ? -11.432 -2.907  -5.612  1.00 30.73 ? 77  GLN A NE2 1 
ATOM   525 N  N   . LEU A 1 79  ? -6.393  -2.241  -2.674  1.00 14.08 ? 78  LEU A N   1 
ATOM   526 C  CA  . LEU A 1 79  ? -6.273  -2.654  -1.271  1.00 13.43 ? 78  LEU A CA  1 
ATOM   527 C  C   . LEU A 1 79  ? -7.670  -2.634  -0.642  1.00 15.13 ? 78  LEU A C   1 
ATOM   528 O  O   . LEU A 1 79  ? -8.434  -1.683  -0.832  1.00 16.16 ? 78  LEU A O   1 
ATOM   529 C  CB  . LEU A 1 79  ? -5.308  -1.766  -0.496  1.00 14.72 ? 78  LEU A CB  1 
ATOM   530 C  CG  . LEU A 1 79  ? -3.877  -1.626  -0.995  1.00 17.57 ? 78  LEU A CG  1 
ATOM   531 C  CD1 . LEU A 1 79  ? -3.057  -0.893  0.036   1.00 19.52 ? 78  LEU A CD1 1 
ATOM   532 C  CD2 . LEU A 1 79  ? -3.286  -2.987  -1.367  1.00 16.07 ? 78  LEU A CD2 1 
ATOM   533 N  N   . HIS A 1 80  ? -8.030  -3.713  0.039   1.00 14.17 ? 79  HIS A N   1 
ATOM   534 C  CA  . HIS A 1 80  ? -9.275  -3.776  0.811   1.00 15.84 ? 79  HIS A CA  1 
ATOM   535 C  C   . HIS A 1 80  ? -8.932  -3.609  2.286   1.00 17.46 ? 79  HIS A C   1 
ATOM   536 O  O   . HIS A 1 80  ? -8.086  -4.336  2.822   1.00 18.23 ? 79  HIS A O   1 
ATOM   537 C  CB  . HIS A 1 80  ? -9.998  -5.100  0.593   1.00 15.06 ? 79  HIS A CB  1 
ATOM   538 C  CG  . HIS A 1 80  ? -10.398 -5.330  -0.821  1.00 23.35 ? 79  HIS A CG  1 
ATOM   539 N  ND1 . HIS A 1 80  ? -11.707 -5.262  -1.240  1.00 32.98 ? 79  HIS A ND1 1 
ATOM   540 C  CD2 . HIS A 1 80  ? -9.659  -5.579  -1.923  1.00 24.72 ? 79  HIS A CD2 1 
ATOM   541 C  CE1 . HIS A 1 80  ? -11.756 -5.480  -2.539  1.00 31.00 ? 79  HIS A CE1 1 
ATOM   542 N  NE2 . HIS A 1 80  ? -10.530 -5.680  -2.977  1.00 27.13 ? 79  HIS A NE2 1 
ATOM   543 N  N   . PHE A 1 81  ? -9.590  -2.661  2.926   1.00 17.23 ? 80  PHE A N   1 
ATOM   544 C  CA  . PHE A 1 81  ? -9.294  -2.299  4.297   1.00 17.71 ? 80  PHE A CA  1 
ATOM   545 C  C   . PHE A 1 81  ? -10.378 -2.791  5.256   1.00 18.90 ? 80  PHE A C   1 
ATOM   546 O  O   . PHE A 1 81  ? -11.519 -3.076  4.859   1.00 16.34 ? 80  PHE A O   1 
ATOM   547 C  CB  . PHE A 1 81  ? -9.140  -0.777  4.422   1.00 15.68 ? 80  PHE A CB  1 
ATOM   548 C  CG  . PHE A 1 81  ? -7.948  -0.217  3.681   1.00 15.52 ? 80  PHE A CG  1 
ATOM   549 C  CD1 . PHE A 1 81  ? -6.683  -0.247  4.253   1.00 13.35 ? 80  PHE A CD1 1 
ATOM   550 C  CD2 . PHE A 1 81  ? -8.104  0.391   2.448   1.00 13.86 ? 80  PHE A CD2 1 
ATOM   551 C  CE1 . PHE A 1 81  ? -5.580  0.300   3.583   1.00 10.36 ? 80  PHE A CE1 1 
ATOM   552 C  CE2 . PHE A 1 81  ? -7.012  0.932   1.768   1.00 15.47 ? 80  PHE A CE2 1 
ATOM   553 C  CZ  . PHE A 1 81  ? -5.746  0.879   2.351   1.00 16.56 ? 80  PHE A CZ  1 
ATOM   554 N  N   . SER A 1 82  ? -9.998  -2.889  6.526   1.00 18.94 ? 81  SER A N   1 
ATOM   555 C  CA  . SER A 1 82  ? -10.865 -3.439  7.558   1.00 18.83 ? 81  SER A CA  1 
ATOM   556 C  C   . SER A 1 82  ? -11.995 -2.478  7.997   1.00 21.47 ? 81  SER A C   1 
ATOM   557 O  O   . SER A 1 82  ? -12.940 -2.905  8.640   1.00 22.99 ? 81  SER A O   1 
ATOM   558 C  CB  . SER A 1 82  ? -10.010 -3.891  8.736   1.00 18.08 ? 81  SER A CB  1 
ATOM   559 O  OG  . SER A 1 82  ? -9.417  -2.785  9.371   1.00 15.78 ? 81  SER A OG  1 
ATOM   560 N  N   . ASP A 1 83  ? -11.903 -1.192  7.649   1.00 22.36 ? 82  ASP A N   1 
ATOM   561 C  CA  . ASP A 1 83  ? -13.017 -0.256  7.857   1.00 25.15 ? 82  ASP A CA  1 
ATOM   562 C  C   . ASP A 1 83  ? -14.072 -0.248  6.705   1.00 28.88 ? 82  ASP A C   1 
ATOM   563 O  O   . ASP A 1 83  ? -14.944 0.603   6.716   1.00 36.04 ? 82  ASP A O   1 
ATOM   564 C  CB  . ASP A 1 83  ? -12.500 1.162   8.175   1.00 21.75 ? 82  ASP A CB  1 
ATOM   565 C  CG  . ASP A 1 83  ? -11.660 1.761   7.050   1.00 25.13 ? 82  ASP A CG  1 
ATOM   566 O  OD1 . ASP A 1 83  ? -11.254 1.042   6.119   1.00 22.61 ? 82  ASP A OD1 1 
ATOM   567 O  OD2 . ASP A 1 83  ? -11.430 2.972   7.074   1.00 30.20 ? 82  ASP A OD2 1 
ATOM   568 N  N   . GLY A 1 84  ? -14.020 -1.206  5.761   1.00 33.54 ? 83  GLY A N   1 
ATOM   569 C  CA  . GLY A 1 84  ? -14.988 -1.323  4.612   1.00 34.05 ? 83  GLY A CA  1 
ATOM   570 C  C   . GLY A 1 84  ? -14.514 -0.662  3.303   1.00 33.63 ? 83  GLY A C   1 
ATOM   571 O  O   . GLY A 1 84  ? -15.056 -0.888  2.196   1.00 31.18 ? 83  GLY A O   1 
ATOM   572 N  N   . HIS A 1 85  ? -13.479 0.159   3.430   1.00 33.26 ? 84  HIS A N   1 
ATOM   573 C  CA  A HIS A 1 85  ? -13.024 0.918   2.288   0.50 32.61 ? 84  HIS A CA  1 
ATOM   574 C  CA  B HIS A 1 85  ? -12.931 0.946   2.328   0.50 32.78 ? 84  HIS A CA  1 
ATOM   575 C  C   . HIS A 1 85  ? -12.170 0.021   1.383   1.00 32.38 ? 84  HIS A C   1 
ATOM   576 O  O   . HIS A 1 85  ? -11.303 -0.729  1.818   1.00 27.51 ? 84  HIS A O   1 
ATOM   577 C  CB  A HIS A 1 85  ? -12.426 2.246   2.745   0.50 32.46 ? 84  HIS A CB  1 
ATOM   578 C  CB  B HIS A 1 85  ? -12.011 2.041   2.876   0.50 32.86 ? 84  HIS A CB  1 
ATOM   579 C  CG  A HIS A 1 85  ? -13.444 3.133   3.402   0.50 33.26 ? 84  HIS A CG  1 
ATOM   580 C  CG  B HIS A 1 85  ? -11.435 2.917   1.814   0.50 34.26 ? 84  HIS A CG  1 
ATOM   581 N  ND1 A HIS A 1 85  ? -14.228 4.019   2.692   0.50 36.05 ? 84  HIS A ND1 1 
ATOM   582 N  ND1 B HIS A 1 85  ? -12.218 3.731   1.032   0.50 31.44 ? 84  HIS A ND1 1 
ATOM   583 C  CD2 A HIS A 1 85  ? -13.868 3.205   4.687   0.50 25.75 ? 84  HIS A CD2 1 
ATOM   584 C  CD2 B HIS A 1 85  ? -10.161 3.102   1.394   0.50 31.33 ? 84  HIS A CD2 1 
ATOM   585 C  CE1 A HIS A 1 85  ? -15.055 4.634   3.521   0.50 36.55 ? 84  HIS A CE1 1 
ATOM   586 C  CE1 B HIS A 1 85  ? -11.455 4.378   0.174   0.50 34.37 ? 84  HIS A CE1 1 
ATOM   587 N  NE2 A HIS A 1 85  ? -14.857 4.157   4.737   0.50 36.80 ? 84  HIS A NE2 1 
ATOM   588 N  NE2 B HIS A 1 85  ? -10.202 4.014   0.373   0.50 28.83 ? 84  HIS A NE2 1 
ATOM   589 N  N   . ASN A 1 86  ? -12.503 0.053   0.114   1.00 35.17 ? 85  ASN A N   1 
ATOM   590 C  CA  . ASN A 1 86  ? -12.049 -0.991  -0.822  1.00 39.45 ? 85  ASN A CA  1 
ATOM   591 C  C   . ASN A 1 86  ? -11.932 -0.497  -2.230  1.00 42.29 ? 85  ASN A C   1 
ATOM   592 O  O   . ASN A 1 86  ? -11.575 -1.251  -3.131  1.00 42.99 ? 85  ASN A O   1 
ATOM   593 C  CB  . ASN A 1 86  ? -13.025 -2.178  -0.803  1.00 38.02 ? 85  ASN A CB  1 
ATOM   594 N  N   . THR A 1 87  ? -12.326 0.760   -2.428  1.00 46.78 ? 86  THR A N   1 
ATOM   595 C  CA  . THR A 1 87  ? -11.746 1.558   -3.470  1.00 48.99 ? 86  THR A CA  1 
ATOM   596 C  C   . THR A 1 87  ? -10.355 1.795   -2.876  1.00 47.03 ? 86  THR A C   1 
ATOM   597 O  O   . THR A 1 87  ? -10.028 1.364   -1.739  1.00 49.91 ? 86  THR A O   1 
ATOM   598 C  CB  . THR A 1 87  ? -12.505 2.912   -3.758  1.00 49.73 ? 86  THR A CB  1 
ATOM   599 O  OG1 . THR A 1 87  ? -13.894 2.784   -3.438  1.00 52.16 ? 86  THR A OG1 1 
ATOM   600 C  CG2 . THR A 1 87  ? -12.355 3.313   -5.235  1.00 51.03 ? 86  THR A CG2 1 
ATOM   601 N  N   . GLY A 1 88  ? -9.526  2.448   -3.660  1.00 42.03 ? 87  GLY A N   1 
ATOM   602 C  CA  . GLY A 1 88  ? -8.149  2.578   -3.325  1.00 35.23 ? 87  GLY A CA  1 
ATOM   603 C  C   . GLY A 1 88  ? -7.465  1.651   -4.276  1.00 28.71 ? 87  GLY A C   1 
ATOM   604 O  O   . GLY A 1 88  ? -7.210  0.494   -3.935  1.00 24.44 ? 87  GLY A O   1 
ATOM   605 N  N   . ILE A 1 89  ? -7.233  2.167   -5.481  1.00 22.57 ? 88  ILE A N   1 
ATOM   606 C  CA  . ILE A 1 89  ? -6.371  1.513   -6.461  1.00 23.18 ? 88  ILE A CA  1 
ATOM   607 C  C   . ILE A 1 89  ? -5.061  2.261   -6.300  1.00 21.62 ? 88  ILE A C   1 
ATOM   608 O  O   . ILE A 1 89  ? -5.025  3.482   -6.399  1.00 21.72 ? 88  ILE A O   1 
ATOM   609 C  CB  . ILE A 1 89  ? -6.892  1.630   -7.895  1.00 23.54 ? 88  ILE A CB  1 
ATOM   610 C  CG1 . ILE A 1 89  ? -8.293  0.991   -8.025  1.00 30.89 ? 88  ILE A CG1 1 
ATOM   611 C  CG2 . ILE A 1 89  ? -5.917  1.015   -8.902  1.00 20.72 ? 88  ILE A CG2 1 
ATOM   612 C  CD1 . ILE A 1 89  ? -8.338  -0.515  -7.840  1.00 24.83 ? 88  ILE A CD1 1 
ATOM   613 N  N   . PHE A 1 90  ? -4.008  1.529   -5.975  1.00 20.31 ? 89  PHE A N   1 
ATOM   614 C  CA  . PHE A 1 90  ? -2.699  2.113   -5.740  1.00 20.29 ? 89  PHE A CA  1 
ATOM   615 C  C   . PHE A 1 90  ? -1.802  1.687   -6.883  1.00 19.80 ? 89  PHE A C   1 
ATOM   616 O  O   . PHE A 1 90  ? -1.508  0.483   -7.030  1.00 21.30 ? 89  PHE A O   1 
ATOM   617 C  CB  . PHE A 1 90  ? -2.090  1.595   -4.450  1.00 19.89 ? 89  PHE A CB  1 
ATOM   618 C  CG  . PHE A 1 90  ? -2.777  2.068   -3.192  1.00 18.97 ? 89  PHE A CG  1 
ATOM   619 C  CD1 . PHE A 1 90  ? -4.032  1.586   -2.850  1.00 18.07 ? 89  PHE A CD1 1 
ATOM   620 C  CD2 . PHE A 1 90  ? -2.126  2.923   -2.311  1.00 21.92 ? 89  PHE A CD2 1 
ATOM   621 C  CE1 . PHE A 1 90  ? -4.647  1.970   -1.683  1.00 24.82 ? 89  PHE A CE1 1 
ATOM   622 C  CE2 . PHE A 1 90  ? -2.762  3.327   -1.143  1.00 15.62 ? 89  PHE A CE2 1 
ATOM   623 C  CZ  . PHE A 1 90  ? -4.018  2.846   -0.843  1.00 15.45 ? 89  PHE A CZ  1 
ATOM   624 N  N   . THR A 1 91  ? -1.336  2.649   -7.674  1.00 17.96 ? 90  THR A N   1 
ATOM   625 C  CA  . THR A 1 91  ? -0.388  2.308   -8.723  1.00 15.11 ? 90  THR A CA  1 
ATOM   626 C  C   . THR A 1 91  ? 0.964   2.016   -8.065  1.00 17.87 ? 90  THR A C   1 
ATOM   627 O  O   . THR A 1 91  ? 1.247   2.483   -6.953  1.00 16.26 ? 90  THR A O   1 
ATOM   628 C  CB  . THR A 1 91  ? -0.224  3.399   -9.764  1.00 15.30 ? 90  THR A CB  1 
ATOM   629 O  OG1 . THR A 1 91  ? 0.390   4.559   -9.182  1.00 20.46 ? 90  THR A OG1 1 
ATOM   630 C  CG2 . THR A 1 91  ? -1.576  3.778   -10.357 1.00 20.20 ? 90  THR A CG2 1 
ATOM   631 N  N   . TRP A 1 92  ? 1.785   1.229   -8.751  1.00 18.14 ? 91  TRP A N   1 
ATOM   632 C  CA  . TRP A 1 92  ? 3.153   0.956   -8.323  1.00 20.05 ? 91  TRP A CA  1 
ATOM   633 C  C   . TRP A 1 92  ? 3.952   2.248   -8.098  1.00 19.22 ? 91  TRP A C   1 
ATOM   634 O  O   . TRP A 1 92  ? 4.633   2.388   -7.086  1.00 20.36 ? 91  TRP A O   1 
ATOM   635 C  CB  . TRP A 1 92  ? 3.863   0.059   -9.336  1.00 21.55 ? 91  TRP A CB  1 
ATOM   636 C  CG  . TRP A 1 92  ? 3.149   -1.233  -9.603  1.00 21.93 ? 91  TRP A CG  1 
ATOM   637 C  CD1 . TRP A 1 92  ? 2.844   -1.755  -10.827 1.00 27.02 ? 91  TRP A CD1 1 
ATOM   638 C  CD2 . TRP A 1 92  ? 2.654   -2.164  -8.637  1.00 24.02 ? 91  TRP A CD2 1 
ATOM   639 N  NE1 . TRP A 1 92  ? 2.193   -2.953  -10.682 1.00 28.80 ? 91  TRP A NE1 1 
ATOM   640 C  CE2 . TRP A 1 92  ? 2.057   -3.231  -9.352  1.00 25.08 ? 91  TRP A CE2 1 
ATOM   641 C  CE3 . TRP A 1 92  ? 2.677   -2.224  -7.238  1.00 24.17 ? 91  TRP A CE3 1 
ATOM   642 C  CZ2 . TRP A 1 92  ? 1.475   -4.331  -8.716  1.00 20.07 ? 91  TRP A CZ2 1 
ATOM   643 C  CZ3 . TRP A 1 92  ? 2.101   -3.327  -6.605  1.00 30.88 ? 91  TRP A CZ3 1 
ATOM   644 C  CH2 . TRP A 1 92  ? 1.504   -4.357  -7.350  1.00 26.54 ? 91  TRP A CH2 1 
ATOM   645 N  N   . GLU A 1 93  ? 3.810   3.198   -9.013  1.00 17.85 ? 92  GLU A N   1 
ATOM   646 C  CA  . GLU A 1 93  ? 4.458   4.491   -8.916  1.00 17.57 ? 92  GLU A CA  1 
ATOM   647 C  C   . GLU A 1 93  ? 4.045   5.212   -7.625  1.00 18.89 ? 92  GLU A C   1 
ATOM   648 O  O   . GLU A 1 93  ? 4.882   5.725   -6.891  1.00 17.29 ? 92  GLU A O   1 
ATOM   649 C  CB  . GLU A 1 93  ? 4.161   5.345   -10.171 1.00 19.34 ? 92  GLU A CB  1 
ATOM   650 C  CG  . GLU A 1 93  ? 5.294   6.222   -10.627 1.00 26.98 ? 92  GLU A CG  1 
ATOM   651 N  N   . TYR A 1 94  ? 2.747   5.239   -7.346  1.00 18.26 ? 93  TYR A N   1 
ATOM   652 C  CA  . TYR A 1 94  ? 2.227   5.846   -6.122  1.00 18.10 ? 93  TYR A CA  1 
ATOM   653 C  C   . TYR A 1 94  ? 2.758   5.170   -4.848  1.00 16.67 ? 93  TYR A C   1 
ATOM   654 O  O   . TYR A 1 94  ? 3.152   5.849   -3.921  1.00 15.25 ? 93  TYR A O   1 
ATOM   655 C  CB  . TYR A 1 94  ? 0.715   5.769   -6.120  1.00 18.44 ? 93  TYR A CB  1 
ATOM   656 C  CG  . TYR A 1 94  ? 0.043   6.545   -5.036  1.00 20.62 ? 93  TYR A CG  1 
ATOM   657 C  CD1 . TYR A 1 94  ? 0.127   7.921   -4.995  1.00 35.37 ? 93  TYR A CD1 1 
ATOM   658 C  CD2 . TYR A 1 94  ? -0.695  5.925   -4.084  1.00 22.74 ? 93  TYR A CD2 1 
ATOM   659 C  CE1 . TYR A 1 94  ? -0.489  8.637   -4.011  1.00 34.67 ? 93  TYR A CE1 1 
ATOM   660 C  CE2 . TYR A 1 94  ? -1.327  6.643   -3.097  1.00 22.07 ? 93  TYR A CE2 1 
ATOM   661 C  CZ  . TYR A 1 94  ? -1.223  7.985   -3.068  1.00 24.58 ? 93  TYR A CZ  1 
ATOM   662 O  OH  . TYR A 1 94  ? -1.880  8.690   -2.091  1.00 31.30 ? 93  TYR A OH  1 
ATOM   663 N  N   . LEU A 1 95  ? 2.753   3.843   -4.805  1.00 14.99 ? 94  LEU A N   1 
ATOM   664 C  CA  . LEU A 1 95  ? 3.262   3.116   -3.649  1.00 17.59 ? 94  LEU A CA  1 
ATOM   665 C  C   . LEU A 1 95  ? 4.722   3.442   -3.404  1.00 19.33 ? 94  LEU A C   1 
ATOM   666 O  O   . LEU A 1 95  ? 5.137   3.722   -2.264  1.00 19.03 ? 94  LEU A O   1 
ATOM   667 C  CB  . LEU A 1 95  ? 3.119   1.616   -3.834  1.00 18.32 ? 94  LEU A CB  1 
ATOM   668 C  CG  . LEU A 1 95  ? 1.725   1.061   -3.792  1.00 19.57 ? 94  LEU A CG  1 
ATOM   669 C  CD1 . LEU A 1 95  ? 1.795   -0.408  -4.215  1.00 16.54 ? 94  LEU A CD1 1 
ATOM   670 C  CD2 . LEU A 1 95  ? 1.152   1.226   -2.395  1.00 14.97 ? 94  LEU A CD2 1 
ATOM   671 N  N   . ARG A 1 96  ? 5.512   3.442   -4.471  1.00 19.73 ? 95  ARG A N   1 
ATOM   672 C  CA  . ARG A 1 96  ? 6.916   3.801   -4.336  1.00 22.01 ? 95  ARG A CA  1 
ATOM   673 C  C   . ARG A 1 96  ? 7.106   5.225   -3.786  1.00 23.42 ? 95  ARG A C   1 
ATOM   674 O  O   . ARG A 1 96  ? 7.966   5.454   -2.919  1.00 23.01 ? 95  ARG A O   1 
ATOM   675 C  CB  . ARG A 1 96  ? 7.635   3.610   -5.667  1.00 21.38 ? 95  ARG A CB  1 
ATOM   676 C  CG  . ARG A 1 96  ? 9.087   3.706   -5.595  1.00 25.89 ? 95  ARG A CG  1 
ATOM   677 C  CD  . ARG A 1 96  ? 9.696   2.664   -4.692  1.00 25.89 ? 95  ARG A CD  1 
ATOM   678 N  NE  . ARG A 1 96  ? 11.090  3.020   -4.476  1.00 27.31 ? 95  ARG A NE  1 
ATOM   679 C  CZ  . ARG A 1 96  ? 12.143  2.402   -5.001  1.00 31.74 ? 95  ARG A CZ  1 
ATOM   680 N  NH1 . ARG A 1 96  ? 12.023  1.334   -5.800  1.00 19.78 ? 95  ARG A NH1 1 
ATOM   681 N  NH2 . ARG A 1 96  ? 13.345  2.874   -4.710  1.00 36.92 ? 95  ARG A NH2 1 
ATOM   682 N  N   . ARG A 1 97  ? 6.301   6.157   -4.293  1.00 22.52 ? 96  ARG A N   1 
ATOM   683 C  CA  . ARG A 1 97  ? 6.283   7.556   -3.857  1.00 24.63 ? 96  ARG A CA  1 
ATOM   684 C  C   . ARG A 1 97  ? 5.928   7.708   -2.379  1.00 24.69 ? 96  ARG A C   1 
ATOM   685 O  O   . ARG A 1 97  ? 6.460   8.597   -1.710  1.00 21.75 ? 96  ARG A O   1 
ATOM   686 C  CB  . ARG A 1 97  ? 5.300   8.389   -4.718  1.00 27.76 ? 96  ARG A CB  1 
ATOM   687 C  CG  . ARG A 1 97  ? 5.943   9.278   -5.823  1.00 40.46 ? 96  ARG A CG  1 
ATOM   688 C  CD  . ARG A 1 97  ? 4.904   9.922   -6.809  1.00 51.10 ? 96  ARG A CD  1 
ATOM   689 N  NE  . ARG A 1 97  ? 3.600   10.246  -6.187  1.00 61.34 ? 96  ARG A NE  1 
ATOM   690 C  CZ  . ARG A 1 97  ? 3.052   11.463  -6.040  1.00 70.87 ? 96  ARG A CZ  1 
ATOM   691 N  NH1 . ARG A 1 97  ? 3.652   12.573  -6.488  1.00 75.98 ? 96  ARG A NH1 1 
ATOM   692 N  NH2 . ARG A 1 97  ? 1.857   11.570  -5.446  1.00 70.67 ? 96  ARG A NH2 1 
ATOM   693 N  N   . LEU A 1 98  ? 5.037   6.849   -1.869  1.00 21.86 ? 97  LEU A N   1 
ATOM   694 C  CA  . LEU A 1 98  ? 4.686   6.872   -0.438  1.00 24.30 ? 97  LEU A CA  1 
ATOM   695 C  C   . LEU A 1 98  ? 5.851   6.521   0.467   1.00 25.86 ? 97  LEU A C   1 
ATOM   696 O  O   . LEU A 1 98  ? 5.835   6.880   1.635   1.00 24.17 ? 97  LEU A O   1 
ATOM   697 C  CB  . LEU A 1 98  ? 3.498   5.962   -0.101  1.00 22.40 ? 97  LEU A CB  1 
ATOM   698 C  CG  . LEU A 1 98  ? 2.117   6.375   -0.589  1.00 20.69 ? 97  LEU A CG  1 
ATOM   699 C  CD1 . LEU A 1 98  ? 1.152   5.287   -0.119  1.00 15.24 ? 97  LEU A CD1 1 
ATOM   700 C  CD2 . LEU A 1 98  ? 1.623   7.758   -0.140  1.00 19.63 ? 97  LEU A CD2 1 
ATOM   701 N  N   . ASP A 1 99  ? 6.857   5.818   -0.049  1.00 29.46 ? 98  ASP A N   1 
ATOM   702 C  CA  . ASP A 1 99  ? 8.067   5.538   0.740   1.00 34.67 ? 98  ASP A CA  1 
ATOM   703 C  C   . ASP A 1 99  ? 8.784   6.820   1.248   1.00 38.92 ? 98  ASP A C   1 
ATOM   704 O  O   . ASP A 1 99  ? 9.427   6.808   2.299   1.00 41.82 ? 98  ASP A O   1 
ATOM   705 C  CB  . ASP A 1 99  ? 9.055   4.697   -0.077  1.00 38.49 ? 98  ASP A CB  1 
ATOM   706 C  CG  . ASP A 1 99  ? 9.465   3.414   0.615   1.00 38.11 ? 98  ASP A CG  1 
ATOM   707 O  OD1 . ASP A 1 99  ? 9.040   3.113   1.758   1.00 44.15 ? 98  ASP A OD1 1 
ATOM   708 O  OD2 . ASP A 1 99  ? 10.229  2.694   -0.032  1.00 40.61 ? 98  ASP A OD2 1 
ATOM   709 N  N   . ALA A 1 100 ? 8.658   7.924   0.519   1.00 41.76 ? 99  ALA A N   1 
ATOM   710 C  CA  . ALA A 1 100 ? 9.196   9.214   0.962   1.00 43.48 ? 99  ALA A CA  1 
ATOM   711 C  C   . ALA A 1 100 ? 8.138   10.316  1.353   1.00 45.27 ? 99  ALA A C   1 
ATOM   712 O  O   . ALA A 1 100 ? 8.530   11.340  1.917   1.00 50.23 ? 99  ALA A O   1 
ATOM   713 C  CB  . ALA A 1 100 ? 10.130  9.735   -0.104  1.00 42.17 ? 99  ALA A CB  1 
ATOM   714 N  N   . GLU A 1 101 ? 6.834   10.120  1.091   1.00 45.38 ? 100 GLU A N   1 
ATOM   715 C  CA  . GLU A 1 101 ? 5.793   11.179  1.297   1.00 44.04 ? 100 GLU A CA  1 
ATOM   716 C  C   . GLU A 1 101 ? 4.494   10.699  1.946   1.00 41.97 ? 100 GLU A C   1 
ATOM   717 O  O   . GLU A 1 101 ? 4.312   9.541   2.294   1.00 39.64 ? 100 GLU A O   1 
ATOM   718 C  CB  . GLU A 1 101 ? 5.420   11.858  -0.042  1.00 46.02 ? 100 GLU A CB  1 
ATOM   719 C  CG  . GLU A 1 101 ? 4.410   11.068  -0.936  1.00 52.77 ? 100 GLU A CG  1 
ATOM   720 C  CD  . GLU A 1 101 ? 3.852   11.873  -2.113  1.00 59.19 ? 100 GLU A CD  1 
ATOM   721 O  OE1 . GLU A 1 101 ? 4.684   12.464  -2.848  1.00 59.38 ? 100 GLU A OE1 1 
ATOM   722 O  OE2 . GLU A 1 101 ? 2.597   11.881  -2.304  1.00 53.24 ? 100 GLU A OE2 1 
ATOM   723 O  OXT . GLU A 1 101 ? 3.544   11.472  2.119   1.00 40.15 ? 100 GLU A OXT 1 
HETATM 724 ZN ZN  . ZN  B 2 .   ? 2.581   9.734   3.362   1.00 24.27 ? 101 ZN  A ZN  1 
HETATM 725 CL CL  . CL  C 3 .   ? 4.747   3.958   6.388   1.00 35.32 ? 102 CL  A CL  1 
HETATM 726 O  O   . HOH D 4 .   ? -3.399  9.654   10.212  1.00 12.89 ? 103 HOH A O   1 
HETATM 727 O  O   . HOH D 4 .   ? -4.422  7.395   11.443  1.00 14.45 ? 104 HOH A O   1 
HETATM 728 O  O   . HOH D 4 .   ? 1.957   4.602   10.224  1.00 15.79 ? 105 HOH A O   1 
HETATM 729 O  O   . HOH D 4 .   ? -0.452  0.162   10.350  1.00 16.55 ? 106 HOH A O   1 
HETATM 730 O  O   . HOH D 4 .   ? -2.858  -0.365  11.405  1.00 17.76 ? 107 HOH A O   1 
HETATM 731 O  O   . HOH D 4 .   ? -2.431  5.292   -7.192  1.00 18.13 ? 108 HOH A O   1 
HETATM 732 O  O   . HOH D 4 .   ? -0.722  -5.343  -10.874 1.00 18.48 ? 109 HOH A O   1 
HETATM 733 O  O   . HOH D 4 .   ? -10.616 -1.828  11.471  1.00 24.36 ? 110 HOH A O   1 
HETATM 734 O  O   . HOH D 4 .   ? -2.581  -3.112  -17.059 1.00 23.80 ? 111 HOH A O   1 
HETATM 735 O  O   . HOH D 4 .   ? 14.043  -6.132  -4.163  1.00 25.21 ? 112 HOH A O   1 
HETATM 736 O  O   . HOH D 4 .   ? 17.180  3.293   -6.116  1.00 26.54 ? 113 HOH A O   1 
HETATM 737 O  O   . HOH D 4 .   ? -9.910  18.059  8.933   1.00 30.79 ? 114 HOH A O   1 
HETATM 738 O  O   . HOH D 4 .   ? 15.641  -2.198  1.406   1.00 30.43 ? 115 HOH A O   1 
HETATM 739 O  O   . HOH D 4 .   ? -11.596 6.382   12.980  1.00 31.51 ? 116 HOH A O   1 
HETATM 740 O  O   . HOH D 4 .   ? 7.305   -6.611  10.177  1.00 33.76 ? 117 HOH A O   1 
HETATM 741 O  O   . HOH D 4 .   ? -7.309  -11.154 5.535   1.00 33.95 ? 118 HOH A O   1 
HETATM 742 O  O   . HOH D 4 .   ? 2.251   8.641   -8.464  1.00 34.65 ? 119 HOH A O   1 
HETATM 743 O  O   . HOH D 4 .   ? -9.754  12.551  9.978   1.00 33.49 ? 120 HOH A O   1 
HETATM 744 O  O   . HOH D 4 .   ? 0.418   6.883   -10.411 1.00 34.80 ? 121 HOH A O   1 
HETATM 745 O  O   . HOH D 4 .   ? -8.263  15.339  14.321  1.00 33.16 ? 122 HOH A O   1 
HETATM 746 O  O   . HOH D 4 .   ? -14.227 2.867   -0.122  1.00 35.03 ? 123 HOH A O   1 
HETATM 747 O  O   . HOH D 4 .   ? 10.556  5.502   -2.862  1.00 37.04 ? 124 HOH A O   1 
HETATM 748 O  O   . HOH D 4 .   ? -3.447  -6.273  10.813  1.00 36.74 ? 125 HOH A O   1 
HETATM 749 O  O   . HOH D 4 .   ? -3.446  12.249  16.418  1.00 35.47 ? 126 HOH A O   1 
HETATM 750 O  O   . HOH D 4 .   ? -5.727  14.375  15.360  1.00 35.35 ? 127 HOH A O   1 
HETATM 751 O  O   . HOH D 4 .   ? 2.605   2.154   -11.811 1.00 36.73 ? 128 HOH A O   1 
HETATM 752 O  O   . HOH D 4 .   ? -5.219  8.234   14.469  1.00 39.83 ? 129 HOH A O   1 
HETATM 753 O  O   . HOH D 4 .   ? 1.079   -7.652  -10.372 1.00 37.36 ? 130 HOH A O   1 
HETATM 754 O  O   . HOH D 4 .   ? -13.678 -4.927  10.637  1.00 39.13 ? 131 HOH A O   1 
HETATM 755 O  O   . HOH D 4 .   ? 18.112  -2.720  -10.684 1.00 39.82 ? 132 HOH A O   1 
HETATM 756 O  O   . HOH D 4 .   ? -5.308  11.713  2.318   1.00 39.48 ? 133 HOH A O   1 
HETATM 757 O  O   . HOH D 4 .   ? -14.326 -2.977  -4.982  1.00 40.58 ? 134 HOH A O   1 
HETATM 758 O  O   . HOH D 4 .   ? 1.213   11.462  0.100   1.00 44.17 ? 135 HOH A O   1 
HETATM 759 O  O   . HOH D 4 .   ? 11.783  -5.199  8.703   1.00 41.83 ? 136 HOH A O   1 
HETATM 760 O  O   . HOH D 4 .   ? -9.551  15.290  11.921  1.00 39.76 ? 137 HOH A O   1 
HETATM 761 O  O   . HOH D 4 .   ? -1.942  -6.802  14.603  1.00 42.30 ? 138 HOH A O   1 
HETATM 762 O  O   . HOH D 4 .   ? 3.680   -7.078  -11.970 1.00 41.12 ? 139 HOH A O   1 
HETATM 763 O  O   . HOH D 4 .   ? -1.931  -10.256 5.139   1.00 46.00 ? 140 HOH A O   1 
HETATM 764 O  O   . HOH D 4 .   ? -8.797  4.391   -6.145  1.00 48.18 ? 141 HOH A O   1 
HETATM 765 O  O   . HOH D 4 .   ? -5.656  -11.934 2.355   1.00 45.59 ? 142 HOH A O   1 
HETATM 766 O  O   . HOH D 4 .   ? -1.993  7.761   -8.314  1.00 50.04 ? 143 HOH A O   1 
HETATM 767 O  O   . HOH D 4 .   ? 7.563   1.031   8.520   1.00 52.01 ? 144 HOH A O   1 
HETATM 768 O  O   . HOH D 4 .   ? 11.826  0.728   3.849   1.00 51.45 ? 145 HOH A O   1 
HETATM 769 O  O   . HOH D 4 .   ? 7.355   4.003   4.586   1.00 52.53 ? 146 HOH A O   1 
HETATM 770 O  O   . HOH D 4 .   ? -10.574 9.821   -2.982  1.00 56.51 ? 147 HOH A O   1 
# 
